data_3OVE
# 
_entry.id   3OVE 
# 
_audit_conform.dict_name       mmcif_pdbx.dic 
_audit_conform.dict_version    5.382 
_audit_conform.dict_location   http://mmcif.pdb.org/dictionaries/ascii/mmcif_pdbx.dic 
# 
loop_
_database_2.database_id 
_database_2.database_code 
_database_2.pdbx_database_accession 
_database_2.pdbx_DOI 
PDB   3OVE         pdb_00003ove 10.2210/pdb3ove/pdb 
RCSB  RCSB061621   ?            ?                   
WWPDB D_1000061621 ?            ?                   
# 
loop_
_pdbx_database_related.db_name 
_pdbx_database_related.db_id 
_pdbx_database_related.details 
_pdbx_database_related.content_type 
PDB 3S8O . unspecified 
PDB 3S8N . unspecified 
PDB 3S8L . unspecified 
PDB 3OV1 . unspecified 
PDB 3KFJ . unspecified 
PDB 3IMD . unspecified 
PDB 3IMJ . unspecified 
PDB 3IN7 . unspecified 
PDB 3IN8 . unspecified 
PDB 2H5K . unspecified 
# 
_pdbx_database_status.status_code                     REL 
_pdbx_database_status.entry_id                        3OVE 
_pdbx_database_status.recvd_initial_deposition_date   2010-09-16 
_pdbx_database_status.deposit_site                    RCSB 
_pdbx_database_status.process_site                    RCSB 
_pdbx_database_status.status_code_sf                  REL 
_pdbx_database_status.status_code_mr                  ? 
_pdbx_database_status.SG_entry                        ? 
_pdbx_database_status.status_code_cs                  ? 
_pdbx_database_status.pdb_format_compatible           Y 
_pdbx_database_status.status_code_nmr_data            ? 
_pdbx_database_status.methods_development_category    ? 
# 
loop_
_audit_author.name 
_audit_author.pdbx_ordinal 
'Clements, J.H.' 1 
'Martin, S.F.'   2 
# 
_citation.id                        primary 
_citation.title                     
'Protein-ligand interactions: thermodynamic effects associated with increasing nonpolar surface area.' 
_citation.journal_abbrev            J.Am.Chem.Soc. 
_citation.journal_volume            133 
_citation.page_first                18518 
_citation.page_last                 18521 
_citation.year                      2011 
_citation.journal_id_ASTM           JACSAT 
_citation.country                   US 
_citation.journal_id_ISSN           0002-7863 
_citation.journal_id_CSD            0004 
_citation.book_publisher            ? 
_citation.pdbx_database_id_PubMed   22007755 
_citation.pdbx_database_id_DOI      10.1021/ja2068752 
# 
loop_
_citation_author.citation_id 
_citation_author.name 
_citation_author.ordinal 
_citation_author.identifier_ORCID 
primary 'Myslinski, J.M.' 1 ? 
primary 'Delorbe, J.E.'   2 ? 
primary 'Clements, J.H.'  3 ? 
primary 'Martin, S.F.'    4 ? 
# 
_cell.entry_id           3OVE 
_cell.length_a           41.935 
_cell.length_b           41.935 
_cell.length_c           108.971 
_cell.angle_alpha        90.00 
_cell.angle_beta         90.00 
_cell.angle_gamma        90.00 
_cell.Z_PDB              8 
_cell.pdbx_unique_axis   ? 
_cell.length_a_esd       ? 
_cell.length_b_esd       ? 
_cell.length_c_esd       ? 
_cell.angle_alpha_esd    ? 
_cell.angle_beta_esd     ? 
_cell.angle_gamma_esd    ? 
# 
_symmetry.entry_id                         3OVE 
_symmetry.space_group_name_H-M             'P 43 21 2' 
_symmetry.pdbx_full_space_group_name_H-M   ? 
_symmetry.cell_setting                     ? 
_symmetry.Int_Tables_number                96 
_symmetry.space_group_name_Hall            ? 
# 
loop_
_entity.id 
_entity.type 
_entity.src_method 
_entity.pdbx_description 
_entity.formula_weight 
_entity.pdbx_number_of_molecules 
_entity.pdbx_ec 
_entity.pdbx_mutation 
_entity.pdbx_fragment 
_entity.details 
1 polymer     man 'Growth factor receptor-bound protein 2' 13614.279 1  ? ? 'unp residues 53-163' ? 
2 polymer     syn PYAC7CN                                  553.502   1  ? ? ?                     ? 
3 non-polymer syn 'CHLORIDE ION'                           35.453    1  ? ? ?                     ? 
4 water       nat water                                    18.015    90 ? ? ?                     ? 
# 
_entity_name_com.entity_id   1 
_entity_name_com.name        'Adapter protein GRB2, Protein Ash, SH2/SH3 adapter GRB2' 
# 
loop_
_entity_poly.entity_id 
_entity_poly.type 
_entity_poly.nstd_linkage 
_entity_poly.nstd_monomer 
_entity_poly.pdbx_seq_one_letter_code 
_entity_poly.pdbx_seq_one_letter_code_can 
_entity_poly.pdbx_strand_id 
_entity_poly.pdbx_target_identifier 
1 'polypeptide(L)' no no  
;IEMKPHPWFFGKIPRAKAEEMLSKQRHDGAFLIRESESAPGDFSLSVKFGNDVQHFKVLRDGAGKYFLWVVKFNSLNELV
DYHRSTSVSRNQQIFLRDIEQVPQQPTYVQANNNNNN
;
;IEMKPHPWFFGKIPRAKAEEMLSKQRHDGAFLIRESESAPGDFSLSVKFGNDVQHFKVLRDGAGKYFLWVVKFNSLNELV
DYHRSTSVSRNQQIFLRDIEQVPQQPTYVQANNNNNN
;
A ? 
2 'polypeptide(L)' no yes '(ACT)(PTR)(03E)N(NH2)' XYXNX B ? 
# 
loop_
_entity_poly_seq.entity_id 
_entity_poly_seq.num 
_entity_poly_seq.mon_id 
_entity_poly_seq.hetero 
1 1   ILE n 
1 2   GLU n 
1 3   MET n 
1 4   LYS n 
1 5   PRO n 
1 6   HIS n 
1 7   PRO n 
1 8   TRP n 
1 9   PHE n 
1 10  PHE n 
1 11  GLY n 
1 12  LYS n 
1 13  ILE n 
1 14  PRO n 
1 15  ARG n 
1 16  ALA n 
1 17  LYS n 
1 18  ALA n 
1 19  GLU n 
1 20  GLU n 
1 21  MET n 
1 22  LEU n 
1 23  SER n 
1 24  LYS n 
1 25  GLN n 
1 26  ARG n 
1 27  HIS n 
1 28  ASP n 
1 29  GLY n 
1 30  ALA n 
1 31  PHE n 
1 32  LEU n 
1 33  ILE n 
1 34  ARG n 
1 35  GLU n 
1 36  SER n 
1 37  GLU n 
1 38  SER n 
1 39  ALA n 
1 40  PRO n 
1 41  GLY n 
1 42  ASP n 
1 43  PHE n 
1 44  SER n 
1 45  LEU n 
1 46  SER n 
1 47  VAL n 
1 48  LYS n 
1 49  PHE n 
1 50  GLY n 
1 51  ASN n 
1 52  ASP n 
1 53  VAL n 
1 54  GLN n 
1 55  HIS n 
1 56  PHE n 
1 57  LYS n 
1 58  VAL n 
1 59  LEU n 
1 60  ARG n 
1 61  ASP n 
1 62  GLY n 
1 63  ALA n 
1 64  GLY n 
1 65  LYS n 
1 66  TYR n 
1 67  PHE n 
1 68  LEU n 
1 69  TRP n 
1 70  VAL n 
1 71  VAL n 
1 72  LYS n 
1 73  PHE n 
1 74  ASN n 
1 75  SER n 
1 76  LEU n 
1 77  ASN n 
1 78  GLU n 
1 79  LEU n 
1 80  VAL n 
1 81  ASP n 
1 82  TYR n 
1 83  HIS n 
1 84  ARG n 
1 85  SER n 
1 86  THR n 
1 87  SER n 
1 88  VAL n 
1 89  SER n 
1 90  ARG n 
1 91  ASN n 
1 92  GLN n 
1 93  GLN n 
1 94  ILE n 
1 95  PHE n 
1 96  LEU n 
1 97  ARG n 
1 98  ASP n 
1 99  ILE n 
1 100 GLU n 
1 101 GLN n 
1 102 VAL n 
1 103 PRO n 
1 104 GLN n 
1 105 GLN n 
1 106 PRO n 
1 107 THR n 
1 108 TYR n 
1 109 VAL n 
1 110 GLN n 
1 111 ALA n 
1 112 ASN n 
1 113 ASN n 
1 114 ASN n 
1 115 ASN n 
1 116 ASN n 
1 117 ASN n 
2 1   ACT n 
2 2   PTR n 
2 3   03E n 
2 4   ASN n 
2 5   NH2 n 
# 
_entity_src_gen.entity_id                          1 
_entity_src_gen.pdbx_src_id                        1 
_entity_src_gen.pdbx_alt_source_flag               sample 
_entity_src_gen.pdbx_seq_type                      ? 
_entity_src_gen.pdbx_beg_seq_num                   ? 
_entity_src_gen.pdbx_end_seq_num                   ? 
_entity_src_gen.gene_src_common_name               human 
_entity_src_gen.gene_src_genus                     ? 
_entity_src_gen.pdbx_gene_src_gene                 'ASH, GRB2' 
_entity_src_gen.gene_src_species                   ? 
_entity_src_gen.gene_src_strain                    SG13009 
_entity_src_gen.gene_src_tissue                    ? 
_entity_src_gen.gene_src_tissue_fraction           ? 
_entity_src_gen.gene_src_details                   ? 
_entity_src_gen.pdbx_gene_src_fragment             ? 
_entity_src_gen.pdbx_gene_src_scientific_name      'Homo sapiens' 
_entity_src_gen.pdbx_gene_src_ncbi_taxonomy_id     9606 
_entity_src_gen.pdbx_gene_src_variant              ? 
_entity_src_gen.pdbx_gene_src_cell_line            ? 
_entity_src_gen.pdbx_gene_src_atcc                 ? 
_entity_src_gen.pdbx_gene_src_organ                ? 
_entity_src_gen.pdbx_gene_src_organelle            ? 
_entity_src_gen.pdbx_gene_src_cell                 ? 
_entity_src_gen.pdbx_gene_src_cellular_location    ? 
_entity_src_gen.host_org_common_name               ? 
_entity_src_gen.pdbx_host_org_scientific_name      'Escherichia coli' 
_entity_src_gen.pdbx_host_org_ncbi_taxonomy_id     562 
_entity_src_gen.host_org_genus                     ? 
_entity_src_gen.pdbx_host_org_gene                 ? 
_entity_src_gen.pdbx_host_org_organ                ? 
_entity_src_gen.host_org_species                   ? 
_entity_src_gen.pdbx_host_org_tissue               ? 
_entity_src_gen.pdbx_host_org_tissue_fraction      ? 
_entity_src_gen.pdbx_host_org_strain               SG13009 
_entity_src_gen.pdbx_host_org_variant              ? 
_entity_src_gen.pdbx_host_org_cell_line            ? 
_entity_src_gen.pdbx_host_org_atcc                 ? 
_entity_src_gen.pdbx_host_org_culture_collection   ? 
_entity_src_gen.pdbx_host_org_cell                 ? 
_entity_src_gen.pdbx_host_org_organelle            ? 
_entity_src_gen.pdbx_host_org_cellular_location    ? 
_entity_src_gen.pdbx_host_org_vector_type          Plasmid 
_entity_src_gen.pdbx_host_org_vector               ? 
_entity_src_gen.host_org_details                   ? 
_entity_src_gen.expression_system_id               ? 
_entity_src_gen.plasmid_name                       pQE-60 
_entity_src_gen.plasmid_details                    ? 
_entity_src_gen.pdbx_description                   ? 
# 
loop_
_struct_ref.id 
_struct_ref.db_name 
_struct_ref.db_code 
_struct_ref.entity_id 
_struct_ref.pdbx_seq_one_letter_code 
_struct_ref.pdbx_align_begin 
_struct_ref.pdbx_db_accession 
_struct_ref.pdbx_db_isoform 
1 UNP GRB2_HUMAN 1 
;IEMKPHPWFFGKIPRAKAEEMLSKQRHDGAFLIRESESAPGDFSLSVKFGNDVQHFKVLRDGAGKYFLWVVKFNSLNELV
DYHRSTSVSRNQQIFLRDIEQVPQQPTYVQA
;
53 P62993 ? 
2 PDB 3OVE       2 ? ?  3OVE   ? 
# 
loop_
_struct_ref_seq.align_id 
_struct_ref_seq.ref_id 
_struct_ref_seq.pdbx_PDB_id_code 
_struct_ref_seq.pdbx_strand_id 
_struct_ref_seq.seq_align_beg 
_struct_ref_seq.pdbx_seq_align_beg_ins_code 
_struct_ref_seq.seq_align_end 
_struct_ref_seq.pdbx_seq_align_end_ins_code 
_struct_ref_seq.pdbx_db_accession 
_struct_ref_seq.db_align_beg 
_struct_ref_seq.pdbx_db_align_beg_ins_code 
_struct_ref_seq.db_align_end 
_struct_ref_seq.pdbx_db_align_end_ins_code 
_struct_ref_seq.pdbx_auth_seq_align_beg 
_struct_ref_seq.pdbx_auth_seq_align_end 
1 1 3OVE A 1 ? 111 ? P62993 53 ? 163 ? 53 163 
2 2 3OVE B 1 ? 5   ? 3OVE   1  ? 5   ? 1  5   
# 
loop_
_struct_ref_seq_dif.align_id 
_struct_ref_seq_dif.pdbx_pdb_id_code 
_struct_ref_seq_dif.mon_id 
_struct_ref_seq_dif.pdbx_pdb_strand_id 
_struct_ref_seq_dif.seq_num 
_struct_ref_seq_dif.pdbx_pdb_ins_code 
_struct_ref_seq_dif.pdbx_seq_db_name 
_struct_ref_seq_dif.pdbx_seq_db_accession_code 
_struct_ref_seq_dif.db_mon_id 
_struct_ref_seq_dif.pdbx_seq_db_seq_num 
_struct_ref_seq_dif.details 
_struct_ref_seq_dif.pdbx_auth_seq_num 
_struct_ref_seq_dif.pdbx_ordinal 
1 3OVE ASN A 112 ? UNP P62993 ? ? 'expression tag' 164 1 
1 3OVE ASN A 113 ? UNP P62993 ? ? 'expression tag' 165 2 
1 3OVE ASN A 114 ? UNP P62993 ? ? 'expression tag' 166 3 
1 3OVE ASN A 115 ? UNP P62993 ? ? 'expression tag' 167 4 
1 3OVE ASN A 116 ? UNP P62993 ? ? 'expression tag' 168 5 
1 3OVE ASN A 117 ? UNP P62993 ? ? 'expression tag' 169 6 
# 
loop_
_chem_comp.id 
_chem_comp.type 
_chem_comp.mon_nstd_flag 
_chem_comp.name 
_chem_comp.pdbx_synonyms 
_chem_comp.formula 
_chem_comp.formula_weight 
03E 'peptide linking'   . '1-aminocycloheptanecarboxylic acid' ?                 'C8 H15 N O2'    157.210 
ACT non-polymer         . 'ACETATE ION'                        ?                 'C2 H3 O2 -1'    59.044  
ALA 'L-peptide linking' y ALANINE                              ?                 'C3 H7 N O2'     89.093  
ARG 'L-peptide linking' y ARGININE                             ?                 'C6 H15 N4 O2 1' 175.209 
ASN 'L-peptide linking' y ASPARAGINE                           ?                 'C4 H8 N2 O3'    132.118 
ASP 'L-peptide linking' y 'ASPARTIC ACID'                      ?                 'C4 H7 N O4'     133.103 
CL  non-polymer         . 'CHLORIDE ION'                       ?                 'Cl -1'          35.453  
GLN 'L-peptide linking' y GLUTAMINE                            ?                 'C5 H10 N2 O3'   146.144 
GLU 'L-peptide linking' y 'GLUTAMIC ACID'                      ?                 'C5 H9 N O4'     147.129 
GLY 'peptide linking'   y GLYCINE                              ?                 'C2 H5 N O2'     75.067  
HIS 'L-peptide linking' y HISTIDINE                            ?                 'C6 H10 N3 O2 1' 156.162 
HOH non-polymer         . WATER                                ?                 'H2 O'           18.015  
ILE 'L-peptide linking' y ISOLEUCINE                           ?                 'C6 H13 N O2'    131.173 
LEU 'L-peptide linking' y LEUCINE                              ?                 'C6 H13 N O2'    131.173 
LYS 'L-peptide linking' y LYSINE                               ?                 'C6 H15 N2 O2 1' 147.195 
MET 'L-peptide linking' y METHIONINE                           ?                 'C5 H11 N O2 S'  149.211 
NH2 non-polymer         . 'AMINO GROUP'                        ?                 'H2 N'           16.023  
PHE 'L-peptide linking' y PHENYLALANINE                        ?                 'C9 H11 N O2'    165.189 
PRO 'L-peptide linking' y PROLINE                              ?                 'C5 H9 N O2'     115.130 
PTR 'L-peptide linking' n O-PHOSPHOTYROSINE                    PHOSPHONOTYROSINE 'C9 H12 N O6 P'  261.168 
SER 'L-peptide linking' y SERINE                               ?                 'C3 H7 N O3'     105.093 
THR 'L-peptide linking' y THREONINE                            ?                 'C4 H9 N O3'     119.119 
TRP 'L-peptide linking' y TRYPTOPHAN                           ?                 'C11 H12 N2 O2'  204.225 
TYR 'L-peptide linking' y TYROSINE                             ?                 'C9 H11 N O3'    181.189 
VAL 'L-peptide linking' y VALINE                               ?                 'C5 H11 N O2'    117.146 
# 
_exptl.entry_id          3OVE 
_exptl.method            'X-RAY DIFFRACTION' 
_exptl.crystals_number   1 
# 
_exptl_crystal.id                    1 
_exptl_crystal.density_meas          ? 
_exptl_crystal.density_Matthews      1.82 
_exptl_crystal.density_percent_sol   30.97 
_exptl_crystal.description           ? 
_exptl_crystal.F_000                 ? 
_exptl_crystal.preparation           ? 
# 
_exptl_crystal_grow.crystal_id      1 
_exptl_crystal_grow.method          'VAPOR DIFFUSION, HANGING DROP' 
_exptl_crystal_grow.temp            298 
_exptl_crystal_grow.temp_details    ? 
_exptl_crystal_grow.pH              8.5 
_exptl_crystal_grow.pdbx_details    
;0.2 M magnesium chloride hexahydrate, 0.1 M TRIS,30% w/v polyethylene glycol 4,000, pH 8.5, VAPOR DIFFUSION, HANGING DROP, temperature 298K
;
_exptl_crystal_grow.pdbx_pH_range   ? 
# 
_diffrn.id                     1 
_diffrn.ambient_temp           100 
_diffrn.ambient_temp_details   ? 
_diffrn.crystal_id             1 
# 
_diffrn_detector.diffrn_id              1 
_diffrn_detector.detector               'IMAGE PLATE' 
_diffrn_detector.type                   'RIGAKU RAXIS IV++' 
_diffrn_detector.pdbx_collection_date   2010-07-27 
_diffrn_detector.details                ? 
# 
_diffrn_radiation.diffrn_id                        1 
_diffrn_radiation.wavelength_id                    1 
_diffrn_radiation.pdbx_monochromatic_or_laue_m_l   M 
_diffrn_radiation.monochromator                    'Blue max-flux confocal' 
_diffrn_radiation.pdbx_diffrn_protocol             'SINGLE WAVELENGTH' 
_diffrn_radiation.pdbx_scattering_type             x-ray 
# 
_diffrn_radiation_wavelength.id           1 
_diffrn_radiation_wavelength.wavelength   1.5418 
_diffrn_radiation_wavelength.wt           1.0 
# 
_diffrn_source.diffrn_id                   1 
_diffrn_source.source                      'ROTATING ANODE' 
_diffrn_source.type                        'RIGAKU RU200' 
_diffrn_source.pdbx_synchrotron_site       ? 
_diffrn_source.pdbx_synchrotron_beamline   ? 
_diffrn_source.pdbx_wavelength             ? 
_diffrn_source.pdbx_wavelength_list        1.5418 
# 
_reflns.entry_id                     3OVE 
_reflns.observed_criterion_sigma_I   . 
_reflns.observed_criterion_sigma_F   . 
_reflns.d_resolution_low             50.00 
_reflns.d_resolution_high            1.82 
_reflns.number_obs                   8801 
_reflns.number_all                   ? 
_reflns.percent_possible_obs         93.7 
_reflns.pdbx_Rmerge_I_obs            ? 
_reflns.pdbx_Rsym_value              0.076 
_reflns.pdbx_netI_over_sigmaI        22.5 
_reflns.B_iso_Wilson_estimate        ? 
_reflns.pdbx_redundancy              11.8 
_reflns.R_free_details               ? 
_reflns.limit_h_max                  ? 
_reflns.limit_h_min                  ? 
_reflns.limit_k_max                  ? 
_reflns.limit_k_min                  ? 
_reflns.limit_l_max                  ? 
_reflns.limit_l_min                  ? 
_reflns.observed_criterion_F_max     ? 
_reflns.observed_criterion_F_min     ? 
_reflns.pdbx_chi_squared             ? 
_reflns.pdbx_scaling_rejects         ? 
_reflns.pdbx_ordinal                 1 
_reflns.pdbx_diffrn_id               1 
# 
_reflns_shell.d_res_high             1.82 
_reflns_shell.d_res_low              1.89 
_reflns_shell.percent_possible_all   96.4 
_reflns_shell.pdbx_Rsym_value        0.223 
_reflns_shell.meanI_over_sigI_obs    10.1 
_reflns_shell.pdbx_redundancy        12.6 
_reflns_shell.percent_possible_obs   ? 
_reflns_shell.number_unique_all      900 
_reflns_shell.number_measured_all    ? 
_reflns_shell.number_measured_obs    ? 
_reflns_shell.number_unique_obs      ? 
_reflns_shell.pdbx_chi_squared       ? 
_reflns_shell.Rmerge_I_obs           ? 
_reflns_shell.pdbx_ordinal           1 
_reflns_shell.pdbx_diffrn_id         1 
# 
_refine.entry_id                                 3OVE 
_refine.ls_number_reflns_obs                     8310 
_refine.ls_number_reflns_all                     ? 
_refine.pdbx_ls_sigma_I                          . 
_refine.pdbx_ls_sigma_F                          . 
_refine.pdbx_data_cutoff_high_absF               ? 
_refine.pdbx_data_cutoff_low_absF                ? 
_refine.pdbx_data_cutoff_high_rms_absF           ? 
_refine.ls_d_res_low                             26.05 
_refine.ls_d_res_high                            1.82 
_refine.ls_percent_reflns_obs                    93.74 
_refine.ls_R_factor_obs                          0.18120 
_refine.ls_R_factor_all                          ? 
_refine.ls_R_factor_R_work                       0.17746 
_refine.ls_R_factor_R_free                       0.25970 
_refine.ls_R_factor_R_free_error                 ? 
_refine.ls_R_factor_R_free_error_details         ? 
_refine.ls_percent_reflns_R_free                 4.7 
_refine.ls_number_reflns_R_free                  411 
_refine.ls_number_parameters                     ? 
_refine.ls_number_restraints                     ? 
_refine.occupancy_min                            ? 
_refine.occupancy_max                            ? 
_refine.correlation_coeff_Fo_to_Fc               0.952 
_refine.correlation_coeff_Fo_to_Fc_free          0.909 
_refine.B_iso_mean                               21.029 
_refine.aniso_B[1][1]                            -0.07 
_refine.aniso_B[2][2]                            -0.07 
_refine.aniso_B[3][3]                            0.15 
_refine.aniso_B[1][2]                            0.00 
_refine.aniso_B[1][3]                            0.00 
_refine.aniso_B[2][3]                            0.00 
_refine.solvent_model_details                    'BABINET MODEL WITH MASK' 
_refine.solvent_model_param_ksol                 ? 
_refine.solvent_model_param_bsol                 ? 
_refine.pdbx_solvent_vdw_probe_radii             1.40 
_refine.pdbx_solvent_ion_probe_radii             0.80 
_refine.pdbx_solvent_shrinkage_radii             0.80 
_refine.pdbx_ls_cross_valid_method               THROUGHOUT 
_refine.details                                  ? 
_refine.pdbx_starting_model                      'PDB entry 3C7I' 
_refine.pdbx_method_to_determine_struct          'MOLECULAR REPLACEMENT' 
_refine.pdbx_isotropic_thermal_model             ? 
_refine.pdbx_stereochemistry_target_values       'MAXIMUM LIKELIHOOD' 
_refine.pdbx_stereochem_target_val_spec_case     ? 
_refine.pdbx_R_Free_selection_details            RANDOM 
_refine.pdbx_overall_ESU_R_Free                  0.170 
_refine.overall_SU_ML                            0.095 
_refine.overall_SU_B                             3.055 
_refine.overall_SU_R_Cruickshank_DPI             ? 
_refine.ls_redundancy_reflns_obs                 ? 
_refine.B_iso_min                                ? 
_refine.B_iso_max                                ? 
_refine.overall_SU_R_free                        ? 
_refine.ls_wR_factor_R_free                      ? 
_refine.ls_wR_factor_R_work                      ? 
_refine.overall_FOM_free_R_set                   ? 
_refine.overall_FOM_work_R_set                   ? 
_refine.pdbx_overall_phase_error                 ? 
_refine.pdbx_refine_id                           'X-RAY DIFFRACTION' 
_refine.pdbx_diffrn_id                           1 
_refine.pdbx_overall_ESU_R                       ? 
_refine.pdbx_TLS_residual_ADP_flag               ? 
_refine.pdbx_overall_SU_R_free_Cruickshank_DPI   ? 
_refine.pdbx_overall_SU_R_Blow_DPI               ? 
_refine.pdbx_overall_SU_R_free_Blow_DPI          ? 
# 
_refine_hist.pdbx_refine_id                   'X-RAY DIFFRACTION' 
_refine_hist.cycle_id                         LAST 
_refine_hist.pdbx_number_atoms_protein        872 
_refine_hist.pdbx_number_atoms_nucleic_acid   0 
_refine_hist.pdbx_number_atoms_ligand         1 
_refine_hist.number_atoms_solvent             90 
_refine_hist.number_atoms_total               963 
_refine_hist.d_res_high                       1.82 
_refine_hist.d_res_low                        26.05 
# 
loop_
_refine_ls_restr.type 
_refine_ls_restr.dev_ideal 
_refine_ls_restr.dev_ideal_target 
_refine_ls_restr.weight 
_refine_ls_restr.number 
_refine_ls_restr.pdbx_refine_id 
_refine_ls_restr.pdbx_restraint_function 
r_bond_refined_d             0.022  0.022  ? 936  'X-RAY DIFFRACTION' ? 
r_bond_other_d               ?      ?      ? ?    'X-RAY DIFFRACTION' ? 
r_angle_refined_deg          2.033  1.972  ? 1271 'X-RAY DIFFRACTION' ? 
r_angle_other_deg            ?      ?      ? ?    'X-RAY DIFFRACTION' ? 
r_dihedral_angle_1_deg       7.481  5.000  ? 114  'X-RAY DIFFRACTION' ? 
r_dihedral_angle_2_deg       28.598 23.191 ? 47   'X-RAY DIFFRACTION' ? 
r_dihedral_angle_3_deg       14.186 15.000 ? 164  'X-RAY DIFFRACTION' ? 
r_dihedral_angle_4_deg       17.742 15.000 ? 7    'X-RAY DIFFRACTION' ? 
r_chiral_restr               0.142  0.200  ? 129  'X-RAY DIFFRACTION' ? 
r_gen_planes_refined         0.011  0.021  ? 727  'X-RAY DIFFRACTION' ? 
r_gen_planes_other           ?      ?      ? ?    'X-RAY DIFFRACTION' ? 
r_nbd_refined                ?      ?      ? ?    'X-RAY DIFFRACTION' ? 
r_nbd_other                  ?      ?      ? ?    'X-RAY DIFFRACTION' ? 
r_nbtor_refined              ?      ?      ? ?    'X-RAY DIFFRACTION' ? 
r_nbtor_other                ?      ?      ? ?    'X-RAY DIFFRACTION' ? 
r_xyhbond_nbd_refined        ?      ?      ? ?    'X-RAY DIFFRACTION' ? 
r_xyhbond_nbd_other          ?      ?      ? ?    'X-RAY DIFFRACTION' ? 
r_metal_ion_refined          ?      ?      ? ?    'X-RAY DIFFRACTION' ? 
r_metal_ion_other            ?      ?      ? ?    'X-RAY DIFFRACTION' ? 
r_symmetry_vdw_refined       ?      ?      ? ?    'X-RAY DIFFRACTION' ? 
r_symmetry_vdw_other         ?      ?      ? ?    'X-RAY DIFFRACTION' ? 
r_symmetry_hbond_refined     ?      ?      ? ?    'X-RAY DIFFRACTION' ? 
r_symmetry_hbond_other       ?      ?      ? ?    'X-RAY DIFFRACTION' ? 
r_symmetry_metal_ion_refined ?      ?      ? ?    'X-RAY DIFFRACTION' ? 
r_symmetry_metal_ion_other   ?      ?      ? ?    'X-RAY DIFFRACTION' ? 
r_mcbond_it                  1.312  1.500  ? 529  'X-RAY DIFFRACTION' ? 
r_mcbond_other               ?      ?      ? ?    'X-RAY DIFFRACTION' ? 
r_mcangle_it                 2.022  2.000  ? 859  'X-RAY DIFFRACTION' ? 
r_scbond_it                  2.986  3.000  ? 407  'X-RAY DIFFRACTION' ? 
r_scangle_it                 4.233  4.500  ? 405  'X-RAY DIFFRACTION' ? 
r_rigid_bond_restr           ?      ?      ? ?    'X-RAY DIFFRACTION' ? 
r_sphericity_free            ?      ?      ? ?    'X-RAY DIFFRACTION' ? 
r_sphericity_bonded          ?      ?      ? ?    'X-RAY DIFFRACTION' ? 
# 
_refine_ls_shell.pdbx_total_number_of_bins_used   20 
_refine_ls_shell.d_res_high                       1.821 
_refine_ls_shell.d_res_low                        1.868 
_refine_ls_shell.number_reflns_R_work             623 
_refine_ls_shell.R_factor_R_work                  0.213 
_refine_ls_shell.percent_reflns_obs               98.48 
_refine_ls_shell.R_factor_R_free                  0.286 
_refine_ls_shell.R_factor_R_free_error            ? 
_refine_ls_shell.percent_reflns_R_free            ? 
_refine_ls_shell.number_reflns_R_free             24 
_refine_ls_shell.number_reflns_all                ? 
_refine_ls_shell.R_factor_all                     ? 
_refine_ls_shell.number_reflns_obs                ? 
_refine_ls_shell.redundancy_reflns_obs            ? 
_refine_ls_shell.pdbx_refine_id                   'X-RAY DIFFRACTION' 
# 
_struct.entry_id                  3OVE 
_struct.title                     'Crystal Structure of the Grb2 SH2 Domain in Complex with a pYXN-Derived Tripeptide' 
_struct.pdbx_model_details        ? 
_struct.pdbx_CASP_flag            ? 
_struct.pdbx_model_type_details   ? 
# 
_struct_keywords.entry_id        3OVE 
_struct_keywords.pdbx_keywords   'SIGNALING PROTEIN/ANTAGONIST' 
_struct_keywords.text            'Grb2 SH2 Domain, Phosphotyrosine Binding, SIGNALING PROTEIN-ANTAGONIST complex' 
# 
loop_
_struct_asym.id 
_struct_asym.pdbx_blank_PDB_chainid_flag 
_struct_asym.pdbx_modified 
_struct_asym.entity_id 
_struct_asym.details 
A N N 1 ? 
B N N 2 ? 
C N N 3 ? 
D N N 4 ? 
# 
_struct_biol.id        1 
_struct_biol.details   ? 
# 
loop_
_struct_conf.conf_type_id 
_struct_conf.id 
_struct_conf.pdbx_PDB_helix_id 
_struct_conf.beg_label_comp_id 
_struct_conf.beg_label_asym_id 
_struct_conf.beg_label_seq_id 
_struct_conf.pdbx_beg_PDB_ins_code 
_struct_conf.end_label_comp_id 
_struct_conf.end_label_asym_id 
_struct_conf.end_label_seq_id 
_struct_conf.pdbx_end_PDB_ins_code 
_struct_conf.beg_auth_comp_id 
_struct_conf.beg_auth_asym_id 
_struct_conf.beg_auth_seq_id 
_struct_conf.end_auth_comp_id 
_struct_conf.end_auth_asym_id 
_struct_conf.end_auth_seq_id 
_struct_conf.pdbx_PDB_helix_class 
_struct_conf.details 
_struct_conf.pdbx_PDB_helix_length 
HELX_P HELX_P1 1 PRO A 14 ? SER A 23 ? PRO A 66  SER A 75  1 ? 10 
HELX_P HELX_P2 2 SER A 75 ? HIS A 83 ? SER A 127 HIS A 135 1 ? 9  
# 
_struct_conf_type.id          HELX_P 
_struct_conf_type.criteria    ? 
_struct_conf_type.reference   ? 
# 
loop_
_struct_conn.id 
_struct_conn.conn_type_id 
_struct_conn.pdbx_leaving_atom_flag 
_struct_conn.pdbx_PDB_id 
_struct_conn.ptnr1_label_asym_id 
_struct_conn.ptnr1_label_comp_id 
_struct_conn.ptnr1_label_seq_id 
_struct_conn.ptnr1_label_atom_id 
_struct_conn.pdbx_ptnr1_label_alt_id 
_struct_conn.pdbx_ptnr1_PDB_ins_code 
_struct_conn.pdbx_ptnr1_standard_comp_id 
_struct_conn.ptnr1_symmetry 
_struct_conn.ptnr2_label_asym_id 
_struct_conn.ptnr2_label_comp_id 
_struct_conn.ptnr2_label_seq_id 
_struct_conn.ptnr2_label_atom_id 
_struct_conn.pdbx_ptnr2_label_alt_id 
_struct_conn.pdbx_ptnr2_PDB_ins_code 
_struct_conn.ptnr1_auth_asym_id 
_struct_conn.ptnr1_auth_comp_id 
_struct_conn.ptnr1_auth_seq_id 
_struct_conn.ptnr2_auth_asym_id 
_struct_conn.ptnr2_auth_comp_id 
_struct_conn.ptnr2_auth_seq_id 
_struct_conn.ptnr2_symmetry 
_struct_conn.pdbx_ptnr3_label_atom_id 
_struct_conn.pdbx_ptnr3_label_seq_id 
_struct_conn.pdbx_ptnr3_label_comp_id 
_struct_conn.pdbx_ptnr3_label_asym_id 
_struct_conn.pdbx_ptnr3_label_alt_id 
_struct_conn.pdbx_ptnr3_PDB_ins_code 
_struct_conn.details 
_struct_conn.pdbx_dist_value 
_struct_conn.pdbx_value_order 
_struct_conn.pdbx_role 
covale1 covale both ? B 03E 3 C ? ? ? 1_555 B ASN 4 N ? ? B 03E 3 B ASN 4 1_555 ? ? ? ? ? ? ? 1.338 ? ? 
covale2 covale both ? B ASN 4 C ? ? ? 1_555 B NH2 5 N ? ? B ASN 4 B NH2 5 1_555 ? ? ? ? ? ? ? 1.368 ? ? 
# 
_struct_conn_type.id          covale 
_struct_conn_type.criteria    ? 
_struct_conn_type.reference   ? 
# 
loop_
_struct_sheet.id 
_struct_sheet.type 
_struct_sheet.number_strands 
_struct_sheet.details 
A ? 4 ? 
B ? 3 ? 
# 
loop_
_struct_sheet_order.sheet_id 
_struct_sheet_order.range_id_1 
_struct_sheet_order.range_id_2 
_struct_sheet_order.offset 
_struct_sheet_order.sense 
A 1 2 ? anti-parallel 
A 2 3 ? anti-parallel 
A 3 4 ? parallel      
B 1 2 ? anti-parallel 
B 2 3 ? anti-parallel 
# 
loop_
_struct_sheet_range.sheet_id 
_struct_sheet_range.id 
_struct_sheet_range.beg_label_comp_id 
_struct_sheet_range.beg_label_asym_id 
_struct_sheet_range.beg_label_seq_id 
_struct_sheet_range.pdbx_beg_PDB_ins_code 
_struct_sheet_range.end_label_comp_id 
_struct_sheet_range.end_label_asym_id 
_struct_sheet_range.end_label_seq_id 
_struct_sheet_range.pdbx_end_PDB_ins_code 
_struct_sheet_range.beg_auth_comp_id 
_struct_sheet_range.beg_auth_asym_id 
_struct_sheet_range.beg_auth_seq_id 
_struct_sheet_range.end_auth_comp_id 
_struct_sheet_range.end_auth_asym_id 
_struct_sheet_range.end_auth_seq_id 
A 1 ASP A 52 ? LYS A 57 ? ASP A 104 LYS A 109 
A 2 PHE A 43 ? PHE A 49 ? PHE A 95  PHE A 101 
A 3 ALA A 30 ? GLU A 35 ? ALA A 82  GLU A 87  
A 4 ARG A 97 ? ASP A 98 ? ARG A 149 ASP A 150 
B 1 LEU A 59 ? ARG A 60 ? LEU A 111 ARG A 112 
B 2 TYR A 66 ? PHE A 67 ? TYR A 118 PHE A 119 
B 3 LYS A 72 ? PHE A 73 ? LYS A 124 PHE A 125 
# 
loop_
_pdbx_struct_sheet_hbond.sheet_id 
_pdbx_struct_sheet_hbond.range_id_1 
_pdbx_struct_sheet_hbond.range_id_2 
_pdbx_struct_sheet_hbond.range_1_label_atom_id 
_pdbx_struct_sheet_hbond.range_1_label_comp_id 
_pdbx_struct_sheet_hbond.range_1_label_asym_id 
_pdbx_struct_sheet_hbond.range_1_label_seq_id 
_pdbx_struct_sheet_hbond.range_1_PDB_ins_code 
_pdbx_struct_sheet_hbond.range_1_auth_atom_id 
_pdbx_struct_sheet_hbond.range_1_auth_comp_id 
_pdbx_struct_sheet_hbond.range_1_auth_asym_id 
_pdbx_struct_sheet_hbond.range_1_auth_seq_id 
_pdbx_struct_sheet_hbond.range_2_label_atom_id 
_pdbx_struct_sheet_hbond.range_2_label_comp_id 
_pdbx_struct_sheet_hbond.range_2_label_asym_id 
_pdbx_struct_sheet_hbond.range_2_label_seq_id 
_pdbx_struct_sheet_hbond.range_2_PDB_ins_code 
_pdbx_struct_sheet_hbond.range_2_auth_atom_id 
_pdbx_struct_sheet_hbond.range_2_auth_comp_id 
_pdbx_struct_sheet_hbond.range_2_auth_asym_id 
_pdbx_struct_sheet_hbond.range_2_auth_seq_id 
A 1 2 O GLN A 54 ? O GLN A 106 N VAL A 47 ? N VAL A 99  
A 2 3 O SER A 46 ? O SER A 98  N LEU A 32 ? N LEU A 84  
A 3 4 N PHE A 31 ? N PHE A 83  O ARG A 97 ? O ARG A 149 
B 1 2 N LEU A 59 ? N LEU A 111 O PHE A 67 ? O PHE A 119 
B 2 3 N TYR A 66 ? N TYR A 118 O PHE A 73 ? O PHE A 125 
# 
loop_
_struct_site.id 
_struct_site.pdbx_evidence_code 
_struct_site.pdbx_auth_asym_id 
_struct_site.pdbx_auth_comp_id 
_struct_site.pdbx_auth_seq_id 
_struct_site.pdbx_auth_ins_code 
_struct_site.pdbx_num_residues 
_struct_site.details 
AC1 Software A CL 174 ? 2  'BINDING SITE FOR RESIDUE CL A 174'   
AC2 Software ? ?  ?   ? 19 'BINDING SITE FOR CHAIN B OF PYAC7CN' 
# 
loop_
_struct_site_gen.id 
_struct_site_gen.site_id 
_struct_site_gen.pdbx_num_res 
_struct_site_gen.label_comp_id 
_struct_site_gen.label_asym_id 
_struct_site_gen.label_seq_id 
_struct_site_gen.pdbx_auth_ins_code 
_struct_site_gen.auth_comp_id 
_struct_site_gen.auth_asym_id 
_struct_site_gen.auth_seq_id 
_struct_site_gen.label_atom_id 
_struct_site_gen.label_alt_id 
_struct_site_gen.symmetry 
_struct_site_gen.details 
1  AC1 2  SER A 87 ? SER A 139 . ? 1_555 ? 
2  AC1 2  GLN A 93 ? GLN A 145 . ? 1_555 ? 
3  AC2 19 HOH D .  ? HOH A 36  . ? 1_555 ? 
4  AC2 19 ARG A 15 ? ARG A 67  . ? 1_555 ? 
5  AC2 19 ARG A 26 ? ARG A 78  . ? 7_565 ? 
6  AC2 19 ARG A 34 ? ARG A 86  . ? 1_555 ? 
7  AC2 19 SER A 36 ? SER A 88  . ? 1_555 ? 
8  AC2 19 SER A 38 ? SER A 90  . ? 1_555 ? 
9  AC2 19 SER A 44 ? SER A 96  . ? 1_555 ? 
10 AC2 19 HIS A 55 ? HIS A 107 . ? 1_555 ? 
11 AC2 19 PHE A 56 ? PHE A 108 . ? 1_555 ? 
12 AC2 19 LYS A 57 ? LYS A 109 . ? 1_555 ? 
13 AC2 19 LEU A 68 ? LEU A 120 . ? 1_555 ? 
14 AC2 19 TRP A 69 ? TRP A 121 . ? 1_555 ? 
15 AC2 19 HOH D .  ? HOH A 176 . ? 1_555 ? 
16 AC2 19 HOH D .  ? HOH A 177 . ? 1_555 ? 
17 AC2 19 HOH D .  ? HOH A 199 . ? 1_555 ? 
18 AC2 19 HOH D .  ? HOH A 202 . ? 1_555 ? 
19 AC2 19 HOH D .  ? HOH A 206 . ? 1_555 ? 
20 AC2 19 HOH D .  ? HOH A 207 . ? 1_555 ? 
21 AC2 19 HOH D .  ? HOH A 212 . ? 1_555 ? 
# 
_atom_sites.entry_id                    3OVE 
_atom_sites.fract_transf_matrix[1][1]   -0.02315357 
_atom_sites.fract_transf_matrix[1][2]   -0.00314753 
_atom_sites.fract_transf_matrix[1][3]   -0.00475782 
_atom_sites.fract_transf_matrix[2][1]   -0.00331874 
_atom_sites.fract_transf_matrix[2][2]   -0.00874436 
_atom_sites.fract_transf_matrix[2][3]   0.02193522 
_atom_sites.fract_transf_matrix[3][1]   -0.00178568 
_atom_sites.fract_transf_matrix[3][2]   0.00845135 
_atom_sites.fract_transf_matrix[3][3]   0.00309892 
_atom_sites.fract_transf_vector[1]      -0.447799 
_atom_sites.fract_transf_vector[2]      0.202228 
_atom_sites.fract_transf_vector[3]      -0.029579 
# 
loop_
_atom_type.symbol 
C  
CL 
N  
O  
P  
S  
# 
loop_
_atom_site.group_PDB 
_atom_site.id 
_atom_site.type_symbol 
_atom_site.label_atom_id 
_atom_site.label_alt_id 
_atom_site.label_comp_id 
_atom_site.label_asym_id 
_atom_site.label_entity_id 
_atom_site.label_seq_id 
_atom_site.pdbx_PDB_ins_code 
_atom_site.Cartn_x 
_atom_site.Cartn_y 
_atom_site.Cartn_z 
_atom_site.occupancy 
_atom_site.B_iso_or_equiv 
_atom_site.pdbx_formal_charge 
_atom_site.auth_seq_id 
_atom_site.auth_comp_id 
_atom_site.auth_asym_id 
_atom_site.auth_atom_id 
_atom_site.pdbx_PDB_model_num 
ATOM   1    N  N   . GLU A 1 2   ? 22.710  -6.251  5.161   1.00 46.52 ? 54  GLU A N   1 
ATOM   2    C  CA  . GLU A 1 2   ? 22.892  -4.790  5.470   1.00 46.87 ? 54  GLU A CA  1 
ATOM   3    C  C   . GLU A 1 2   ? 21.515  -4.113  5.533   1.00 46.64 ? 54  GLU A C   1 
ATOM   4    O  O   . GLU A 1 2   ? 21.103  -3.419  4.578   1.00 47.08 ? 54  GLU A O   1 
ATOM   5    C  CB  . GLU A 1 2   ? 23.773  -4.116  4.417   0.50 46.45 ? 54  GLU A CB  1 
ATOM   6    C  CG  . GLU A 1 2   ? 23.302  -2.573  4.450   0.00 49.59 ? 54  GLU A CG  1 
ATOM   7    C  CD  . GLU A 1 2   ? 22.944  -1.906  3.145   0.00 48.83 ? 54  GLU A CD  1 
ATOM   8    O  OE1 . GLU A 1 2   ? 23.450  -2.345  2.098   0.00 45.35 ? 54  GLU A OE1 1 
ATOM   9    O  OE2 . GLU A 1 2   ? 22.182  -0.933  3.174   0.00 47.22 ? 54  GLU A OE2 1 
ATOM   10   N  N   . MET A 1 3   ? 20.830  -4.319  6.666   1.00 46.08 ? 55  MET A N   1 
ATOM   11   C  CA  . MET A 1 3   ? 19.423  -3.924  6.851   1.00 44.30 ? 55  MET A CA  1 
ATOM   12   C  C   . MET A 1 3   ? 19.177  -2.403  6.888   1.00 42.11 ? 55  MET A C   1 
ATOM   13   O  O   . MET A 1 3   ? 19.747  -1.655  7.708   1.00 41.75 ? 55  MET A O   1 
ATOM   14   C  CB  . MET A 1 3   ? 18.749  -4.647  8.040   1.00 45.32 ? 55  MET A CB  1 
ATOM   15   C  CG  . MET A 1 3   ? 18.567  -6.170  7.860   1.00 47.21 ? 55  MET A CG  1 
ATOM   16   S  SD  . MET A 1 3   ? 17.558  -6.683  6.420   0.50 50.75 ? 55  MET A SD  1 
ATOM   17   C  CE  . MET A 1 3   ? 15.889  -6.523  7.064   0.50 49.71 ? 55  MET A CE  1 
ATOM   18   N  N   . LYS A 1 4   ? 18.309  -2.001  5.950   1.00 39.14 ? 56  LYS A N   1 
ATOM   19   C  CA  . LYS A 1 4   ? 17.901  -0.636  5.656   1.00 35.17 ? 56  LYS A CA  1 
ATOM   20   C  C   . LYS A 1 4   ? 16.409  -0.490  5.958   1.00 31.66 ? 56  LYS A C   1 
ATOM   21   O  O   . LYS A 1 4   ? 15.654  -1.467  5.880   1.00 30.73 ? 56  LYS A O   1 
ATOM   22   C  CB  . LYS A 1 4   ? 18.119  -0.419  4.168   1.00 36.09 ? 56  LYS A CB  1 
ATOM   23   C  CG  . LYS A 1 4   ? 19.550  -0.794  3.678   1.00 37.36 ? 56  LYS A CG  1 
ATOM   24   C  CD  . LYS A 1 4   ? 20.344  0.490   4.862   0.00 49.37 ? 56  LYS A CD  1 
ATOM   25   C  CE  . LYS A 1 4   ? 20.141  1.981   4.455   0.00 51.91 ? 56  LYS A CE  1 
ATOM   26   N  NZ  . LYS A 1 4   ? 21.027  2.963   5.179   0.00 54.82 ? 56  LYS A NZ  1 
ATOM   27   N  N   . PRO A 1 5   ? 15.956  0.736   6.293   1.00 27.30 ? 57  PRO A N   1 
ATOM   28   C  CA  . PRO A 1 5   ? 14.528  0.883   6.489   1.00 25.62 ? 57  PRO A CA  1 
ATOM   29   C  C   . PRO A 1 5   ? 13.824  0.634   5.151   1.00 23.43 ? 57  PRO A C   1 
ATOM   30   O  O   . PRO A 1 5   ? 14.441  0.794   4.095   1.00 24.18 ? 57  PRO A O   1 
ATOM   31   C  CB  . PRO A 1 5   ? 14.364  2.357   6.906   1.00 24.31 ? 57  PRO A CB  1 
ATOM   32   C  CG  . PRO A 1 5   ? 15.676  3.022   6.622   1.00 26.71 ? 57  PRO A CG  1 
ATOM   33   C  CD  . PRO A 1 5   ? 16.714  1.996   6.460   1.00 27.80 ? 57  PRO A CD  1 
ATOM   34   N  N   . HIS A 1 6   ? 12.559  0.280   5.179   1.00 22.12 ? 58  HIS A N   1 
ATOM   35   C  CA  . HIS A 1 6   ? 11.763  0.084   3.952   1.00 21.42 ? 58  HIS A CA  1 
ATOM   36   C  C   . HIS A 1 6   ? 11.443  1.402   3.304   1.00 22.97 ? 58  HIS A C   1 
ATOM   37   O  O   . HIS A 1 6   ? 11.103  2.348   4.017   1.00 25.33 ? 58  HIS A O   1 
ATOM   38   C  CB  . HIS A 1 6   ? 10.470  -0.610  4.345   1.00 19.40 ? 58  HIS A CB  1 
ATOM   39   C  CG  . HIS A 1 6   ? 10.713  -2.017  4.736   1.00 20.36 ? 58  HIS A CG  1 
ATOM   40   N  ND1 . HIS A 1 6   ? 11.325  -2.890  3.866   1.00 18.74 ? 58  HIS A ND1 1 
ATOM   41   C  CD2 . HIS A 1 6   ? 10.449  -2.716  5.869   1.00 17.68 ? 58  HIS A CD2 1 
ATOM   42   C  CE1 . HIS A 1 6   ? 11.425  -4.079  4.446   1.00 22.51 ? 58  HIS A CE1 1 
ATOM   43   N  NE2 . HIS A 1 6   ? 10.907  -3.997  5.661   1.00 22.79 ? 58  HIS A NE2 1 
ATOM   44   N  N   . PRO A 1 7   ? 11.508  1.470   1.967   1.00 22.45 ? 59  PRO A N   1 
ATOM   45   C  CA  . PRO A 1 7   ? 11.283  2.736   1.264   1.00 22.02 ? 59  PRO A CA  1 
ATOM   46   C  C   . PRO A 1 7   ? 9.788   3.031   1.079   1.00 22.25 ? 59  PRO A C   1 
ATOM   47   O  O   . PRO A 1 7   ? 9.436   4.049   0.487   1.00 21.31 ? 59  PRO A O   1 
ATOM   48   C  CB  . PRO A 1 7   ? 11.974  2.511   -0.102  1.00 22.34 ? 59  PRO A CB  1 
ATOM   49   C  CG  . PRO A 1 7   ? 11.805  0.988   -0.329  1.00 25.22 ? 59  PRO A CG  1 
ATOM   50   C  CD  . PRO A 1 7   ? 11.965  0.380   1.062   1.00 22.50 ? 59  PRO A CD  1 
ATOM   51   N  N   . TRP A 1 8   ? 8.930   2.181   1.623   1.00 20.43 ? 60  TRP A N   1 
ATOM   52   C  CA  . TRP A 1 8   ? 7.490   2.281   1.395   1.00 17.96 ? 60  TRP A CA  1 
ATOM   53   C  C   . TRP A 1 8   ? 6.687   2.765   2.606   1.00 16.91 ? 60  TRP A C   1 
ATOM   54   O  O   . TRP A 1 8   ? 5.478   2.885   2.505   1.00 15.25 ? 60  TRP A O   1 
ATOM   55   C  CB  . TRP A 1 8   ? 6.936   0.908   0.917   1.00 18.35 ? 60  TRP A CB  1 
ATOM   56   C  CG  . TRP A 1 8   ? 7.360   -0.346  1.636   1.00 16.68 ? 60  TRP A CG  1 
ATOM   57   C  CD1 . TRP A 1 8   ? 8.355   -1.205  1.239   1.00 15.70 ? 60  TRP A CD1 1 
ATOM   58   C  CD2 . TRP A 1 8   ? 6.861   -0.869  2.848   1.00 18.73 ? 60  TRP A CD2 1 
ATOM   59   N  NE1 . TRP A 1 8   ? 8.468   -2.219  2.097   1.00 17.54 ? 60  TRP A NE1 1 
ATOM   60   C  CE2 . TRP A 1 8   ? 7.507   -2.105  3.061   1.00 14.78 ? 60  TRP A CE2 1 
ATOM   61   C  CE3 . TRP A 1 8   ? 5.853   -0.483  3.736   1.00 13.19 ? 60  TRP A CE3 1 
ATOM   62   C  CZ2 . TRP A 1 8   ? 7.272   -2.917  4.207   1.00 15.12 ? 60  TRP A CZ2 1 
ATOM   63   C  CZ3 . TRP A 1 8   ? 5.579   -1.337  4.876   1.00 14.70 ? 60  TRP A CZ3 1 
ATOM   64   C  CH2 . TRP A 1 8   ? 6.273   -2.534  5.095   1.00 18.60 ? 60  TRP A CH2 1 
ATOM   65   N  N   . PHE A 1 9   ? 7.321   3.042   3.754   1.00 16.31 ? 61  PHE A N   1 
ATOM   66   C  CA  . PHE A 1 9   ? 6.470   3.403   4.891   1.00 14.26 ? 61  PHE A CA  1 
ATOM   67   C  C   . PHE A 1 9   ? 6.538   4.894   5.101   1.00 16.07 ? 61  PHE A C   1 
ATOM   68   O  O   . PHE A 1 9   ? 7.629   5.426   5.396   1.00 16.61 ? 61  PHE A O   1 
ATOM   69   C  CB  . PHE A 1 9   ? 6.933   2.679   6.181   1.00 15.41 ? 61  PHE A CB  1 
ATOM   70   C  CG  . PHE A 1 9   ? 6.044   2.970   7.330   1.00 17.98 ? 61  PHE A CG  1 
ATOM   71   C  CD1 . PHE A 1 9   ? 4.858   2.215   7.509   1.00 20.18 ? 61  PHE A CD1 1 
ATOM   72   C  CD2 . PHE A 1 9   ? 6.347   4.043   8.199   1.00 17.43 ? 61  PHE A CD2 1 
ATOM   73   C  CE1 . PHE A 1 9   ? 3.982   2.439   8.512   1.00 21.33 ? 61  PHE A CE1 1 
ATOM   74   C  CE2 . PHE A 1 9   ? 5.424   4.324   9.258   1.00 18.90 ? 61  PHE A CE2 1 
ATOM   75   C  CZ  . PHE A 1 9   ? 4.257   3.505   9.405   1.00 19.09 ? 61  PHE A CZ  1 
ATOM   76   N  N   . PHE A 1 10  ? 5.376   5.535   4.977   1.00 16.10 ? 62  PHE A N   1 
ATOM   77   C  CA  . PHE A 1 10  ? 5.379   6.978   4.941   1.00 16.73 ? 62  PHE A CA  1 
ATOM   78   C  C   . PHE A 1 10  ? 4.670   7.552   6.148   1.00 16.28 ? 62  PHE A C   1 
ATOM   79   O  O   . PHE A 1 10  ? 4.499   8.794   6.218   1.00 18.09 ? 62  PHE A O   1 
ATOM   80   C  CB  . PHE A 1 10  ? 4.769   7.481   3.621   1.00 15.84 ? 62  PHE A CB  1 
ATOM   81   C  CG  . PHE A 1 10  ? 5.744   7.594   2.480   1.00 16.96 ? 62  PHE A CG  1 
ATOM   82   C  CD1 . PHE A 1 10  ? 6.228   6.443   1.808   1.00 18.75 ? 62  PHE A CD1 1 
ATOM   83   C  CD2 . PHE A 1 10  ? 6.072   8.818   1.975   1.00 18.81 ? 62  PHE A CD2 1 
ATOM   84   C  CE1 . PHE A 1 10  ? 7.083   6.572   0.707   1.00 21.65 ? 62  PHE A CE1 1 
ATOM   85   C  CE2 . PHE A 1 10  ? 6.905   8.952   0.855   1.00 24.78 ? 62  PHE A CE2 1 
ATOM   86   C  CZ  . PHE A 1 10  ? 7.412   7.813   0.232   1.00 22.21 ? 62  PHE A CZ  1 
ATOM   87   N  N   . GLY A 1 11  ? 4.281   6.698   7.098   1.00 13.98 ? 63  GLY A N   1 
ATOM   88   C  CA  . GLY A 1 11  ? 3.554   7.115   8.331   1.00 16.91 ? 63  GLY A CA  1 
ATOM   89   C  C   . GLY A 1 11  ? 2.267   7.882   8.058   1.00 17.37 ? 63  GLY A C   1 
ATOM   90   O  O   . GLY A 1 11  ? 1.485   7.543   7.151   1.00 16.84 ? 63  GLY A O   1 
ATOM   91   N  N   . LYS A 1 12  ? 2.043   8.970   8.808   1.00 19.58 ? 64  LYS A N   1 
ATOM   92   C  CA  . LYS A 1 12  ? 0.796   9.692   8.684   1.00 20.98 ? 64  LYS A CA  1 
ATOM   93   C  C   . LYS A 1 12  ? 0.795   10.768  7.620   1.00 24.06 ? 64  LYS A C   1 
ATOM   94   O  O   . LYS A 1 12  ? 0.772   11.969  7.937   1.00 27.81 ? 64  LYS A O   1 
ATOM   95   C  CB  . LYS A 1 12  ? 0.406   10.306  10.021  1.00 20.50 ? 64  LYS A CB  1 
ATOM   96   C  CG  . LYS A 1 12  ? -1.178  10.561  10.089  1.00 25.30 ? 64  LYS A CG  1 
ATOM   97   C  CD  . LYS A 1 12  ? -1.587  11.231  11.403  1.00 30.81 ? 64  LYS A CD  1 
ATOM   98   C  CE  . LYS A 1 12  ? -3.088  11.491  11.433  0.75 32.94 ? 64  LYS A CE  1 
ATOM   99   N  NZ  . LYS A 1 12  ? -3.706  11.293  12.781  0.75 37.07 ? 64  LYS A NZ  1 
ATOM   100  N  N   . ILE A 1 13  ? 0.921   10.389  6.361   1.00 24.09 ? 65  ILE A N   1 
ATOM   101  C  CA  A ILE A 1 13  ? 0.704   11.368  5.295   0.50 23.44 ? 65  ILE A CA  1 
ATOM   102  C  CA  B ILE A 1 13  ? 0.751   11.312  5.250   0.50 22.90 ? 65  ILE A CA  1 
ATOM   103  C  C   . ILE A 1 13  ? -0.754  11.351  4.867   1.00 23.06 ? 65  ILE A C   1 
ATOM   104  O  O   . ILE A 1 13  ? -1.407  10.290  4.826   1.00 23.78 ? 65  ILE A O   1 
ATOM   105  C  CB  A ILE A 1 13  ? 1.678   11.251  4.100   0.50 23.17 ? 65  ILE A CB  1 
ATOM   106  C  CB  B ILE A 1 13  ? 1.725   10.895  4.111   0.50 22.84 ? 65  ILE A CB  1 
ATOM   107  C  CG1 A ILE A 1 13  ? 1.487   9.935   3.339   0.50 23.30 ? 65  ILE A CG1 1 
ATOM   108  C  CG1 B ILE A 1 13  ? 1.527   11.707  2.840   0.50 20.11 ? 65  ILE A CG1 1 
ATOM   109  C  CG2 A ILE A 1 13  ? 3.121   11.452  4.579   0.50 23.32 ? 65  ILE A CG2 1 
ATOM   110  C  CG2 B ILE A 1 13  ? 1.656   9.375   3.839   0.50 21.67 ? 65  ILE A CG2 1 
ATOM   111  C  CD1 A ILE A 1 13  ? 2.131   9.950   2.017   0.50 20.90 ? 65  ILE A CD1 1 
ATOM   112  C  CD1 B ILE A 1 13  ? 2.563   11.388  1.752   0.50 21.70 ? 65  ILE A CD1 1 
ATOM   113  N  N   . PRO A 1 14  ? -1.324  12.547  4.583   1.00 22.13 ? 66  PRO A N   1 
ATOM   114  C  CA  . PRO A 1 14  ? -2.735  12.538  4.147   1.00 20.99 ? 66  PRO A CA  1 
ATOM   115  C  C   . PRO A 1 14  ? -2.945  11.718  2.867   1.00 18.72 ? 66  PRO A C   1 
ATOM   116  O  O   . PRO A 1 14  ? -1.997  11.553  2.098   1.00 19.74 ? 66  PRO A O   1 
ATOM   117  C  CB  . PRO A 1 14  ? -3.033  14.027  3.920   1.00 23.46 ? 66  PRO A CB  1 
ATOM   118  C  CG  . PRO A 1 14  ? -2.100  14.693  4.954   1.00 22.94 ? 66  PRO A CG  1 
ATOM   119  C  CD  . PRO A 1 14  ? -0.838  13.923  4.848   1.00 21.74 ? 66  PRO A CD  1 
ATOM   120  N  N   . ARG A 1 15  ? -4.162  11.216  2.685   1.00 18.15 ? 67  ARG A N   1 
ATOM   121  C  CA  . ARG A 1 15  ? -4.542  10.467  1.475   1.00 16.58 ? 67  ARG A CA  1 
ATOM   122  C  C   . ARG A 1 15  ? -4.195  11.248  0.200   1.00 16.03 ? 67  ARG A C   1 
ATOM   123  O  O   . ARG A 1 15  ? -3.680  10.727  -0.811  1.00 14.64 ? 67  ARG A O   1 
ATOM   124  C  CB  . ARG A 1 15  ? -6.002  10.116  1.571   1.00 16.47 ? 67  ARG A CB  1 
ATOM   125  C  CG  . ARG A 1 15  ? -6.615  9.518   0.289   1.00 16.99 ? 67  ARG A CG  1 
ATOM   126  C  CD  . ARG A 1 15  ? -8.113  9.396   0.427   1.00 20.37 ? 67  ARG A CD  1 
ATOM   127  N  NE  . ARG A 1 15  ? -8.804  8.910   -0.777  1.00 20.15 ? 67  ARG A NE  1 
ATOM   128  C  CZ  . ARG A 1 15  ? -9.278  7.664   -0.932  1.00 21.84 ? 67  ARG A CZ  1 
ATOM   129  N  NH1 . ARG A 1 15  ? -9.163  6.768   0.030   1.00 19.08 ? 67  ARG A NH1 1 
ATOM   130  N  NH2 . ARG A 1 15  ? -9.933  7.352   -2.030  1.00 18.89 ? 67  ARG A NH2 1 
ATOM   131  N  N   . ALA A 1 16  ? -4.506  12.552  0.213   1.00 15.67 ? 68  ALA A N   1 
ATOM   132  C  CA  . ALA A 1 16  ? -4.261  13.372  -0.935  1.00 15.77 ? 68  ALA A CA  1 
ATOM   133  C  C   . ALA A 1 16  ? -2.768  13.550  -1.190  1.00 15.56 ? 68  ALA A C   1 
ATOM   134  O  O   . ALA A 1 16  ? -2.339  13.650  -2.354  1.00 16.87 ? 68  ALA A O   1 
ATOM   135  C  CB  . ALA A 1 16  ? -4.914  14.775  -0.670  1.00 14.87 ? 68  ALA A CB  1 
ATOM   136  N  N   . LYS A 1 17  ? -1.957  13.621  -0.141  1.00 15.11 ? 69  LYS A N   1 
ATOM   137  C  CA  A LYS A 1 17  ? -0.541  13.799  -0.341  0.50 15.89 ? 69  LYS A CA  1 
ATOM   138  C  CA  B LYS A 1 17  ? -0.533  13.775  -0.294  0.50 16.04 ? 69  LYS A CA  1 
ATOM   139  C  C   . LYS A 1 17  ? 0.082   12.513  -0.939  1.00 15.77 ? 69  LYS A C   1 
ATOM   140  O  O   . LYS A 1 17  ? 1.000   12.618  -1.753  1.00 16.44 ? 69  LYS A O   1 
ATOM   141  C  CB  A LYS A 1 17  ? 0.188   14.213  0.947   0.50 15.91 ? 69  LYS A CB  1 
ATOM   142  C  CB  B LYS A 1 17  ? 0.129   14.001  1.062   0.50 15.85 ? 69  LYS A CB  1 
ATOM   143  C  CG  A LYS A 1 17  ? 0.068   15.753  1.278   0.50 13.43 ? 69  LYS A CG  1 
ATOM   144  C  CG  B LYS A 1 17  ? 1.613   14.250  1.007   0.50 14.79 ? 69  LYS A CG  1 
ATOM   145  C  CD  A LYS A 1 17  ? 1.203   16.540  0.546   0.50 13.82 ? 69  LYS A CD  1 
ATOM   146  C  CD  B LYS A 1 17  ? 2.095   14.979  -0.231  0.50 21.84 ? 69  LYS A CD  1 
ATOM   147  C  CE  A LYS A 1 17  ? 0.938   18.057  0.559   0.50 17.43 ? 69  LYS A CE  1 
ATOM   148  C  CE  B LYS A 1 17  ? 3.512   14.521  -0.664  0.50 23.46 ? 69  LYS A CE  1 
ATOM   149  N  NZ  A LYS A 1 17  ? 1.699   18.835  -0.515  0.50 15.02 ? 69  LYS A NZ  1 
ATOM   150  N  NZ  B LYS A 1 17  ? 3.938   15.306  -1.861  0.50 27.53 ? 69  LYS A NZ  1 
ATOM   151  N  N   . ALA A 1 18  ? -0.368  11.352  -0.475  1.00 16.57 ? 70  ALA A N   1 
ATOM   152  C  CA  . ALA A 1 18  ? 0.059   10.046  -1.094  1.00 16.27 ? 70  ALA A CA  1 
ATOM   153  C  C   . ALA A 1 18  ? -0.283  10.058  -2.577  1.00 17.32 ? 70  ALA A C   1 
ATOM   154  O  O   . ALA A 1 18  ? 0.556   9.640   -3.378  1.00 19.02 ? 70  ALA A O   1 
ATOM   155  C  CB  . ALA A 1 18  ? -0.578  8.884   -0.393  1.00 18.81 ? 70  ALA A CB  1 
ATOM   156  N  N   . GLU A 1 19  ? -1.473  10.531  -2.957  1.00 17.89 ? 71  GLU A N   1 
ATOM   157  C  CA  . GLU A 1 19  ? -1.859  10.706  -4.366  1.00 16.68 ? 71  GLU A CA  1 
ATOM   158  C  C   . GLU A 1 19  ? -0.931  11.633  -5.089  1.00 17.67 ? 71  GLU A C   1 
ATOM   159  O  O   . GLU A 1 19  ? -0.403  11.292  -6.169  1.00 16.62 ? 71  GLU A O   1 
ATOM   160  C  CB  . GLU A 1 19  ? -3.317  11.157  -4.565  1.00 16.49 ? 71  GLU A CB  1 
ATOM   161  C  CG  . GLU A 1 19  ? -4.352  10.166  -4.033  1.00 20.18 ? 71  GLU A CG  1 
ATOM   162  C  CD  . GLU A 1 19  ? -5.662  10.212  -4.809  1.00 23.63 ? 71  GLU A CD  1 
ATOM   163  O  OE1 . GLU A 1 19  ? -5.688  10.782  -5.926  1.00 35.40 ? 71  GLU A OE1 1 
ATOM   164  O  OE2 . GLU A 1 19  ? -6.660  9.693   -4.300  1.00 26.56 ? 71  GLU A OE2 1 
ATOM   165  N  N   . GLU A 1 20  ? -0.713  12.822  -4.528  1.00 17.18 ? 72  GLU A N   1 
ATOM   166  C  CA  . GLU A 1 20  ? 0.288   13.736  -5.109  1.00 18.41 ? 72  GLU A CA  1 
ATOM   167  C  C   . GLU A 1 20  ? 1.665   13.123  -5.370  1.00 17.11 ? 72  GLU A C   1 
ATOM   168  O  O   . GLU A 1 20  ? 2.247   13.344  -6.437  1.00 17.00 ? 72  GLU A O   1 
ATOM   169  C  CB  . GLU A 1 20  ? 0.450   15.002  -4.257  1.00 18.25 ? 72  GLU A CB  1 
ATOM   170  C  CG  . GLU A 1 20  ? 1.649   15.874  -4.713  1.00 22.54 ? 72  GLU A CG  1 
ATOM   171  C  CD  . GLU A 1 20  ? 1.860   17.083  -3.790  1.00 22.61 ? 72  GLU A CD  1 
ATOM   172  O  OE1 . GLU A 1 20  ? 1.047   17.282  -2.839  1.00 24.49 ? 72  GLU A OE1 1 
ATOM   173  O  OE2 . GLU A 1 20  ? 2.842   17.833  -3.988  1.00 25.03 ? 72  GLU A OE2 1 
ATOM   174  N  N   . MET A 1 21  ? 2.167   12.369  -4.421  1.00 17.80 ? 73  MET A N   1 
ATOM   175  C  CA  A MET A 1 21  ? 3.515   11.800  -4.513  0.50 17.89 ? 73  MET A CA  1 
ATOM   176  C  CA  B MET A 1 21  ? 3.515   11.830  -4.550  0.50 19.31 ? 73  MET A CA  1 
ATOM   177  C  C   . MET A 1 21  ? 3.479   10.693  -5.574  1.00 18.91 ? 73  MET A C   1 
ATOM   178  O  O   . MET A 1 21  ? 4.297   10.670  -6.530  1.00 17.71 ? 73  MET A O   1 
ATOM   179  C  CB  A MET A 1 21  ? 3.951   11.238  -3.151  0.50 18.15 ? 73  MET A CB  1 
ATOM   180  C  CB  B MET A 1 21  ? 4.047   11.324  -3.214  0.50 20.55 ? 73  MET A CB  1 
ATOM   181  C  CG  A MET A 1 21  ? 5.389   10.728  -3.066  0.50 15.18 ? 73  MET A CG  1 
ATOM   182  C  CG  B MET A 1 21  ? 4.264   12.395  -2.147  0.50 24.09 ? 73  MET A CG  1 
ATOM   183  S  SD  A MET A 1 21  ? 5.494   8.989   -3.632  0.50 19.71 ? 73  MET A SD  1 
ATOM   184  S  SD  B MET A 1 21  ? 4.880   11.543  -0.693  0.50 37.86 ? 73  MET A SD  1 
ATOM   185  C  CE  A MET A 1 21  ? 7.239   8.886   -3.323  0.50 19.36 ? 73  MET A CE  1 
ATOM   186  C  CE  B MET A 1 21  ? 3.646   10.289  -0.477  0.50 35.23 ? 73  MET A CE  1 
ATOM   187  N  N   . LEU A 1 22  ? 2.513   9.786   -5.431  1.00 17.35 ? 74  LEU A N   1 
ATOM   188  C  CA  . LEU A 1 22  ? 2.491   8.644   -6.387  1.00 18.49 ? 74  LEU A CA  1 
ATOM   189  C  C   . LEU A 1 22  ? 2.151   8.974   -7.820  1.00 19.81 ? 74  LEU A C   1 
ATOM   190  O  O   . LEU A 1 22  ? 2.602   8.256   -8.760  1.00 20.23 ? 74  LEU A O   1 
ATOM   191  C  CB  . LEU A 1 22  ? 1.549   7.513   -5.885  1.00 17.94 ? 74  LEU A CB  1 
ATOM   192  C  CG  . LEU A 1 22  ? 2.018   6.921   -4.589  1.00 20.00 ? 74  LEU A CG  1 
ATOM   193  C  CD1 . LEU A 1 22  ? 0.879   6.021   -4.013  1.00 18.96 ? 74  LEU A CD1 1 
ATOM   194  C  CD2 . LEU A 1 22  ? 3.344   6.132   -4.768  1.00 18.11 ? 74  LEU A CD2 1 
ATOM   195  N  N   . SER A 1 23  ? 1.417   10.070  -8.032  1.00 19.19 ? 75  SER A N   1 
ATOM   196  C  CA  . SER A 1 23  ? 1.120   10.507  -9.361  1.00 21.87 ? 75  SER A CA  1 
ATOM   197  C  C   . SER A 1 23  ? 2.391   10.854  -10.151 1.00 20.23 ? 75  SER A C   1 
ATOM   198  O  O   . SER A 1 23  ? 2.322   10.853  -11.377 1.00 22.42 ? 75  SER A O   1 
ATOM   199  C  CB  . SER A 1 23  ? 0.172   11.714  -9.344  1.00 21.90 ? 75  SER A CB  1 
ATOM   200  O  OG  . SER A 1 23  ? -1.072  11.314  -8.756  1.00 27.58 ? 75  SER A OG  1 
ATOM   201  N  N   . LYS A 1 24  ? 3.503   11.161  -9.496  1.00 19.99 ? 76  LYS A N   1 
ATOM   202  C  CA  . LYS A 1 24  ? 4.771   11.479  -10.181 1.00 19.73 ? 76  LYS A CA  1 
ATOM   203  C  C   . LYS A 1 24  ? 5.625   10.241  -10.440 1.00 19.96 ? 76  LYS A C   1 
ATOM   204  O  O   . LYS A 1 24  ? 6.622   10.323  -11.136 1.00 21.89 ? 76  LYS A O   1 
ATOM   205  C  CB  . LYS A 1 24  ? 5.610   12.445  -9.394  1.00 19.02 ? 76  LYS A CB  1 
ATOM   206  C  CG  . LYS A 1 24  ? 4.756   13.741  -9.120  1.00 19.37 ? 76  LYS A CG  1 
ATOM   207  C  CD  . LYS A 1 24  ? 5.677   14.720  -8.418  1.00 24.09 ? 76  LYS A CD  1 
ATOM   208  C  CE  . LYS A 1 24  ? 5.481   14.726  -6.935  1.00 28.84 ? 76  LYS A CE  1 
ATOM   209  N  NZ  . LYS A 1 24  ? 6.414   15.630  -6.264  1.00 29.07 ? 76  LYS A NZ  1 
ATOM   210  N  N   . GLN A 1 25  ? 5.208   9.112   -9.896  1.00 19.42 ? 77  GLN A N   1 
ATOM   211  C  CA  . GLN A 1 25  ? 5.930   7.872   -10.165 1.00 17.25 ? 77  GLN A CA  1 
ATOM   212  C  C   . GLN A 1 25  ? 5.625   7.427   -11.549 1.00 19.13 ? 77  GLN A C   1 
ATOM   213  O  O   . GLN A 1 25  ? 4.481   7.523   -11.981 1.00 19.75 ? 77  GLN A O   1 
ATOM   214  C  CB  . GLN A 1 25  ? 5.474   6.792   -9.169  1.00 16.07 ? 77  GLN A CB  1 
ATOM   215  C  CG  . GLN A 1 25  ? 5.957   7.074   -7.765  1.00 15.85 ? 77  GLN A CG  1 
ATOM   216  C  CD  . GLN A 1 25  ? 7.473   6.956   -7.601  1.00 21.83 ? 77  GLN A CD  1 
ATOM   217  O  OE1 . GLN A 1 25  ? 8.087   5.894   -7.836  1.00 18.62 ? 77  GLN A OE1 1 
ATOM   218  N  NE2 . GLN A 1 25  ? 8.104   8.058   -7.212  1.00 22.97 ? 77  GLN A NE2 1 
ATOM   219  N  N   . ARG A 1 26  ? 6.627   6.844   -12.238 1.00 19.73 ? 78  ARG A N   1 
ATOM   220  C  CA  . ARG A 1 26  ? 6.410   6.390   -13.604 1.00 18.38 ? 78  ARG A CA  1 
ATOM   221  C  C   . ARG A 1 26  ? 5.775   5.011   -13.751 1.00 19.05 ? 78  ARG A C   1 
ATOM   222  O  O   . ARG A 1 26  ? 5.128   4.700   -14.787 1.00 20.09 ? 78  ARG A O   1 
ATOM   223  C  CB  . ARG A 1 26  ? 7.722   6.418   -14.387 1.00 18.87 ? 78  ARG A CB  1 
ATOM   224  C  CG  . ARG A 1 26  ? 8.234   7.823   -14.665 1.00 18.80 ? 78  ARG A CG  1 
ATOM   225  C  CD  . ARG A 1 26  ? 9.678   7.712   -15.188 1.00 16.62 ? 78  ARG A CD  1 
ATOM   226  N  NE  . ARG A 1 26  ? 9.997   8.849   -16.034 1.00 20.18 ? 78  ARG A NE  1 
ATOM   227  C  CZ  . ARG A 1 26  ? 11.113  8.919   -16.776 1.00 22.21 ? 78  ARG A CZ  1 
ATOM   228  N  NH1 . ARG A 1 26  ? 11.972  7.866   -16.811 1.00 19.55 ? 78  ARG A NH1 1 
ATOM   229  N  NH2 . ARG A 1 26  ? 11.359  9.990   -17.516 1.00 17.89 ? 78  ARG A NH2 1 
ATOM   230  N  N   . HIS A 1 27  ? 5.955   4.167   -12.763 1.00 16.34 ? 79  HIS A N   1 
ATOM   231  C  CA  . HIS A 1 27  ? 5.727   2.753   -13.012 1.00 17.43 ? 79  HIS A CA  1 
ATOM   232  C  C   . HIS A 1 27  ? 4.581   2.237   -12.199 1.00 17.38 ? 79  HIS A C   1 
ATOM   233  O  O   . HIS A 1 27  ? 4.573   2.380   -10.981 1.00 17.35 ? 79  HIS A O   1 
ATOM   234  C  CB  . HIS A 1 27  ? 6.973   2.021   -12.666 1.00 18.36 ? 79  HIS A CB  1 
ATOM   235  C  CG  . HIS A 1 27  ? 8.084   2.385   -13.580 1.00 20.17 ? 79  HIS A CG  1 
ATOM   236  N  ND1 . HIS A 1 27  ? 9.257   2.974   -13.147 1.00 26.19 ? 79  HIS A ND1 1 
ATOM   237  C  CD2 . HIS A 1 27  ? 8.176   2.273   -14.919 1.00 21.01 ? 79  HIS A CD2 1 
ATOM   238  C  CE1 . HIS A 1 27  ? 10.027  3.215   -14.196 1.00 22.41 ? 79  HIS A CE1 1 
ATOM   239  N  NE2 . HIS A 1 27  ? 9.383   2.827   -15.285 1.00 27.03 ? 79  HIS A NE2 1 
ATOM   240  N  N   . ASP A 1 28  ? 3.644   1.593   -12.878 1.00 17.40 ? 80  ASP A N   1 
ATOM   241  C  CA  . ASP A 1 28  ? 2.477   1.053   -12.219 1.00 18.16 ? 80  ASP A CA  1 
ATOM   242  C  C   . ASP A 1 28  ? 2.893   0.071   -11.134 1.00 18.00 ? 80  ASP A C   1 
ATOM   243  O  O   . ASP A 1 28  ? 3.765   -0.805  -11.380 1.00 18.30 ? 80  ASP A O   1 
ATOM   244  C  CB  . ASP A 1 28  ? 1.577   0.351   -13.247 1.00 19.38 ? 80  ASP A CB  1 
ATOM   245  C  CG  . ASP A 1 28  ? 0.875   1.316   -14.190 1.00 22.54 ? 80  ASP A CG  1 
ATOM   246  O  OD1 . ASP A 1 28  ? 0.292   0.826   -15.141 1.00 23.57 ? 80  ASP A OD1 1 
ATOM   247  O  OD2 . ASP A 1 28  ? 0.884   2.562   -14.034 1.00 18.80 ? 80  ASP A OD2 1 
ATOM   248  N  N   . GLY A 1 29  ? 2.186   0.115   -10.013 1.00 15.35 ? 81  GLY A N   1 
ATOM   249  C  CA  . GLY A 1 29  ? 2.548   -0.649  -8.835  1.00 15.75 ? 81  GLY A CA  1 
ATOM   250  C  C   . GLY A 1 29  ? 3.396   0.101   -7.800  1.00 15.72 ? 81  GLY A C   1 
ATOM   251  O  O   . GLY A 1 29  ? 3.501   -0.355  -6.694  1.00 15.51 ? 81  GLY A O   1 
ATOM   252  N  N   . ALA A 1 30  ? 4.018   1.218   -8.185  1.00 15.77 ? 82  ALA A N   1 
ATOM   253  C  CA  . ALA A 1 30  ? 4.782   2.000   -7.241  1.00 15.70 ? 82  ALA A CA  1 
ATOM   254  C  C   . ALA A 1 30  ? 3.788   2.290   -6.093  1.00 14.83 ? 82  ALA A C   1 
ATOM   255  O  O   . ALA A 1 30  ? 2.637   2.556   -6.350  1.00 16.50 ? 82  ALA A O   1 
ATOM   256  C  CB  . ALA A 1 30  ? 5.284   3.303   -7.926  1.00 15.22 ? 82  ALA A CB  1 
ATOM   257  N  N   . PHE A 1 31  ? 4.223   2.260   -4.839  1.00 15.30 ? 83  PHE A N   1 
ATOM   258  C  CA  . PHE A 1 31  ? 3.261   2.260   -3.737  1.00 15.28 ? 83  PHE A CA  1 
ATOM   259  C  C   . PHE A 1 31  ? 3.883   2.775   -2.446  1.00 14.78 ? 83  PHE A C   1 
ATOM   260  O  O   . PHE A 1 31  ? 5.137   2.867   -2.304  1.00 15.84 ? 83  PHE A O   1 
ATOM   261  C  CB  . PHE A 1 31  ? 2.765   0.789   -3.440  1.00 15.52 ? 83  PHE A CB  1 
ATOM   262  C  CG  . PHE A 1 31  ? 3.778   -0.047  -2.692  1.00 16.97 ? 83  PHE A CG  1 
ATOM   263  C  CD1 . PHE A 1 31  ? 3.648   -0.264  -1.312  1.00 16.88 ? 83  PHE A CD1 1 
ATOM   264  C  CD2 . PHE A 1 31  ? 4.855   -0.657  -3.368  1.00 17.41 ? 83  PHE A CD2 1 
ATOM   265  C  CE1 . PHE A 1 31  ? 4.601   -1.064  -0.592  1.00 12.33 ? 83  PHE A CE1 1 
ATOM   266  C  CE2 . PHE A 1 31  ? 5.775   -1.403  -2.687  1.00 14.74 ? 83  PHE A CE2 1 
ATOM   267  C  CZ  . PHE A 1 31  ? 5.653   -1.626  -1.308  1.00 14.38 ? 83  PHE A CZ  1 
ATOM   268  N  N   . LEU A 1 32  ? 2.978   2.983   -1.499  1.00 13.83 ? 84  LEU A N   1 
ATOM   269  C  CA  . LEU A 1 32  ? 3.327   3.270   -0.103  1.00 14.12 ? 84  LEU A CA  1 
ATOM   270  C  C   . LEU A 1 32  ? 2.256   2.767   0.870   1.00 12.99 ? 84  LEU A C   1 
ATOM   271  O  O   . LEU A 1 32  ? 1.073   2.616   0.450   1.00 15.37 ? 84  LEU A O   1 
ATOM   272  C  CB  . LEU A 1 32  ? 3.525   4.794   0.060   1.00 13.66 ? 84  LEU A CB  1 
ATOM   273  C  CG  . LEU A 1 32  ? 2.352   5.708   -0.256  1.00 15.27 ? 84  LEU A CG  1 
ATOM   274  C  CD1 . LEU A 1 32  ? 1.541   5.908   0.980   1.00 18.44 ? 84  LEU A CD1 1 
ATOM   275  C  CD2 . LEU A 1 32  ? 3.004   7.034   -0.642  1.00 18.82 ? 84  LEU A CD2 1 
ATOM   276  N  N   . ILE A 1 33  ? 2.662   2.531   2.119   1.00 13.19 ? 85  ILE A N   1 
ATOM   277  C  CA  . ILE A 1 33  ? 1.773   2.247   3.259   1.00 12.73 ? 85  ILE A CA  1 
ATOM   278  C  C   . ILE A 1 33  ? 1.790   3.539   4.079   1.00 13.47 ? 85  ILE A C   1 
ATOM   279  O  O   . ILE A 1 33  ? 2.867   4.091   4.318   1.00 14.82 ? 85  ILE A O   1 
ATOM   280  C  CB  . ILE A 1 33  ? 2.324   1.125   4.121   1.00 13.03 ? 85  ILE A CB  1 
ATOM   281  C  CG1 . ILE A 1 33  ? 2.209   -0.232  3.320   1.00 13.34 ? 85  ILE A CG1 1 
ATOM   282  C  CG2 . ILE A 1 33  ? 1.563   1.017   5.482   1.00 13.23 ? 85  ILE A CG2 1 
ATOM   283  C  CD1 . ILE A 1 33  ? 0.760   -0.803  3.298   1.00 16.00 ? 85  ILE A CD1 1 
ATOM   284  N  N   . ARG A 1 34  ? 0.607   4.003   4.423   1.00 14.32 ? 86  ARG A N   1 
ATOM   285  C  CA  . ARG A 1 34  ? 0.436   5.154   5.296   1.00 15.09 ? 86  ARG A CA  1 
ATOM   286  C  C   . ARG A 1 34  ? -0.517  4.784   6.428   1.00 16.01 ? 86  ARG A C   1 
ATOM   287  O  O   . ARG A 1 34  ? -1.223  3.742   6.408   1.00 16.02 ? 86  ARG A O   1 
ATOM   288  C  CB  . ARG A 1 34  ? -0.118  6.323   4.469   1.00 12.63 ? 86  ARG A CB  1 
ATOM   289  C  CG  . ARG A 1 34  ? -1.449  6.047   3.715   1.00 13.06 ? 86  ARG A CG  1 
ATOM   290  C  CD  . ARG A 1 34  ? -1.811  7.191   2.761   1.00 13.66 ? 86  ARG A CD  1 
ATOM   291  N  NE  . ARG A 1 34  ? -2.964  6.792   1.979   1.00 15.38 ? 86  ARG A NE  1 
ATOM   292  C  CZ  . ARG A 1 34  ? -4.232  6.750   2.411   1.00 13.99 ? 86  ARG A CZ  1 
ATOM   293  N  NH1 . ARG A 1 34  ? -4.610  7.293   3.582   1.00 17.88 ? 86  ARG A NH1 1 
ATOM   294  N  NH2 . ARG A 1 34  ? -5.163  6.290   1.597   1.00 12.35 ? 86  ARG A NH2 1 
ATOM   295  N  N   . GLU A 1 35  ? -0.597  5.660   7.416   1.00 16.25 ? 87  GLU A N   1 
ATOM   296  C  CA  . GLU A 1 35  ? -1.447  5.458   8.578   1.00 16.75 ? 87  GLU A CA  1 
ATOM   297  C  C   . GLU A 1 35  ? -2.659  6.339   8.301   1.00 17.54 ? 87  GLU A C   1 
ATOM   298  O  O   . GLU A 1 35  ? -2.463  7.559   8.109   1.00 17.31 ? 87  GLU A O   1 
ATOM   299  C  CB  . GLU A 1 35  ? -0.629  5.914   9.828   1.00 17.23 ? 87  GLU A CB  1 
ATOM   300  C  CG  . GLU A 1 35  ? 0.673   5.117   10.025  1.00 15.87 ? 87  GLU A CG  1 
ATOM   301  C  CD  . GLU A 1 35  ? 1.249   5.311   11.401  1.00 14.74 ? 87  GLU A CD  1 
ATOM   302  O  OE1 . GLU A 1 35  ? 0.675   4.777   12.370  1.00 18.18 ? 87  GLU A OE1 1 
ATOM   303  O  OE2 . GLU A 1 35  ? 2.221   6.107   11.500  1.00 17.15 ? 87  GLU A OE2 1 
ATOM   304  N  N   . SER A 1 36  ? -3.854  5.742   8.221   1.00 15.42 ? 88  SER A N   1 
ATOM   305  C  CA  . SER A 1 36  ? -5.074  6.415   7.762   1.00 15.74 ? 88  SER A CA  1 
ATOM   306  C  C   . SER A 1 36  ? -5.380  7.578   8.734   1.00 15.97 ? 88  SER A C   1 
ATOM   307  O  O   . SER A 1 36  ? -5.275  7.404   9.929   1.00 16.10 ? 88  SER A O   1 
ATOM   308  C  CB  . SER A 1 36  ? -6.294  5.505   7.774   1.00 15.10 ? 88  SER A CB  1 
ATOM   309  O  OG  . SER A 1 36  ? -7.458  6.267   7.377   1.00 16.06 ? 88  SER A OG  1 
ATOM   310  N  N   . GLU A 1 37  ? -5.757  8.709   8.189   1.00 17.52 ? 89  GLU A N   1 
ATOM   311  C  CA  . GLU A 1 37  ? -6.273  9.788   9.039   1.00 20.18 ? 89  GLU A CA  1 
ATOM   312  C  C   . GLU A 1 37  ? -7.782  9.617   9.291   1.00 20.64 ? 89  GLU A C   1 
ATOM   313  O  O   . GLU A 1 37  ? -8.300  10.041  10.352  1.00 22.00 ? 89  GLU A O   1 
ATOM   314  C  CB  . GLU A 1 37  ? -5.975  11.139  8.411   1.00 20.55 ? 89  GLU A CB  1 
ATOM   315  C  CG  . GLU A 1 37  ? -4.544  11.393  8.206   1.00 19.60 ? 89  GLU A CG  1 
ATOM   316  C  CD  . GLU A 1 37  ? -4.329  12.817  7.731   1.00 26.39 ? 89  GLU A CD  1 
ATOM   317  O  OE1 . GLU A 1 37  ? -3.583  13.539  8.403   1.00 27.73 ? 89  GLU A OE1 1 
ATOM   318  O  OE2 . GLU A 1 37  ? -4.927  13.239  6.722   1.00 26.08 ? 89  GLU A OE2 1 
ATOM   319  N  N   . SER A 1 38  ? -8.489  8.996   8.365   1.00 21.71 ? 90  SER A N   1 
ATOM   320  C  CA  . SER A 1 38  ? -9.964  8.856   8.532   1.00 22.21 ? 90  SER A CA  1 
ATOM   321  C  C   . SER A 1 38  ? -10.319 7.677   9.441   1.00 23.31 ? 90  SER A C   1 
ATOM   322  O  O   . SER A 1 38  ? -11.376 7.640   10.092  1.00 20.89 ? 90  SER A O   1 
ATOM   323  C  CB  . SER A 1 38  ? -10.647 8.752   7.165   1.00 22.68 ? 90  SER A CB  1 
ATOM   324  O  OG  . SER A 1 38  ? -10.273 7.526   6.554   1.00 22.00 ? 90  SER A OG  1 
ATOM   325  N  N   . ALA A 1 39  ? -9.418  6.715   9.551   1.00 22.82 ? 91  ALA A N   1 
ATOM   326  C  CA  . ALA A 1 39  ? -9.664  5.585   10.433  1.00 22.89 ? 91  ALA A CA  1 
ATOM   327  C  C   . ALA A 1 39  ? -8.409  5.449   11.274  1.00 22.61 ? 91  ALA A C   1 
ATOM   328  O  O   . ALA A 1 39  ? -7.580  4.582   10.996  1.00 22.29 ? 91  ALA A O   1 
ATOM   329  C  CB  . ALA A 1 39  ? -9.892  4.353   9.555   1.00 23.49 ? 91  ALA A CB  1 
ATOM   330  N  N   . PRO A 1 40  ? -8.208  6.328   12.302  1.00 23.37 ? 92  PRO A N   1 
ATOM   331  C  CA  . PRO A 1 40  ? -6.962  6.247   13.082  1.00 22.62 ? 92  PRO A CA  1 
ATOM   332  C  C   . PRO A 1 40  ? -6.667  4.846   13.673  1.00 22.36 ? 92  PRO A C   1 
ATOM   333  O  O   . PRO A 1 40  ? -7.579  4.187   14.201  1.00 21.97 ? 92  PRO A O   1 
ATOM   334  C  CB  . PRO A 1 40  ? -7.179  7.252   14.248  1.00 23.73 ? 92  PRO A CB  1 
ATOM   335  C  CG  . PRO A 1 40  ? -8.243  8.102   13.853  1.00 24.45 ? 92  PRO A CG  1 
ATOM   336  C  CD  . PRO A 1 40  ? -9.000  7.526   12.673  1.00 23.44 ? 92  PRO A CD  1 
ATOM   337  N  N   . GLY A 1 41  ? -5.414  4.396   13.541  1.00 20.00 ? 93  GLY A N   1 
ATOM   338  C  CA  . GLY A 1 41  ? -4.985  3.070   14.057  1.00 20.15 ? 93  GLY A CA  1 
ATOM   339  C  C   . GLY A 1 41  ? -5.041  2.023   12.933  1.00 20.25 ? 93  GLY A C   1 
ATOM   340  O  O   . GLY A 1 41  ? -4.529  0.903   13.070  1.00 21.50 ? 93  GLY A O   1 
ATOM   341  N  N   . ASP A 1 42  ? -5.619  2.392   11.796  1.00 19.18 ? 94  ASP A N   1 
ATOM   342  C  CA  . ASP A 1 42  ? -5.626  1.499   10.587  1.00 17.77 ? 94  ASP A CA  1 
ATOM   343  C  C   . ASP A 1 42  ? -4.636  1.979   9.533   1.00 16.82 ? 94  ASP A C   1 
ATOM   344  O  O   . ASP A 1 42  ? -4.344  3.177   9.399   1.00 15.18 ? 94  ASP A O   1 
ATOM   345  C  CB  . ASP A 1 42  ? -7.010  1.450   9.928   1.00 17.78 ? 94  ASP A CB  1 
ATOM   346  C  CG  . ASP A 1 42  ? -8.004  0.626   10.730  1.00 23.04 ? 94  ASP A CG  1 
ATOM   347  O  OD1 . ASP A 1 42  ? -7.676  0.137   11.825  1.00 31.29 ? 94  ASP A OD1 1 
ATOM   348  O  OD2 . ASP A 1 42  ? -9.093  0.413   10.215  1.00 33.79 ? 94  ASP A OD2 1 
ATOM   349  N  N   . PHE A 1 43  ? -4.114  1.037   8.760   1.00 15.52 ? 95  PHE A N   1 
ATOM   350  C  CA  . PHE A 1 43  ? -3.246  1.425   7.679   1.00 14.89 ? 95  PHE A CA  1 
ATOM   351  C  C   . PHE A 1 43  ? -3.980  1.423   6.390   1.00 12.94 ? 95  PHE A C   1 
ATOM   352  O  O   . PHE A 1 43  ? -4.974  0.697   6.262   1.00 15.01 ? 95  PHE A O   1 
ATOM   353  C  CB  . PHE A 1 43  ? -2.062  0.436   7.602   1.00 14.28 ? 95  PHE A CB  1 
ATOM   354  C  CG  . PHE A 1 43  ? -1.253  0.438   8.862   1.00 13.54 ? 95  PHE A CG  1 
ATOM   355  C  CD1 . PHE A 1 43  ? -1.491  -0.508  9.878   1.00 14.60 ? 95  PHE A CD1 1 
ATOM   356  C  CD2 . PHE A 1 43  ? -0.225  1.376   9.049   1.00 13.18 ? 95  PHE A CD2 1 
ATOM   357  C  CE1 . PHE A 1 43  ? -0.741  -0.432  11.068  1.00 16.69 ? 95  PHE A CE1 1 
ATOM   358  C  CE2 . PHE A 1 43  ? 0.464   1.417   10.238  1.00 14.46 ? 95  PHE A CE2 1 
ATOM   359  C  CZ  . PHE A 1 43  ? 0.228   0.544   11.220  1.00 12.55 ? 95  PHE A CZ  1 
ATOM   360  N  N   . SER A 1 44  ? -3.446  2.190   5.418   1.00 15.05 ? 96  SER A N   1 
ATOM   361  C  CA  . SER A 1 44  ? -3.914  2.178   4.037   1.00 14.26 ? 96  SER A CA  1 
ATOM   362  C  C   . SER A 1 44  ? -2.729  1.963   3.113   1.00 14.95 ? 96  SER A C   1 
ATOM   363  O  O   . SER A 1 44  ? -1.599  2.367   3.385   1.00 14.95 ? 96  SER A O   1 
ATOM   364  C  CB  . SER A 1 44  ? -4.635  3.496   3.686   1.00 14.91 ? 96  SER A CB  1 
ATOM   365  O  OG  . SER A 1 44  ? -5.755  3.651   4.548   1.00 16.27 ? 96  SER A OG  1 
ATOM   366  N  N   . LEU A 1 45  ? -3.023  1.322   1.990   1.00 14.31 ? 97  LEU A N   1 
ATOM   367  C  CA  . LEU A 1 45  ? -2.060  1.116   0.902   1.00 14.74 ? 97  LEU A CA  1 
ATOM   368  C  C   . LEU A 1 45  ? -2.467  1.960   -0.312  1.00 14.60 ? 97  LEU A C   1 
ATOM   369  O  O   . LEU A 1 45  ? -3.623  1.860   -0.824  1.00 15.61 ? 97  LEU A O   1 
ATOM   370  C  CB  . LEU A 1 45  ? -2.075  -0.426  0.596   1.00 13.01 ? 97  LEU A CB  1 
ATOM   371  C  CG  . LEU A 1 45  ? -1.370  -0.769  -0.693  1.00 16.22 ? 97  LEU A CG  1 
ATOM   372  C  CD1 . LEU A 1 45  ? 0.099   -0.713  -0.572  1.00 17.67 ? 97  LEU A CD1 1 
ATOM   373  C  CD2 . LEU A 1 45  ? -1.703  -2.295  -0.993  1.00 15.33 ? 97  LEU A CD2 1 
ATOM   374  N  N   . SER A 1 46  ? -1.563  2.796   -0.819  1.00 15.64 ? 98  SER A N   1 
ATOM   375  C  CA  . SER A 1 46  ? -1.864  3.601   -1.999  1.00 14.27 ? 98  SER A CA  1 
ATOM   376  C  C   . SER A 1 46  ? -0.914  3.202   -3.122  1.00 14.70 ? 98  SER A C   1 
ATOM   377  O  O   . SER A 1 46  ? 0.278   3.056   -2.856  1.00 14.99 ? 98  SER A O   1 
ATOM   378  C  CB  . SER A 1 46  ? -1.675  5.113   -1.671  1.00 15.82 ? 98  SER A CB  1 
ATOM   379  O  OG  . SER A 1 46  ? -2.462  5.428   -0.571  1.00 13.06 ? 98  SER A OG  1 
ATOM   380  N  N   . VAL A 1 47  ? -1.443  3.057   -4.337  1.00 13.64 ? 99  VAL A N   1 
ATOM   381  C  CA  . VAL A 1 47  ? -0.708  2.428   -5.451  1.00 14.65 ? 99  VAL A CA  1 
ATOM   382  C  C   . VAL A 1 47  ? -0.984  3.175   -6.755  1.00 14.40 ? 99  VAL A C   1 
ATOM   383  O  O   . VAL A 1 47  ? -2.153  3.416   -7.115  1.00 16.81 ? 99  VAL A O   1 
ATOM   384  C  CB  . VAL A 1 47  ? -1.150  0.971   -5.607  1.00 14.13 ? 99  VAL A CB  1 
ATOM   385  C  CG1 . VAL A 1 47  ? -0.155  0.280   -6.620  1.00 13.84 ? 99  VAL A CG1 1 
ATOM   386  C  CG2 . VAL A 1 47  ? -1.171  0.240   -4.266  1.00 18.33 ? 99  VAL A CG2 1 
ATOM   387  N  N   . LYS A 1 48  ? 0.102   3.532   -7.474  1.00 15.95 ? 100 LYS A N   1 
ATOM   388  C  CA  . LYS A 1 48  ? 0.046   4.127   -8.793  1.00 15.92 ? 100 LYS A CA  1 
ATOM   389  C  C   . LYS A 1 48  ? -0.486  3.150   -9.818  1.00 18.54 ? 100 LYS A C   1 
ATOM   390  O  O   . LYS A 1 48  ? 0.032   2.049   -9.909  1.00 17.66 ? 100 LYS A O   1 
ATOM   391  C  CB  . LYS A 1 48  ? 1.412   4.640   -9.265  1.00 17.12 ? 100 LYS A CB  1 
ATOM   392  C  CG  . LYS A 1 48  ? 1.233   5.387   -10.645 1.00 20.06 ? 100 LYS A CG  1 
ATOM   393  C  CD  . LYS A 1 48  ? 2.458   5.478   -11.417 1.00 29.90 ? 100 LYS A CD  1 
ATOM   394  C  CE  . LYS A 1 48  ? 2.138   6.095   -12.818 1.00 31.31 ? 100 LYS A CE  1 
ATOM   395  N  NZ  . LYS A 1 48  ? 1.435   7.341   -12.769 1.00 28.22 ? 100 LYS A NZ  1 
ATOM   396  N  N   . PHE A 1 49  ? -1.552  3.533   -10.503 1.00 18.68 ? 101 PHE A N   1 
ATOM   397  C  CA  . PHE A 1 49  ? -1.957  2.797   -11.715 1.00 21.17 ? 101 PHE A CA  1 
ATOM   398  C  C   . PHE A 1 49  ? -2.422  3.736   -12.845 1.00 22.20 ? 101 PHE A C   1 
ATOM   399  O  O   . PHE A 1 49  ? -3.535  4.296   -12.778 1.00 22.84 ? 101 PHE A O   1 
ATOM   400  C  CB  . PHE A 1 49  ? -3.049  1.786   -11.387 1.00 20.71 ? 101 PHE A CB  1 
ATOM   401  C  CG  . PHE A 1 49  ? -3.426  0.966   -12.603 1.00 22.53 ? 101 PHE A CG  1 
ATOM   402  C  CD1 . PHE A 1 49  ? -4.609  1.234   -13.306 1.00 25.11 ? 101 PHE A CD1 1 
ATOM   403  C  CD2 . PHE A 1 49  ? -2.527  0.015   -13.087 1.00 22.72 ? 101 PHE A CD2 1 
ATOM   404  C  CE1 . PHE A 1 49  ? -4.955  0.497   -14.486 1.00 27.42 ? 101 PHE A CE1 1 
ATOM   405  C  CE2 . PHE A 1 49  ? -2.867  -0.727  -14.238 1.00 26.49 ? 101 PHE A CE2 1 
ATOM   406  C  CZ  . PHE A 1 49  ? -4.081  -0.480  -14.917 1.00 24.47 ? 101 PHE A CZ  1 
ATOM   407  N  N   . GLY A 1 50  ? -1.541  3.954   -13.828 1.00 24.40 ? 102 GLY A N   1 
ATOM   408  C  CA  . GLY A 1 50  ? -1.825  4.762   -15.014 1.00 26.26 ? 102 GLY A CA  1 
ATOM   409  C  C   . GLY A 1 50  ? -1.981  6.189   -14.542 1.00 27.20 ? 102 GLY A C   1 
ATOM   410  O  O   . GLY A 1 50  ? -1.149  6.695   -13.774 1.00 28.11 ? 102 GLY A O   1 
ATOM   411  N  N   . ASN A 1 51  ? -3.125  6.763   -14.883 1.00 27.87 ? 103 ASN A N   1 
ATOM   412  C  CA  . ASN A 1 51  ? -3.389  8.143   -14.502 1.00 29.32 ? 103 ASN A CA  1 
ATOM   413  C  C   . ASN A 1 51  ? -4.106  8.201   -13.183 1.00 27.71 ? 103 ASN A C   1 
ATOM   414  O  O   . ASN A 1 51  ? -4.595  9.265   -12.772 1.00 28.46 ? 103 ASN A O   1 
ATOM   415  C  CB  . ASN A 1 51  ? -4.250  8.809   -15.588 1.00 32.11 ? 103 ASN A CB  1 
ATOM   416  C  CG  . ASN A 1 51  ? -3.781  8.451   -17.016 1.00 36.39 ? 103 ASN A CG  1 
ATOM   417  O  OD1 . ASN A 1 51  ? -4.506  7.763   -17.761 1.00 41.05 ? 103 ASN A OD1 1 
ATOM   418  N  ND2 . ASN A 1 51  ? -2.551  8.873   -17.374 1.00 38.02 ? 103 ASN A ND2 1 
ATOM   419  N  N   . ASP A 1 52  ? -4.163  7.090   -12.455 1.00 25.55 ? 104 ASP A N   1 
ATOM   420  C  CA  A ASP A 1 52  ? -4.911  7.048   -11.210 0.50 24.78 ? 104 ASP A CA  1 
ATOM   421  C  CA  B ASP A 1 52  ? -4.902  7.098   -11.212 0.50 25.21 ? 104 ASP A CA  1 
ATOM   422  C  C   . ASP A 1 52  ? -3.995  6.670   -10.056 1.00 23.24 ? 104 ASP A C   1 
ATOM   423  O  O   . ASP A 1 52  ? -2.865  6.203   -10.263 1.00 21.00 ? 104 ASP A O   1 
ATOM   424  C  CB  A ASP A 1 52  ? -6.025  6.001   -11.282 0.50 25.43 ? 104 ASP A CB  1 
ATOM   425  C  CB  B ASP A 1 52  ? -6.113  6.166   -11.329 0.50 26.49 ? 104 ASP A CB  1 
ATOM   426  C  CG  A ASP A 1 52  ? -7.114  6.375   -12.243 0.50 26.96 ? 104 ASP A CG  1 
ATOM   427  C  CG  B ASP A 1 52  ? -7.216  6.506   -10.349 0.50 29.47 ? 104 ASP A CG  1 
ATOM   428  O  OD1 A ASP A 1 52  ? -7.462  7.582   -12.317 0.50 27.61 ? 104 ASP A OD1 1 
ATOM   429  O  OD1 B ASP A 1 52  ? -7.161  7.583   -9.695  0.50 35.02 ? 104 ASP A OD1 1 
ATOM   430  O  OD2 A ASP A 1 52  ? -7.625  5.456   -12.904 0.50 24.81 ? 104 ASP A OD2 1 
ATOM   431  O  OD2 B ASP A 1 52  ? -8.153  5.687   -10.233 0.50 34.84 ? 104 ASP A OD2 1 
ATOM   432  N  N   . VAL A 1 53  ? -4.467  6.888   -8.841  1.00 20.26 ? 105 VAL A N   1 
ATOM   433  C  CA  . VAL A 1 53  ? -3.840  6.262   -7.648  1.00 18.60 ? 105 VAL A CA  1 
ATOM   434  C  C   . VAL A 1 53  ? -4.957  5.486   -6.975  1.00 18.97 ? 105 VAL A C   1 
ATOM   435  O  O   . VAL A 1 53  ? -6.053  6.044   -6.707  1.00 19.33 ? 105 VAL A O   1 
ATOM   436  C  CB  . VAL A 1 53  ? -3.170  7.311   -6.685  1.00 16.33 ? 105 VAL A CB  1 
ATOM   437  C  CG1 . VAL A 1 53  ? -2.737  6.663   -5.344  1.00 16.89 ? 105 VAL A CG1 1 
ATOM   438  C  CG2 . VAL A 1 53  ? -2.060  7.982   -7.383  1.00 17.05 ? 105 VAL A CG2 1 
ATOM   439  N  N   . GLN A 1 54  ? -4.754  4.190   -6.733  1.00 15.49 ? 106 GLN A N   1 
ATOM   440  C  CA  . GLN A 1 54  ? -5.734  3.386   -6.083  1.00 16.55 ? 106 GLN A CA  1 
ATOM   441  C  C   . GLN A 1 54  ? -5.386  3.285   -4.596  1.00 15.47 ? 106 GLN A C   1 
ATOM   442  O  O   . GLN A 1 54  ? -4.192  3.113   -4.180  1.00 17.52 ? 106 GLN A O   1 
ATOM   443  C  CB  . GLN A 1 54  ? -5.789  1.932   -6.698  1.00 15.96 ? 106 GLN A CB  1 
ATOM   444  C  CG  . GLN A 1 54  ? -6.233  2.003   -8.169  1.00 18.39 ? 106 GLN A CG  1 
ATOM   445  C  CD  . GLN A 1 54  ? -6.332  0.667   -8.882  1.00 21.70 ? 106 GLN A CD  1 
ATOM   446  O  OE1 . GLN A 1 54  ? -6.589  0.638   -10.104 1.00 24.59 ? 106 GLN A OE1 1 
ATOM   447  N  NE2 . GLN A 1 54  ? -6.153  -0.408  -8.158  1.00 17.43 ? 106 GLN A NE2 1 
ATOM   448  N  N   . HIS A 1 55  ? -6.436  3.297   -3.778  1.00 15.44 ? 107 HIS A N   1 
ATOM   449  C  CA  . HIS A 1 55  ? -6.286  3.074   -2.317  1.00 15.69 ? 107 HIS A CA  1 
ATOM   450  C  C   . HIS A 1 55  ? -6.934  1.802   -1.824  1.00 14.72 ? 107 HIS A C   1 
ATOM   451  O  O   . HIS A 1 55  ? -8.050  1.492   -2.202  1.00 16.50 ? 107 HIS A O   1 
ATOM   452  C  CB  . HIS A 1 55  ? -6.886  4.229   -1.539  1.00 17.04 ? 107 HIS A CB  1 
ATOM   453  C  CG  . HIS A 1 55  ? -6.341  5.548   -1.991  1.00 16.67 ? 107 HIS A CG  1 
ATOM   454  N  ND1 . HIS A 1 55  ? -5.164  6.060   -1.500  1.00 17.29 ? 107 HIS A ND1 1 
ATOM   455  C  CD2 . HIS A 1 55  ? -6.754  6.394   -2.952  1.00 15.62 ? 107 HIS A CD2 1 
ATOM   456  C  CE1 . HIS A 1 55  ? -4.893  7.205   -2.109  1.00 14.40 ? 107 HIS A CE1 1 
ATOM   457  N  NE2 . HIS A 1 55  ? -5.853  7.432   -2.997  1.00 14.90 ? 107 HIS A NE2 1 
ATOM   458  N  N   . PHE A 1 56  ? -6.256  1.069   -0.936  1.00 17.20 ? 108 PHE A N   1 
ATOM   459  C  CA  . PHE A 1 56  ? -6.807  -0.147  -0.327  1.00 16.20 ? 108 PHE A CA  1 
ATOM   460  C  C   . PHE A 1 56  ? -6.738  -0.061  1.176   1.00 17.15 ? 108 PHE A C   1 
ATOM   461  O  O   . PHE A 1 56  ? -5.784  0.429   1.708   1.00 17.63 ? 108 PHE A O   1 
ATOM   462  C  CB  . PHE A 1 56  ? -5.991  -1.410  -0.725  1.00 17.96 ? 108 PHE A CB  1 
ATOM   463  C  CG  . PHE A 1 56  ? -5.877  -1.596  -2.220  1.00 16.94 ? 108 PHE A CG  1 
ATOM   464  C  CD1 . PHE A 1 56  ? -4.935  -0.878  -2.982  1.00 18.18 ? 108 PHE A CD1 1 
ATOM   465  C  CD2 . PHE A 1 56  ? -6.744  -2.446  -2.866  1.00 19.91 ? 108 PHE A CD2 1 
ATOM   466  C  CE1 . PHE A 1 56  ? -4.881  -0.983  -4.403  1.00 17.43 ? 108 PHE A CE1 1 
ATOM   467  C  CE2 . PHE A 1 56  ? -6.665  -2.575  -4.267  1.00 19.01 ? 108 PHE A CE2 1 
ATOM   468  C  CZ  . PHE A 1 56  ? -5.748  -1.876  -5.018  1.00 18.58 ? 108 PHE A CZ  1 
ATOM   469  N  N   . LYS A 1 57  ? -7.771  -0.552  1.868   1.00 16.87 ? 109 LYS A N   1 
ATOM   470  C  CA  . LYS A 1 57  ? -7.731  -0.650  3.328   1.00 16.90 ? 109 LYS A CA  1 
ATOM   471  C  C   . LYS A 1 57  ? -6.868  -1.826  3.674   1.00 16.85 ? 109 LYS A C   1 
ATOM   472  O  O   . LYS A 1 57  ? -6.984  -2.870  3.018   1.00 15.27 ? 109 LYS A O   1 
ATOM   473  C  CB  . LYS A 1 57  ? -9.110  -0.944  3.888   1.00 17.68 ? 109 LYS A CB  1 
ATOM   474  C  CG  . LYS A 1 57  ? -10.093 0.020   3.507   1.00 18.61 ? 109 LYS A CG  1 
ATOM   475  C  CD  . LYS A 1 57  ? -11.441 -0.318  4.227   1.00 20.20 ? 109 LYS A CD  1 
ATOM   476  C  CE  . LYS A 1 57  ? -12.224 -1.392  3.479   1.00 24.71 ? 109 LYS A CE  1 
ATOM   477  N  NZ  . LYS A 1 57  ? -13.577 -1.692  4.074   1.00 25.07 ? 109 LYS A NZ  1 
ATOM   478  N  N   . VAL A 1 58  ? -5.972  -1.646  4.616   1.00 14.52 ? 110 VAL A N   1 
ATOM   479  C  CA  . VAL A 1 58  ? -5.324  -2.806  5.230   1.00 16.02 ? 110 VAL A CA  1 
ATOM   480  C  C   . VAL A 1 58  ? -6.227  -3.365  6.327   1.00 17.82 ? 110 VAL A C   1 
ATOM   481  O  O   . VAL A 1 58  ? -6.449  -2.710  7.382   1.00 19.11 ? 110 VAL A O   1 
ATOM   482  C  CB  . VAL A 1 58  ? -3.878  -2.514  5.707   1.00 15.31 ? 110 VAL A CB  1 
ATOM   483  C  CG1 . VAL A 1 58  ? -3.252  -3.776  6.415   1.00 13.26 ? 110 VAL A CG1 1 
ATOM   484  C  CG2 . VAL A 1 58  ? -2.976  -2.080  4.526   1.00 13.83 ? 110 VAL A CG2 1 
ATOM   485  N  N   . LEU A 1 59  ? -6.792  -4.547  6.071   1.00 16.95 ? 111 LEU A N   1 
ATOM   486  C  CA  . LEU A 1 59  ? -7.816  -5.058  6.985   1.00 18.83 ? 111 LEU A CA  1 
ATOM   487  C  C   . LEU A 1 59  ? -7.145  -5.950  8.015   1.00 19.86 ? 111 LEU A C   1 
ATOM   488  O  O   . LEU A 1 59  ? -6.053  -6.522  7.732   1.00 19.30 ? 111 LEU A O   1 
ATOM   489  C  CB  . LEU A 1 59  ? -8.913  -5.807  6.215   1.00 17.84 ? 111 LEU A CB  1 
ATOM   490  C  CG  . LEU A 1 59  ? -9.585  -4.986  5.083   1.00 20.22 ? 111 LEU A CG  1 
ATOM   491  C  CD1 . LEU A 1 59  ? -10.468 -5.855  4.194   1.00 23.91 ? 111 LEU A CD1 1 
ATOM   492  C  CD2 . LEU A 1 59  ? -10.405 -3.912  5.799   1.00 20.23 ? 111 LEU A CD2 1 
ATOM   493  N  N   . ARG A 1 60  ? -7.777  -6.060  9.197   1.00 20.02 ? 112 ARG A N   1 
ATOM   494  C  CA  . ARG A 1 60  ? -7.302  -6.957  10.281  1.00 22.07 ? 112 ARG A CA  1 
ATOM   495  C  C   . ARG A 1 60  ? -8.279  -8.052  10.619  1.00 21.57 ? 112 ARG A C   1 
ATOM   496  O  O   . ARG A 1 60  ? -9.478  -7.821  10.610  1.00 22.77 ? 112 ARG A O   1 
ATOM   497  C  CB  . ARG A 1 60  ? -7.058  -6.204  11.597  1.00 23.43 ? 112 ARG A CB  1 
ATOM   498  C  CG  . ARG A 1 60  ? -6.175  -4.948  11.508  1.00 25.32 ? 112 ARG A CG  1 
ATOM   499  C  CD  . ARG A 1 60  ? -4.816  -5.277  10.934  1.00 28.74 ? 112 ARG A CD  1 
ATOM   500  N  NE  . ARG A 1 60  ? -3.907  -5.824  11.943  1.00 30.28 ? 112 ARG A NE  1 
ATOM   501  C  CZ  . ARG A 1 60  ? -3.446  -5.158  13.009  1.00 31.47 ? 112 ARG A CZ  1 
ATOM   502  N  NH1 . ARG A 1 60  ? -3.865  -3.897  13.222  1.00 32.26 ? 112 ARG A NH1 1 
ATOM   503  N  NH2 . ARG A 1 60  ? -2.598  -5.767  13.868  1.00 24.45 ? 112 ARG A NH2 1 
ATOM   504  N  N   . ASP A 1 61  ? -7.767  -9.240  10.928  1.00 23.39 ? 113 ASP A N   1 
ATOM   505  C  CA  . ASP A 1 61  ? -8.619  -10.328 11.442  1.00 24.83 ? 113 ASP A CA  1 
ATOM   506  C  C   . ASP A 1 61  ? -8.775  -10.142 12.975  1.00 26.27 ? 113 ASP A C   1 
ATOM   507  O  O   . ASP A 1 61  ? -8.287  -9.125  13.530  1.00 24.81 ? 113 ASP A O   1 
ATOM   508  C  CB  . ASP A 1 61  ? -8.116  -11.715 10.960  1.00 24.04 ? 113 ASP A CB  1 
ATOM   509  C  CG  . ASP A 1 61  ? -6.961  -12.222 11.713  1.00 24.43 ? 113 ASP A CG  1 
ATOM   510  O  OD1 . ASP A 1 61  ? -6.429  -11.492 12.540  1.00 23.03 ? 113 ASP A OD1 1 
ATOM   511  O  OD2 . ASP A 1 61  ? -6.567  -13.417 11.516  1.00 23.11 ? 113 ASP A OD2 1 
ATOM   512  N  N   . GLY A 1 62  ? -9.458  -11.076 13.652  1.00 26.94 ? 114 GLY A N   1 
ATOM   513  C  CA  . GLY A 1 62  ? -9.558  -11.062 15.106  1.00 29.49 ? 114 GLY A CA  1 
ATOM   514  C  C   . GLY A 1 62  ? -8.256  -11.132 15.892  1.00 30.11 ? 114 GLY A C   1 
ATOM   515  O  O   . GLY A 1 62  ? -8.192  -10.645 17.022  1.00 31.97 ? 114 GLY A O   1 
ATOM   516  N  N   . ALA A 1 63  ? -7.232  -11.757 15.314  1.00 29.48 ? 115 ALA A N   1 
ATOM   517  C  CA  . ALA A 1 63  ? -5.931  -11.895 15.946  1.00 28.83 ? 115 ALA A CA  1 
ATOM   518  C  C   . ALA A 1 63  ? -4.954  -10.801 15.559  1.00 28.35 ? 115 ALA A C   1 
ATOM   519  O  O   . ALA A 1 63  ? -3.795  -10.861 15.941  1.00 31.32 ? 115 ALA A O   1 
ATOM   520  C  CB  . ALA A 1 63  ? -5.333  -13.284 15.616  1.00 29.01 ? 115 ALA A CB  1 
ATOM   521  N  N   . GLY A 1 64  ? -5.384  -9.805  14.805  1.00 27.22 ? 116 GLY A N   1 
ATOM   522  C  CA  . GLY A 1 64  ? -4.463  -8.754  14.364  1.00 25.52 ? 116 GLY A CA  1 
ATOM   523  C  C   . GLY A 1 64  ? -3.552  -9.055  13.178  1.00 24.26 ? 116 GLY A C   1 
ATOM   524  O  O   . GLY A 1 64  ? -2.589  -8.332  12.942  1.00 26.00 ? 116 GLY A O   1 
ATOM   525  N  N   . LYS A 1 65  ? -3.818  -10.135 12.435  1.00 22.24 ? 117 LYS A N   1 
ATOM   526  C  CA  A LYS A 1 65  ? -3.158  -10.390 11.152  0.50 20.21 ? 117 LYS A CA  1 
ATOM   527  C  CA  B LYS A 1 65  ? -3.132  -10.376 11.161  0.50 20.24 ? 117 LYS A CA  1 
ATOM   528  C  C   . LYS A 1 65  ? -3.660  -9.403  10.119  1.00 19.29 ? 117 LYS A C   1 
ATOM   529  O  O   . LYS A 1 65  ? -4.773  -8.893  10.247  1.00 21.79 ? 117 LYS A O   1 
ATOM   530  C  CB  A LYS A 1 65  ? -3.456  -11.828 10.707  0.50 19.72 ? 117 LYS A CB  1 
ATOM   531  C  CB  B LYS A 1 65  ? -3.309  -11.840 10.700  0.50 20.07 ? 117 LYS A CB  1 
ATOM   532  C  CG  A LYS A 1 65  ? -2.971  -12.832 11.757  0.50 20.21 ? 117 LYS A CG  1 
ATOM   533  C  CG  B LYS A 1 65  ? -2.462  -12.845 11.538  0.50 20.13 ? 117 LYS A CG  1 
ATOM   534  C  CD  A LYS A 1 65  ? -2.660  -14.191 11.171  0.50 20.13 ? 117 LYS A CD  1 
ATOM   535  C  CD  B LYS A 1 65  ? -1.921  -14.029 10.718  0.50 20.56 ? 117 LYS A CD  1 
ATOM   536  C  CE  A LYS A 1 65  ? -1.976  -15.067 12.195  0.50 23.43 ? 117 LYS A CE  1 
ATOM   537  C  CE  B LYS A 1 65  ? -1.467  -15.160 11.640  0.50 23.21 ? 117 LYS A CE  1 
ATOM   538  N  NZ  A LYS A 1 65  ? -2.894  -15.464 13.293  0.50 29.39 ? 117 LYS A NZ  1 
ATOM   539  N  NZ  B LYS A 1 65  ? -0.508  -16.104 10.978  0.50 23.47 ? 117 LYS A NZ  1 
ATOM   540  N  N   . TYR A 1 66  ? -2.850  -9.116  9.093   1.00 17.59 ? 118 TYR A N   1 
ATOM   541  C  CA  . TYR A 1 66  ? -3.164  -8.096  8.079   1.00 18.21 ? 118 TYR A CA  1 
ATOM   542  C  C   . TYR A 1 66  ? -3.510  -8.696  6.730   1.00 18.25 ? 118 TYR A C   1 
ATOM   543  O  O   . TYR A 1 66  ? -2.802  -9.645  6.296   1.00 19.45 ? 118 TYR A O   1 
ATOM   544  C  CB  . TYR A 1 66  ? -1.912  -7.285  7.844   1.00 18.02 ? 118 TYR A CB  1 
ATOM   545  C  CG  . TYR A 1 66  ? -1.398  -6.561  9.081   1.00 18.64 ? 118 TYR A CG  1 
ATOM   546  C  CD1 . TYR A 1 66  ? -0.408  -7.103  9.847   1.00 18.65 ? 118 TYR A CD1 1 
ATOM   547  C  CD2 . TYR A 1 66  ? -1.905  -5.251  9.421   1.00 18.79 ? 118 TYR A CD2 1 
ATOM   548  C  CE1 . TYR A 1 66  ? 0.101   -6.436  11.027  1.00 20.20 ? 118 TYR A CE1 1 
ATOM   549  C  CE2 . TYR A 1 66  ? -1.387  -4.591  10.563  1.00 18.95 ? 118 TYR A CE2 1 
ATOM   550  C  CZ  . TYR A 1 66  ? -0.356  -5.155  11.317  1.00 20.96 ? 118 TYR A CZ  1 
ATOM   551  O  OH  . TYR A 1 66  ? 0.161   -4.547  12.451  1.00 20.41 ? 118 TYR A OH  1 
ATOM   552  N  N   . PHE A 1 67  ? -4.487  -8.102  6.044   1.00 17.18 ? 119 PHE A N   1 
ATOM   553  C  CA  . PHE A 1 67  ? -4.854  -8.566  4.700   1.00 18.01 ? 119 PHE A CA  1 
ATOM   554  C  C   . PHE A 1 67  ? -5.489  -7.527  3.809   1.00 17.76 ? 119 PHE A C   1 
ATOM   555  O  O   . PHE A 1 67  ? -6.019  -6.544  4.318   1.00 18.46 ? 119 PHE A O   1 
ATOM   556  C  CB  . PHE A 1 67  ? -5.724  -9.850  4.783   1.00 16.66 ? 119 PHE A CB  1 
ATOM   557  C  CG  . PHE A 1 67  ? -7.107  -9.647  5.369   1.00 17.51 ? 119 PHE A CG  1 
ATOM   558  C  CD1 . PHE A 1 67  ? -8.216  -9.489  4.500   1.00 19.01 ? 119 PHE A CD1 1 
ATOM   559  C  CD2 . PHE A 1 67  ? -7.338  -9.646  6.726   1.00 19.63 ? 119 PHE A CD2 1 
ATOM   560  C  CE1 . PHE A 1 67  ? -9.497  -9.310  4.997   1.00 17.96 ? 119 PHE A CE1 1 
ATOM   561  C  CE2 . PHE A 1 67  ? -8.638  -9.479  7.231   1.00 19.63 ? 119 PHE A CE2 1 
ATOM   562  C  CZ  . PHE A 1 67  ? -9.698  -9.304  6.356   1.00 18.09 ? 119 PHE A CZ  1 
ATOM   563  N  N   . LEU A 1 68  ? -5.446  -7.732  2.468   1.00 17.36 ? 120 LEU A N   1 
ATOM   564  C  CA  . LEU A 1 68  ? -6.231  -6.857  1.597   1.00 16.36 ? 120 LEU A CA  1 
ATOM   565  C  C   . LEU A 1 68  ? -7.558  -7.526  1.192   1.00 18.80 ? 120 LEU A C   1 
ATOM   566  O  O   . LEU A 1 68  ? -8.623  -6.874  1.196   1.00 17.34 ? 120 LEU A O   1 
ATOM   567  C  CB  . LEU A 1 68  ? -5.442  -6.423  0.377   1.00 16.35 ? 120 LEU A CB  1 
ATOM   568  C  CG  . LEU A 1 68  ? -4.085  -5.803  0.636   1.00 13.88 ? 120 LEU A CG  1 
ATOM   569  C  CD1 . LEU A 1 68  ? -3.475  -5.474  -0.734  1.00 14.84 ? 120 LEU A CD1 1 
ATOM   570  C  CD2 . LEU A 1 68  ? -4.369  -4.499  1.411   1.00 17.52 ? 120 LEU A CD2 1 
ATOM   571  N  N   . TRP A 1 69  ? -7.476  -8.829  0.821   1.00 17.23 ? 121 TRP A N   1 
ATOM   572  C  CA  . TRP A 1 69  ? -8.657  -9.521  0.299   1.00 18.59 ? 121 TRP A CA  1 
ATOM   573  C  C   . TRP A 1 69  ? -8.877  -10.796 1.112   1.00 19.41 ? 121 TRP A C   1 
ATOM   574  O  O   . TRP A 1 69  ? -9.833  -10.906 1.815   1.00 18.77 ? 121 TRP A O   1 
ATOM   575  C  CB  . TRP A 1 69  ? -8.483  -9.862  -1.214  1.00 17.87 ? 121 TRP A CB  1 
ATOM   576  C  CG  . TRP A 1 69  ? -8.376  -8.666  -2.118  1.00 20.30 ? 121 TRP A CG  1 
ATOM   577  C  CD1 . TRP A 1 69  ? -7.229  -8.166  -2.652  1.00 19.82 ? 121 TRP A CD1 1 
ATOM   578  C  CD2 . TRP A 1 69  ? -9.433  -7.805  -2.558  1.00 20.45 ? 121 TRP A CD2 1 
ATOM   579  N  NE1 . TRP A 1 69  ? -7.496  -7.073  -3.390  1.00 16.68 ? 121 TRP A NE1 1 
ATOM   580  C  CE2 . TRP A 1 69  ? -8.842  -6.833  -3.379  1.00 21.79 ? 121 TRP A CE2 1 
ATOM   581  C  CE3 . TRP A 1 69  ? -10.826 -7.769  -2.363  1.00 20.25 ? 121 TRP A CE3 1 
ATOM   582  C  CZ2 . TRP A 1 69  ? -9.583  -5.822  -3.992  1.00 19.38 ? 121 TRP A CZ2 1 
ATOM   583  C  CZ3 . TRP A 1 69  ? -11.593 -6.706  -3.005  1.00 17.30 ? 121 TRP A CZ3 1 
ATOM   584  C  CH2 . TRP A 1 69  ? -10.934 -5.794  -3.836  1.00 17.27 ? 121 TRP A CH2 1 
ATOM   585  N  N   . VAL A 1 70  ? -7.963  -11.746 0.968   1.00 19.54 ? 122 VAL A N   1 
ATOM   586  C  CA  . VAL A 1 70  ? -8.177  -13.076 1.526   1.00 20.74 ? 122 VAL A CA  1 
ATOM   587  C  C   . VAL A 1 70  ? -6.926  -13.612 2.258   1.00 18.41 ? 122 VAL A C   1 
ATOM   588  O  O   . VAL A 1 70  ? -7.042  -14.119 3.362   1.00 19.16 ? 122 VAL A O   1 
ATOM   589  C  CB  . VAL A 1 70  ? -8.672  -14.115 0.410   1.00 21.97 ? 122 VAL A CB  1 
ATOM   590  C  CG1 . VAL A 1 70  ? -8.679  -15.534 1.000   1.00 22.41 ? 122 VAL A CG1 1 
ATOM   591  C  CG2 . VAL A 1 70  ? -10.089 -13.805 -0.056  1.00 21.26 ? 122 VAL A CG2 1 
ATOM   592  N  N   . VAL A 1 71  ? -5.752  -13.516 1.649   1.00 18.40 ? 123 VAL A N   1 
ATOM   593  C  CA  . VAL A 1 71  ? -4.540  -14.092 2.222   1.00 18.26 ? 123 VAL A CA  1 
ATOM   594  C  C   . VAL A 1 71  ? -3.983  -13.064 3.269   1.00 19.59 ? 123 VAL A C   1 
ATOM   595  O  O   . VAL A 1 71  ? -3.930  -11.862 2.993   1.00 18.88 ? 123 VAL A O   1 
ATOM   596  C  CB  . VAL A 1 71  ? -3.538  -14.399 1.127   1.00 18.47 ? 123 VAL A CB  1 
ATOM   597  C  CG1 . VAL A 1 71  ? -2.263  -14.988 1.693   1.00 18.90 ? 123 VAL A CG1 1 
ATOM   598  C  CG2 . VAL A 1 71  ? -4.225  -15.347 0.064   1.00 19.68 ? 123 VAL A CG2 1 
ATOM   599  N  N   . LYS A 1 72  ? -3.647  -13.551 4.454   1.00 17.87 ? 124 LYS A N   1 
ATOM   600  C  CA  . LYS A 1 72  ? -3.258  -12.654 5.607   1.00 18.57 ? 124 LYS A CA  1 
ATOM   601  C  C   . LYS A 1 72  ? -1.917  -13.028 6.220   1.00 18.55 ? 124 LYS A C   1 
ATOM   602  O  O   . LYS A 1 72  ? -1.401  -14.191 6.121   1.00 19.54 ? 124 LYS A O   1 
ATOM   603  C  CB  . LYS A 1 72  ? -4.431  -12.627 6.631   1.00 15.78 ? 124 LYS A CB  1 
ATOM   604  C  CG  . LYS A 1 72  ? -4.562  -13.949 7.486   1.00 17.37 ? 124 LYS A CG  1 
ATOM   605  C  CD  . LYS A 1 72  ? -5.850  -14.040 8.280   1.00 15.37 ? 124 LYS A CD  1 
ATOM   606  C  CE  . LYS A 1 72  ? -6.014  -15.373 9.021   1.00 16.38 ? 124 LYS A CE  1 
ATOM   607  N  NZ  . LYS A 1 72  ? -7.233  -15.392 9.943   1.00 17.77 ? 124 LYS A NZ  1 
ATOM   608  N  N   . PHE A 1 73  ? -1.301  -12.053 6.884   1.00 18.46 ? 125 PHE A N   1 
ATOM   609  C  CA  A PHE A 1 73  ? 0.111   -12.128 7.248   0.50 18.50 ? 125 PHE A CA  1 
ATOM   610  C  CA  B PHE A 1 73  ? 0.094   -12.183 7.294   0.50 17.69 ? 125 PHE A CA  1 
ATOM   611  C  C   . PHE A 1 73  ? 0.295   -11.580 8.660   1.00 18.79 ? 125 PHE A C   1 
ATOM   612  O  O   . PHE A 1 73  ? -0.506  -10.729 9.090   1.00 17.46 ? 125 PHE A O   1 
ATOM   613  C  CB  A PHE A 1 73  ? 0.970   -11.343 6.222   0.50 18.73 ? 125 PHE A CB  1 
ATOM   614  C  CB  B PHE A 1 73  ? 1.064   -11.544 6.274   0.50 17.20 ? 125 PHE A CB  1 
ATOM   615  C  CG  A PHE A 1 73  ? 0.537   -11.565 4.793   0.50 20.50 ? 125 PHE A CG  1 
ATOM   616  C  CG  B PHE A 1 73  ? 1.110   -12.275 4.964   0.50 15.51 ? 125 PHE A CG  1 
ATOM   617  C  CD1 A PHE A 1 73  ? 1.045   -12.607 4.065   0.50 21.05 ? 125 PHE A CD1 1 
ATOM   618  C  CD1 B PHE A 1 73  ? 1.976   -13.356 4.791   0.50 15.43 ? 125 PHE A CD1 1 
ATOM   619  C  CD2 A PHE A 1 73  ? -0.470  -10.796 4.238   0.50 19.50 ? 125 PHE A CD2 1 
ATOM   620  C  CD2 B PHE A 1 73  ? 0.240   -11.923 3.933   0.50 13.19 ? 125 PHE A CD2 1 
ATOM   621  C  CE1 A PHE A 1 73  ? 0.586   -12.849 2.793   0.50 23.15 ? 125 PHE A CE1 1 
ATOM   622  C  CE1 B PHE A 1 73  ? 1.982   -14.059 3.601   0.50 13.21 ? 125 PHE A CE1 1 
ATOM   623  C  CE2 A PHE A 1 73  ? -0.920  -11.028 2.973   0.50 23.09 ? 125 PHE A CE2 1 
ATOM   624  C  CE2 B PHE A 1 73  ? 0.232   -12.622 2.792   0.50 16.65 ? 125 PHE A CE2 1 
ATOM   625  C  CZ  A PHE A 1 73  ? -0.407  -12.059 2.246   0.50 17.62 ? 125 PHE A CZ  1 
ATOM   626  C  CZ  B PHE A 1 73  ? 1.137   -13.718 2.641   0.50 14.00 ? 125 PHE A CZ  1 
ATOM   627  N  N   . ASN A 1 74  ? 1.373   -12.013 9.319   1.00 19.00 ? 126 ASN A N   1 
ATOM   628  C  CA  . ASN A 1 74  ? 1.674   -11.569 10.675  1.00 21.48 ? 126 ASN A CA  1 
ATOM   629  C  C   . ASN A 1 74  ? 2.216   -10.153 10.706  1.00 20.51 ? 126 ASN A C   1 
ATOM   630  O  O   . ASN A 1 74  ? 2.439   -9.626  11.795  1.00 22.67 ? 126 ASN A O   1 
ATOM   631  C  CB  . ASN A 1 74  ? 2.740   -12.487 11.283  1.00 22.63 ? 126 ASN A CB  1 
ATOM   632  C  CG  . ASN A 1 74  ? 2.177   -13.851 11.590  1.00 25.60 ? 126 ASN A CG  1 
ATOM   633  O  OD1 . ASN A 1 74  ? 0.981   -13.979 11.793  1.00 27.92 ? 126 ASN A OD1 1 
ATOM   634  N  ND2 . ASN A 1 74  ? 3.003   -14.879 11.515  1.00 31.78 ? 126 ASN A ND2 1 
ATOM   635  N  N   . SER A 1 75  ? 2.498   -9.577  9.536   1.00 20.29 ? 127 SER A N   1 
ATOM   636  C  CA  . SER A 1 75  ? 3.128   -8.227  9.446   1.00 18.76 ? 127 SER A CA  1 
ATOM   637  C  C   . SER A 1 75  ? 2.680   -7.519  8.194   1.00 17.88 ? 127 SER A C   1 
ATOM   638  O  O   . SER A 1 75  ? 2.385   -8.125  7.169   1.00 14.85 ? 127 SER A O   1 
ATOM   639  C  CB  . SER A 1 75  ? 4.692   -8.278  9.474   1.00 17.36 ? 127 SER A CB  1 
ATOM   640  O  OG  . SER A 1 75  ? 5.209   -9.109  8.411   1.00 19.64 ? 127 SER A OG  1 
ATOM   641  N  N   . LEU A 1 76  ? 2.639   -6.176  8.246   1.00 15.29 ? 128 LEU A N   1 
ATOM   642  C  CA  . LEU A 1 76  ? 2.557   -5.405  7.041   1.00 14.61 ? 128 LEU A CA  1 
ATOM   643  C  C   . LEU A 1 76  ? 3.659   -5.787  6.034   1.00 14.44 ? 128 LEU A C   1 
ATOM   644  O  O   . LEU A 1 76  ? 3.420   -5.824  4.836   1.00 13.85 ? 128 LEU A O   1 
ATOM   645  C  CB  . LEU A 1 76  ? 2.740   -3.897  7.405   1.00 14.20 ? 128 LEU A CB  1 
ATOM   646  C  CG  . LEU A 1 76  ? 1.591   -3.263  8.193   1.00 16.05 ? 128 LEU A CG  1 
ATOM   647  C  CD1 . LEU A 1 76  ? 2.211   -1.916  8.741   1.00 12.81 ? 128 LEU A CD1 1 
ATOM   648  C  CD2 . LEU A 1 76  ? 0.295   -3.064  7.333   1.00 15.04 ? 128 LEU A CD2 1 
ATOM   649  N  N   . ASN A 1 77  ? 4.889   -6.004  6.525   1.00 14.14 ? 129 ASN A N   1 
ATOM   650  C  CA  . ASN A 1 77  ? 6.054   -6.230  5.671   1.00 14.99 ? 129 ASN A CA  1 
ATOM   651  C  C   . ASN A 1 77  ? 5.752   -7.493  4.867   1.00 15.60 ? 129 ASN A C   1 
ATOM   652  O  O   . ASN A 1 77  ? 6.015   -7.491  3.659   1.00 15.17 ? 129 ASN A O   1 
ATOM   653  C  CB  . ASN A 1 77  ? 7.244   -6.486  6.601   1.00 16.02 ? 129 ASN A CB  1 
ATOM   654  C  CG  . ASN A 1 77  ? 8.617   -6.495  5.919   1.00 17.05 ? 129 ASN A CG  1 
ATOM   655  O  OD1 . ASN A 1 77  ? 9.614   -6.470  6.653   1.00 21.04 ? 129 ASN A OD1 1 
ATOM   656  N  ND2 . ASN A 1 77  ? 8.701   -6.543  4.553   1.00 16.23 ? 129 ASN A ND2 1 
ATOM   657  N  N   . GLU A 1 78  ? 5.178   -8.507  5.509   1.00 15.66 ? 130 GLU A N   1 
ATOM   658  C  CA  . GLU A 1 78  ? 4.863   -9.793  4.760   1.00 16.70 ? 130 GLU A CA  1 
ATOM   659  C  C   . GLU A 1 78  ? 3.726   -9.616  3.770   1.00 16.55 ? 130 GLU A C   1 
ATOM   660  O  O   . GLU A 1 78  ? 3.743   -10.213 2.691   1.00 18.00 ? 130 GLU A O   1 
ATOM   661  C  CB  . GLU A 1 78  ? 4.576   -10.958 5.717   1.00 16.61 ? 130 GLU A CB  1 
ATOM   662  C  CG  . GLU A 1 78  ? 5.820   -11.362 6.464   1.00 18.03 ? 130 GLU A CG  1 
ATOM   663  C  CD  . GLU A 1 78  ? 5.481   -12.173 7.680   1.00 24.26 ? 130 GLU A CD  1 
ATOM   664  O  OE1 . GLU A 1 78  ? 5.564   -13.436 7.591   1.00 23.60 ? 130 GLU A OE1 1 
ATOM   665  O  OE2 . GLU A 1 78  ? 5.016   -11.595 8.702   1.00 19.93 ? 130 GLU A OE2 1 
ATOM   666  N  N   . LEU A 1 79  ? 2.706   -8.815  4.137   1.00 15.50 ? 131 LEU A N   1 
ATOM   667  C  CA  A LEU A 1 79  ? 1.599   -8.482  3.249   0.50 14.96 ? 131 LEU A CA  1 
ATOM   668  C  CA  B LEU A 1 79  ? 1.603   -8.505  3.245   0.50 14.62 ? 131 LEU A CA  1 
ATOM   669  C  C   . LEU A 1 79  ? 2.088   -7.773  1.988   1.00 14.80 ? 131 LEU A C   1 
ATOM   670  O  O   . LEU A 1 79  ? 1.684   -8.123  0.862   1.00 14.73 ? 131 LEU A O   1 
ATOM   671  C  CB  A LEU A 1 79  ? 0.564   -7.590  3.997   0.50 13.87 ? 131 LEU A CB  1 
ATOM   672  C  CB  B LEU A 1 79  ? 0.520   -7.666  3.989   0.50 13.34 ? 131 LEU A CB  1 
ATOM   673  C  CG  A LEU A 1 79  ? -0.708  -7.224  3.220   0.50 14.14 ? 131 LEU A CG  1 
ATOM   674  C  CG  B LEU A 1 79  ? -0.640  -7.268  3.073   0.50 12.22 ? 131 LEU A CG  1 
ATOM   675  C  CD1 A LEU A 1 79  ? -1.840  -6.815  4.181   0.50 12.62 ? 131 LEU A CD1 1 
ATOM   676  C  CD1 B LEU A 1 79  ? -1.546  -8.472  2.743   0.50 11.23 ? 131 LEU A CD1 1 
ATOM   677  C  CD2 A LEU A 1 79  ? -0.508  -6.139  2.144   0.50 17.90 ? 131 LEU A CD2 1 
ATOM   678  C  CD2 B LEU A 1 79  ? -1.464  -6.097  3.651   0.50 13.81 ? 131 LEU A CD2 1 
ATOM   679  N  N   . VAL A 1 80  ? 2.926   -6.740  2.190   1.00 13.78 ? 132 VAL A N   1 
ATOM   680  C  CA  . VAL A 1 80  ? 3.558   -5.996  1.100   1.00 14.43 ? 132 VAL A CA  1 
ATOM   681  C  C   . VAL A 1 80  ? 4.278   -6.990  0.191   1.00 13.95 ? 132 VAL A C   1 
ATOM   682  O  O   . VAL A 1 80  ? 4.099   -6.933  -1.024  1.00 13.87 ? 132 VAL A O   1 
ATOM   683  C  CB  . VAL A 1 80  ? 4.529   -4.936  1.621   1.00 14.10 ? 132 VAL A CB  1 
ATOM   684  C  CG1 . VAL A 1 80  ? 5.462   -4.386  0.532   1.00 18.79 ? 132 VAL A CG1 1 
ATOM   685  C  CG2 . VAL A 1 80  ? 3.629   -3.747  2.124   1.00 13.52 ? 132 VAL A CG2 1 
ATOM   686  N  N   . ASP A 1 81  ? 5.097   -7.803  0.806   1.00 15.18 ? 133 ASP A N   1 
ATOM   687  C  CA  . ASP A 1 81  ? 5.947   -8.698  -0.028  1.00 16.93 ? 133 ASP A CA  1 
ATOM   688  C  C   . ASP A 1 81  ? 5.159   -9.705  -0.825  1.00 16.85 ? 133 ASP A C   1 
ATOM   689  O  O   . ASP A 1 81  ? 5.529   -9.996  -1.970  1.00 16.10 ? 133 ASP A O   1 
ATOM   690  C  CB  . ASP A 1 81  ? 7.014   -9.364  0.821   1.00 16.53 ? 133 ASP A CB  1 
ATOM   691  C  CG  . ASP A 1 81  ? 8.154   -8.407  1.175   1.00 20.21 ? 133 ASP A CG  1 
ATOM   692  O  OD1 . ASP A 1 81  ? 8.172   -7.286  0.640   1.00 19.80 ? 133 ASP A OD1 1 
ATOM   693  O  OD2 . ASP A 1 81  ? 9.015   -8.779  1.998   1.00 20.33 ? 133 ASP A OD2 1 
ATOM   694  N  N   . TYR A 1 82  ? 4.146   -10.290 -0.197  1.00 16.64 ? 134 TYR A N   1 
ATOM   695  C  CA  . TYR A 1 82  ? 3.183   -11.103 -0.900  1.00 16.79 ? 134 TYR A CA  1 
ATOM   696  C  C   . TYR A 1 82  ? 2.606   -10.446 -2.151  1.00 17.56 ? 134 TYR A C   1 
ATOM   697  O  O   . TYR A 1 82  ? 2.549   -11.057 -3.235  1.00 16.58 ? 134 TYR A O   1 
ATOM   698  C  CB  . TYR A 1 82  ? 2.083   -11.586 0.051   1.00 16.46 ? 134 TYR A CB  1 
ATOM   699  C  CG  . TYR A 1 82  ? 1.046   -12.432 -0.630  1.00 16.60 ? 134 TYR A CG  1 
ATOM   700  C  CD1 . TYR A 1 82  ? 1.332   -13.764 -0.935  1.00 20.55 ? 134 TYR A CD1 1 
ATOM   701  C  CD2 . TYR A 1 82  ? -0.188  -11.901 -1.010  1.00 19.54 ? 134 TYR A CD2 1 
ATOM   702  C  CE1 . TYR A 1 82  ? 0.381   -14.557 -1.510  1.00 23.07 ? 134 TYR A CE1 1 
ATOM   703  C  CE2 . TYR A 1 82  ? -1.161  -12.693 -1.621  1.00 17.32 ? 134 TYR A CE2 1 
ATOM   704  C  CZ  . TYR A 1 82  ? -0.841  -14.009 -1.870  1.00 20.15 ? 134 TYR A CZ  1 
ATOM   705  O  OH  . TYR A 1 82  ? -1.780  -14.771 -2.470  1.00 23.07 ? 134 TYR A OH  1 
ATOM   706  N  N   . HIS A 1 83  ? 2.225   -9.161  -2.040  1.00 14.36 ? 135 HIS A N   1 
ATOM   707  C  CA  . HIS A 1 83  ? 1.603   -8.509  -3.114  1.00 13.90 ? 135 HIS A CA  1 
ATOM   708  C  C   . HIS A 1 83  ? 2.567   -7.903  -4.130  1.00 12.47 ? 135 HIS A C   1 
ATOM   709  O  O   . HIS A 1 83  ? 2.112   -7.255  -5.100  1.00 14.86 ? 135 HIS A O   1 
ATOM   710  C  CB  . HIS A 1 83  ? 0.588   -7.482  -2.558  1.00 14.49 ? 135 HIS A CB  1 
ATOM   711  C  CG  . HIS A 1 83  ? -0.646  -8.136  -2.044  1.00 13.15 ? 135 HIS A CG  1 
ATOM   712  N  ND1 . HIS A 1 83  ? -1.590  -8.700  -2.880  1.00 14.99 ? 135 HIS A ND1 1 
ATOM   713  C  CD2 . HIS A 1 83  ? -1.097  -8.321  -0.791  1.00 13.90 ? 135 HIS A CD2 1 
ATOM   714  C  CE1 . HIS A 1 83  ? -2.558  -9.227  -2.150  1.00 14.46 ? 135 HIS A CE1 1 
ATOM   715  N  NE2 . HIS A 1 83  ? -2.289  -8.990  -0.880  1.00 17.23 ? 135 HIS A NE2 1 
ATOM   716  N  N   . ARG A 1 84  ? 3.843   -8.171  -3.986  1.00 13.03 ? 136 ARG A N   1 
ATOM   717  C  CA  . ARG A 1 84  ? 4.790   -7.900  -5.063  1.00 15.25 ? 136 ARG A CA  1 
ATOM   718  C  C   . ARG A 1 84  ? 4.622   -8.915  -6.209  1.00 18.06 ? 136 ARG A C   1 
ATOM   719  O  O   . ARG A 1 84  ? 4.966   -8.625  -7.367  1.00 17.03 ? 136 ARG A O   1 
ATOM   720  C  CB  . ARG A 1 84  ? 6.221   -7.922  -4.557  1.00 16.54 ? 136 ARG A CB  1 
ATOM   721  C  CG  . ARG A 1 84  ? 6.482   -6.889  -3.493  1.00 13.10 ? 136 ARG A CG  1 
ATOM   722  C  CD  . ARG A 1 84  ? 7.878   -6.984  -3.072  1.00 17.40 ? 136 ARG A CD  1 
ATOM   723  N  NE  . ARG A 1 84  ? 8.240   -6.010  -2.006  1.00 18.77 ? 136 ARG A NE  1 
ATOM   724  C  CZ  . ARG A 1 84  ? 8.637   -4.774  -2.241  1.00 18.62 ? 136 ARG A CZ  1 
ATOM   725  N  NH1 . ARG A 1 84  ? 8.705   -4.322  -3.496  1.00 16.09 ? 136 ARG A NH1 1 
ATOM   726  N  NH2 . ARG A 1 84  ? 8.934   -3.990  -1.216  1.00 17.72 ? 136 ARG A NH2 1 
ATOM   727  N  N   . SER A 1 85  ? 4.116   -10.098 -5.860  1.00 18.43 ? 137 SER A N   1 
ATOM   728  C  CA  . SER A 1 85  ? 3.879   -11.084 -6.939  1.00 19.14 ? 137 SER A CA  1 
ATOM   729  C  C   . SER A 1 85  ? 2.457   -11.659 -7.114  1.00 19.24 ? 137 SER A C   1 
ATOM   730  O  O   . SER A 1 85  ? 2.234   -12.532 -8.000  1.00 18.96 ? 137 SER A O   1 
ATOM   731  C  CB  . SER A 1 85  ? 4.924   -12.198 -6.784  1.00 18.39 ? 137 SER A CB  1 
ATOM   732  O  OG  . SER A 1 85  ? 4.779   -12.784 -5.536  1.00 19.11 ? 137 SER A OG  1 
ATOM   733  N  N   . THR A 1 86  ? 1.490   -11.238 -6.296  1.00 17.63 ? 138 THR A N   1 
ATOM   734  C  CA  . THR A 1 86  ? 0.059   -11.527 -6.455  1.00 17.11 ? 138 THR A CA  1 
ATOM   735  C  C   . THR A 1 86  ? -0.602  -10.158 -6.524  1.00 18.42 ? 138 THR A C   1 
ATOM   736  O  O   . THR A 1 86  ? -0.310  -9.310  -5.680  1.00 15.95 ? 138 THR A O   1 
ATOM   737  C  CB  . THR A 1 86  ? -0.467  -12.389 -5.262  1.00 17.22 ? 138 THR A CB  1 
ATOM   738  O  OG1 . THR A 1 86  ? 0.220   -13.670 -5.308  1.00 17.34 ? 138 THR A OG1 1 
ATOM   739  C  CG2 . THR A 1 86  ? -2.010  -12.541 -5.266  1.00 17.34 ? 138 THR A CG2 1 
ATOM   740  N  N   . SER A 1 87  ? -1.479  -9.953  -7.522  1.00 17.19 ? 139 SER A N   1 
ATOM   741  C  CA  . SER A 1 87  ? -2.024  -8.604  -7.744  1.00 17.93 ? 139 SER A CA  1 
ATOM   742  C  C   . SER A 1 87  ? -2.747  -8.074  -6.503  1.00 17.28 ? 139 SER A C   1 
ATOM   743  O  O   . SER A 1 87  ? -3.434  -8.820  -5.811  1.00 17.66 ? 139 SER A O   1 
ATOM   744  C  CB  . SER A 1 87  ? -2.977  -8.616  -8.968  1.00 17.49 ? 139 SER A CB  1 
ATOM   745  O  OG  . SER A 1 87  ? -3.462  -7.306  -9.240  1.00 14.61 ? 139 SER A OG  1 
ATOM   746  N  N   . VAL A 1 88  ? -2.604  -6.778  -6.218  1.00 17.30 ? 140 VAL A N   1 
ATOM   747  C  CA  . VAL A 1 88  ? -3.407  -6.121  -5.225  1.00 18.19 ? 140 VAL A CA  1 
ATOM   748  C  C   . VAL A 1 88  ? -4.818  -5.860  -5.691  1.00 18.20 ? 140 VAL A C   1 
ATOM   749  O  O   . VAL A 1 88  ? -5.672  -5.573  -4.852  1.00 17.61 ? 140 VAL A O   1 
ATOM   750  C  CB  . VAL A 1 88  ? -2.806  -4.694  -4.772  1.00 19.02 ? 140 VAL A CB  1 
ATOM   751  C  CG1 . VAL A 1 88  ? -1.530  -4.885  -4.006  1.00 22.70 ? 140 VAL A CG1 1 
ATOM   752  C  CG2 . VAL A 1 88  ? -2.649  -3.761  -5.985  1.00 16.85 ? 140 VAL A CG2 1 
ATOM   753  N  N   . SER A 1 89  ? -5.072  -5.960  -7.015  1.00 17.12 ? 141 SER A N   1 
ATOM   754  C  CA  . SER A 1 89  ? -6.346  -5.548  -7.595  1.00 17.15 ? 141 SER A CA  1 
ATOM   755  C  C   . SER A 1 89  ? -7.091  -6.740  -8.154  1.00 19.43 ? 141 SER A C   1 
ATOM   756  O  O   . SER A 1 89  ? -6.448  -7.749  -8.629  1.00 20.11 ? 141 SER A O   1 
ATOM   757  C  CB  . SER A 1 89  ? -6.146  -4.460  -8.673  1.00 18.65 ? 141 SER A CB  1 
ATOM   758  O  OG  . SER A 1 89  ? -7.291  -4.249  -9.463  1.00 16.29 ? 141 SER A OG  1 
ATOM   759  N  N   . ARG A 1 90  ? -8.425  -6.648  -8.043  1.00 18.83 ? 142 ARG A N   1 
ATOM   760  C  CA  . ARG A 1 90  ? -9.307  -7.629  -8.681  1.00 19.17 ? 142 ARG A CA  1 
ATOM   761  C  C   . ARG A 1 90  ? -9.732  -7.213  -10.101 1.00 19.43 ? 142 ARG A C   1 
ATOM   762  O  O   . ARG A 1 90  ? -10.414 -7.959  -10.764 1.00 21.46 ? 142 ARG A O   1 
ATOM   763  C  CB  . ARG A 1 90  ? -10.495 -7.895  -7.749  1.00 17.75 ? 142 ARG A CB  1 
ATOM   764  C  CG  . ARG A 1 90  ? -10.073 -8.765  -6.542  1.00 18.76 ? 142 ARG A CG  1 
ATOM   765  C  CD  . ARG A 1 90  ? -11.329 -9.262  -5.816  1.00 24.48 ? 142 ARG A CD  1 
ATOM   766  N  NE  . ARG A 1 90  ? -10.976 -10.247 -4.780  1.00 32.44 ? 142 ARG A NE  1 
ATOM   767  C  CZ  . ARG A 1 90  ? -11.782 -10.695 -3.811  1.00 32.36 ? 142 ARG A CZ  1 
ATOM   768  N  NH1 . ARG A 1 90  ? -13.040 -10.247 -3.706  1.00 35.66 ? 142 ARG A NH1 1 
ATOM   769  N  NH2 . ARG A 1 90  ? -11.305 -11.571 -2.919  1.00 29.90 ? 142 ARG A NH2 1 
ATOM   770  N  N   . ASN A 1 91  ? -9.330  -6.024  -10.578 1.00 19.86 ? 143 ASN A N   1 
ATOM   771  C  CA  . ASN A 1 91  ? -9.697  -5.571  -11.893 1.00 19.77 ? 143 ASN A CA  1 
ATOM   772  C  C   . ASN A 1 91  ? -8.530  -5.435  -12.890 1.00 18.61 ? 143 ASN A C   1 
ATOM   773  O  O   . ASN A 1 91  ? -8.747  -5.353  -14.117 1.00 18.56 ? 143 ASN A O   1 
ATOM   774  C  CB  . ASN A 1 91  ? -10.403 -4.231  -11.772 1.00 21.60 ? 143 ASN A CB  1 
ATOM   775  C  CG  . ASN A 1 91  ? -11.712 -4.363  -11.080 1.00 28.01 ? 143 ASN A CG  1 
ATOM   776  O  OD1 . ASN A 1 91  ? -12.333 -5.415  -11.171 1.00 31.56 ? 143 ASN A OD1 1 
ATOM   777  N  ND2 . ASN A 1 91  ? -12.161 -3.297  -10.393 1.00 32.12 ? 143 ASN A ND2 1 
ATOM   778  N  N   . GLN A 1 92  ? -7.322  -5.311  -12.347 1.00 18.58 ? 144 GLN A N   1 
ATOM   779  C  CA  . GLN A 1 92  ? -6.122  -5.169  -13.138 1.00 19.10 ? 144 GLN A CA  1 
ATOM   780  C  C   . GLN A 1 92  ? -5.021  -5.983  -12.506 1.00 17.59 ? 144 GLN A C   1 
ATOM   781  O  O   . GLN A 1 92  ? -5.038  -6.262  -11.309 1.00 19.34 ? 144 GLN A O   1 
ATOM   782  C  CB  . GLN A 1 92  ? -5.654  -3.712  -13.170 1.00 19.62 ? 144 GLN A CB  1 
ATOM   783  C  CG  . GLN A 1 92  ? -6.646  -2.811  -13.871 1.00 19.23 ? 144 GLN A CG  1 
ATOM   784  C  CD  . GLN A 1 92  ? -7.507  -1.973  -12.880 1.00 26.69 ? 144 GLN A CD  1 
ATOM   785  O  OE1 . GLN A 1 92  ? -8.435  -1.284  -13.287 1.00 31.33 ? 144 GLN A OE1 1 
ATOM   786  N  NE2 . GLN A 1 92  ? -7.194  -2.018  -11.641 1.00 22.91 ? 144 GLN A NE2 1 
ATOM   787  N  N   . GLN A 1 93  ? -4.040  -6.367  -13.306 1.00 17.53 ? 145 GLN A N   1 
ATOM   788  C  CA  . GLN A 1 93  ? -2.848  -6.942  -12.731 1.00 17.11 ? 145 GLN A CA  1 
ATOM   789  C  C   . GLN A 1 93  ? -1.904  -5.800  -12.308 1.00 17.82 ? 145 GLN A C   1 
ATOM   790  O  O   . GLN A 1 93  ? -1.240  -5.187  -13.148 1.00 18.33 ? 145 GLN A O   1 
ATOM   791  C  CB  . GLN A 1 93  ? -2.105  -7.939  -13.678 1.00 16.79 ? 145 GLN A CB  1 
ATOM   792  C  CG  . GLN A 1 93  ? -2.928  -9.147  -14.018 1.00 18.27 ? 145 GLN A CG  1 
ATOM   793  C  CD  . GLN A 1 93  ? -3.112  -10.050 -12.834 1.00 17.14 ? 145 GLN A CD  1 
ATOM   794  O  OE1 . GLN A 1 93  ? -3.941  -9.799  -11.964 1.00 19.45 ? 145 GLN A OE1 1 
ATOM   795  N  NE2 . GLN A 1 93  ? -2.304  -11.118 -12.765 1.00 22.04 ? 145 GLN A NE2 1 
ATOM   796  N  N   . ILE A 1 94  ? -1.851  -5.574  -10.991 1.00 15.56 ? 146 ILE A N   1 
ATOM   797  C  CA  . ILE A 1 94  ? -1.011  -4.551  -10.403 1.00 16.05 ? 146 ILE A CA  1 
ATOM   798  C  C   . ILE A 1 94  ? -0.172  -5.187  -9.293  1.00 16.30 ? 146 ILE A C   1 
ATOM   799  O  O   . ILE A 1 94  ? -0.688  -5.707  -8.296  1.00 16.82 ? 146 ILE A O   1 
ATOM   800  C  CB  . ILE A 1 94  ? -1.872  -3.408  -9.808  1.00 17.18 ? 146 ILE A CB  1 
ATOM   801  C  CG1 . ILE A 1 94  ? -2.829  -2.839  -10.871 1.00 18.53 ? 146 ILE A CG1 1 
ATOM   802  C  CG2 . ILE A 1 94  ? -0.916  -2.355  -9.225  1.00 16.60 ? 146 ILE A CG2 1 
ATOM   803  C  CD1 . ILE A 1 94  ? -3.759  -1.757  -10.302 1.00 19.73 ? 146 ILE A CD1 1 
ATOM   804  N  N   . PHE A 1 95  ? 1.147   -5.190  -9.480  1.00 16.94 ? 147 PHE A N   1 
ATOM   805  C  CA  . PHE A 1 95  ? 2.023   -5.791  -8.530  1.00 16.36 ? 147 PHE A CA  1 
ATOM   806  C  C   . PHE A 1 95  ? 2.848   -4.694  -7.870  1.00 15.58 ? 147 PHE A C   1 
ATOM   807  O  O   . PHE A 1 95  ? 3.452   -3.871  -8.565  1.00 17.26 ? 147 PHE A O   1 
ATOM   808  C  CB  . PHE A 1 95  ? 2.955   -6.739  -9.208  1.00 16.17 ? 147 PHE A CB  1 
ATOM   809  C  CG  . PHE A 1 95  ? 2.224   -7.826  -9.926  1.00 17.30 ? 147 PHE A CG  1 
ATOM   810  C  CD1 . PHE A 1 95  ? 1.898   -7.696  -11.284 1.00 17.67 ? 147 PHE A CD1 1 
ATOM   811  C  CD2 . PHE A 1 95  ? 1.771   -8.943  -9.208  1.00 18.67 ? 147 PHE A CD2 1 
ATOM   812  C  CE1 . PHE A 1 95  ? 1.175   -8.686  -11.945 1.00 18.46 ? 147 PHE A CE1 1 
ATOM   813  C  CE2 . PHE A 1 95  ? 1.049   -9.958  -9.910  1.00 19.71 ? 147 PHE A CE2 1 
ATOM   814  C  CZ  . PHE A 1 95  ? 0.760   -9.795  -11.237 1.00 22.02 ? 147 PHE A CZ  1 
ATOM   815  N  N   . LEU A 1 96  ? 2.905   -4.748  -6.548  1.00 16.60 ? 148 LEU A N   1 
ATOM   816  C  CA  . LEU A 1 96  ? 3.672   -3.743  -5.749  1.00 15.25 ? 148 LEU A CA  1 
ATOM   817  C  C   . LEU A 1 96  ? 5.143   -3.672  -6.163  1.00 17.16 ? 148 LEU A C   1 
ATOM   818  O  O   . LEU A 1 96  ? 5.848   -4.712  -6.310  1.00 16.57 ? 148 LEU A O   1 
ATOM   819  C  CB  . LEU A 1 96  ? 3.574   -4.024  -4.239  1.00 14.76 ? 148 LEU A CB  1 
ATOM   820  C  CG  . LEU A 1 96  ? 2.133   -3.936  -3.699  1.00 16.34 ? 148 LEU A CG  1 
ATOM   821  C  CD1 . LEU A 1 96  ? 2.124   -4.118  -2.247  1.00 15.86 ? 148 LEU A CD1 1 
ATOM   822  C  CD2 . LEU A 1 96  ? 1.403   -2.618  -4.097  1.00 16.67 ? 148 LEU A CD2 1 
ATOM   823  N  N   . ARG A 1 97  ? 5.623   -2.466  -6.423  1.00 15.32 ? 149 ARG A N   1 
ATOM   824  C  CA  . ARG A 1 97  ? 7.078   -2.262  -6.628  1.00 17.54 ? 149 ARG A CA  1 
ATOM   825  C  C   . ARG A 1 97  ? 7.510   -1.048  -5.893  1.00 17.78 ? 149 ARG A C   1 
ATOM   826  O  O   . ARG A 1 97  ? 6.706   -0.159  -5.750  1.00 16.91 ? 149 ARG A O   1 
ATOM   827  C  CB  . ARG A 1 97  ? 7.472   -2.119  -8.106  1.00 18.22 ? 149 ARG A CB  1 
ATOM   828  C  CG  . ARG A 1 97  ? 6.648   -1.095  -8.845  1.00 20.78 ? 149 ARG A CG  1 
ATOM   829  C  CD  . ARG A 1 97  ? 7.042   -0.984  -10.325 1.00 23.68 ? 149 ARG A CD  1 
ATOM   830  N  NE  . ARG A 1 97  ? 8.441   -0.536  -10.530 1.00 27.26 ? 149 ARG A NE  1 
ATOM   831  C  CZ  . ARG A 1 97  ? 9.182   -0.904  -11.589 1.00 32.38 ? 149 ARG A CZ  1 
ATOM   832  N  NH1 . ARG A 1 97  ? 8.664   -1.699  -12.520 1.00 31.76 ? 149 ARG A NH1 1 
ATOM   833  N  NH2 . ARG A 1 97  ? 10.439  -0.499  -11.743 1.00 33.95 ? 149 ARG A NH2 1 
ATOM   834  N  N   . ASP A 1 98  ? 8.753   -1.028  -5.419  1.00 18.83 ? 150 ASP A N   1 
ATOM   835  C  CA  . ASP A 1 98  ? 9.220   0.130   -4.615  1.00 20.05 ? 150 ASP A CA  1 
ATOM   836  C  C   . ASP A 1 98  ? 9.189   1.362   -5.425  1.00 19.30 ? 150 ASP A C   1 
ATOM   837  O  O   . ASP A 1 98  ? 9.472   1.331   -6.614  1.00 19.87 ? 150 ASP A O   1 
ATOM   838  C  CB  . ASP A 1 98  ? 10.640  -0.080  -4.143  1.00 21.41 ? 150 ASP A CB  1 
ATOM   839  C  CG  . ASP A 1 98  ? 10.755  -1.226  -3.129  1.00 22.23 ? 150 ASP A CG  1 
ATOM   840  O  OD1 . ASP A 1 98  ? 9.737   -1.592  -2.516  1.00 26.68 ? 150 ASP A OD1 1 
ATOM   841  O  OD2 . ASP A 1 98  ? 11.884  -1.734  -2.978  1.00 28.72 ? 150 ASP A OD2 1 
ATOM   842  N  N   . ILE A 1 99  ? 8.901   2.484   -4.764  1.00 18.88 ? 151 ILE A N   1 
ATOM   843  C  CA  . ILE A 1 99  ? 9.041   3.763   -5.414  1.00 19.72 ? 151 ILE A CA  1 
ATOM   844  C  C   . ILE A 1 99  ? 10.467  3.928   -5.932  1.00 21.19 ? 151 ILE A C   1 
ATOM   845  O  O   . ILE A 1 99  ? 11.404  3.323   -5.406  1.00 21.13 ? 151 ILE A O   1 
ATOM   846  C  CB  . ILE A 1 99  ? 8.720   4.937   -4.464  1.00 17.88 ? 151 ILE A CB  1 
ATOM   847  C  CG1 . ILE A 1 99  ? 9.473   4.725   -3.154  1.00 21.53 ? 151 ILE A CG1 1 
ATOM   848  C  CG2 . ILE A 1 99  ? 7.174   5.058   -4.303  1.00 19.12 ? 151 ILE A CG2 1 
ATOM   849  C  CD1 . ILE A 1 99  ? 9.334   5.865   -2.152  1.00 27.60 ? 151 ILE A CD1 1 
ATOM   850  N  N   . GLU A 1 100 ? 10.612  4.682   -7.005  1.00 24.18 ? 152 GLU A N   1 
ATOM   851  C  CA  . GLU A 1 100 ? 11.900  5.277   -7.335  1.00 29.56 ? 152 GLU A CA  1 
ATOM   852  C  C   . GLU A 1 100 ? 11.995  6.379   -6.278  1.00 33.34 ? 152 GLU A C   1 
ATOM   853  O  O   . GLU A 1 100 ? 11.162  7.356   -6.274  1.00 35.48 ? 152 GLU A O   1 
ATOM   854  C  CB  . GLU A 1 100 ? 11.890  5.984   -8.683  1.00 29.72 ? 152 GLU A CB  1 
ATOM   855  C  CG  . GLU A 1 100 ? 10.855  5.606   -9.714  1.00 31.12 ? 152 GLU A CG  1 
ATOM   856  C  CD  . GLU A 1 100 ? 10.256  6.841   -10.493 1.00 30.80 ? 152 GLU A CD  1 
ATOM   857  O  OE1 . GLU A 1 100 ? 9.458   6.619   -11.359 1.00 16.97 ? 152 GLU A OE1 1 
ATOM   858  O  OE2 . GLU A 1 100 ? 10.581  8.039   -10.230 1.00 35.22 ? 152 GLU A OE2 1 
ATOM   859  N  N   . GLN A 1 101 ? 12.918  6.209   -5.344  1.00 35.74 ? 153 GLN A N   1 
ATOM   860  C  CA  . GLN A 1 101 ? 13.254  7.306   -4.415  1.00 40.01 ? 153 GLN A CA  1 
ATOM   861  C  C   . GLN A 1 101 ? 14.523  8.026   -4.841  1.00 41.89 ? 153 GLN A C   1 
ATOM   862  O  O   . GLN A 1 101 ? 15.433  7.430   -5.466  1.00 43.32 ? 153 GLN A O   1 
ATOM   863  C  CB  . GLN A 1 101 ? 13.370  6.855   -2.953  1.00 40.27 ? 153 GLN A CB  1 
ATOM   864  C  CG  . GLN A 1 101 ? 13.691  5.388   -2.771  0.50 41.69 ? 153 GLN A CG  1 
ATOM   865  C  CD  . GLN A 1 101 ? 14.498  5.129   -1.533  0.50 43.26 ? 153 GLN A CD  1 
ATOM   866  O  OE1 . GLN A 1 101 ? 14.325  5.789   -0.495  0.50 44.72 ? 153 GLN A OE1 1 
ATOM   867  N  NE2 . GLN A 1 101 ? 15.407  4.172   -1.628  0.50 44.11 ? 153 GLN A NE2 1 
ATOM   868  N  N   . VAL A 1 102 ? 14.527  9.323   -4.524  0.50 42.32 ? 154 VAL A N   1 
ATOM   869  C  CA  . VAL A 1 102 ? 15.690  10.192  -4.576  0.50 42.33 ? 154 VAL A CA  1 
ATOM   870  C  C   . VAL A 1 102 ? 16.912  9.584   -3.875  0.50 42.17 ? 154 VAL A C   1 
ATOM   871  O  O   . VAL A 1 102 ? 16.870  9.265   -2.687  0.50 41.21 ? 154 VAL A O   1 
ATOM   872  C  CB  . VAL A 1 102 ? 15.333  11.524  -3.929  0.50 42.53 ? 154 VAL A CB  1 
ATOM   873  C  CG1 . VAL A 1 102 ? 16.411  12.553  -4.193  0.50 42.63 ? 154 VAL A CG1 1 
ATOM   874  C  CG2 . VAL A 1 102 ? 13.982  11.981  -4.444  0.50 42.44 ? 154 VAL A CG2 1 
HETATM 875  C  C   . ACT B 2 1   ? -11.807 4.317   -1.517  1.00 20.39 ? 1   ACT B C   1 
HETATM 876  O  O   . ACT B 2 1   ? -10.577 4.725   -1.804  1.00 17.19 ? 1   ACT B O   1 
HETATM 877  C  CH3 . ACT B 2 1   ? -12.798 5.321   -1.419  1.00 25.50 ? 1   ACT B CH3 1 
HETATM 878  N  N   . PTR B 2 2   ? -12.169 3.034   -1.223  1.00 20.43 ? 2   PTR B N   1 
HETATM 879  C  CA  . PTR B 2 2   ? -11.112 1.985   -1.231  1.00 17.80 ? 2   PTR B CA  1 
HETATM 880  C  C   . PTR B 2 2   ? -11.569 0.877   -2.154  1.00 19.32 ? 2   PTR B C   1 
HETATM 881  O  O   . PTR B 2 2   ? -12.752 0.547   -2.131  1.00 20.77 ? 2   PTR B O   1 
HETATM 882  C  CB  . PTR B 2 2   ? -10.947 1.400   0.179   1.00 16.75 ? 2   PTR B CB  1 
HETATM 883  C  CG  . PTR B 2 2   ? -10.522 2.546   1.117   1.00 17.78 ? 2   PTR B CG  1 
HETATM 884  C  CD1 . PTR B 2 2   ? -9.168  2.890   1.308   1.00 16.57 ? 2   PTR B CD1 1 
HETATM 885  C  CD2 . PTR B 2 2   ? -11.525 3.250   1.739   1.00 19.84 ? 2   PTR B CD2 1 
HETATM 886  C  CE1 . PTR B 2 2   ? -8.786  3.979   2.128   1.00 17.61 ? 2   PTR B CE1 1 
HETATM 887  C  CE2 . PTR B 2 2   ? -11.142 4.335   2.538   1.00 19.39 ? 2   PTR B CE2 1 
HETATM 888  C  CZ  . PTR B 2 2   ? -9.817  4.685   2.775   1.00 16.91 ? 2   PTR B CZ  1 
HETATM 889  O  OH  . PTR B 2 2   ? -9.672  5.797   3.616   1.00 16.79 ? 2   PTR B OH  1 
HETATM 890  P  P   . PTR B 2 2   ? -8.282  6.560   3.755   1.00 17.96 ? 2   PTR B P   1 
HETATM 891  O  O1P . PTR B 2 2   ? -7.389  5.769   4.740   1.00 19.43 ? 2   PTR B O1P 1 
HETATM 892  O  O2P . PTR B 2 2   ? -7.708  6.827   2.379   1.00 18.85 ? 2   PTR B O2P 1 
HETATM 893  O  O3P . PTR B 2 2   ? -8.701  7.911   4.437   1.00 19.44 ? 2   PTR B O3P 1 
HETATM 894  O  O   . 03E B 2 3   ? -12.283 -2.662  -4.000  1.00 19.25 ? 3   03E B O   1 
HETATM 895  C  CAO . 03E B 2 3   ? -9.555  0.430   -6.752  1.00 20.96 ? 3   03E B CAO 1 
HETATM 896  C  CAP . 03E B 2 3   ? -10.611 1.585   -6.481  1.00 20.65 ? 3   03E B CAP 1 
HETATM 897  C  CAQ . 03E B 2 3   ? -8.850  -0.003  -5.479  1.00 18.68 ? 3   03E B CAQ 1 
HETATM 898  C  CAR . 03E B 2 3   ? -11.772 1.308   -5.531  1.00 20.66 ? 3   03E B CAR 1 
HETATM 899  C  CAS . 03E B 2 3   ? -9.583  -1.080  -4.654  1.00 18.35 ? 3   03E B CAS 1 
HETATM 900  C  CAT . 03E B 2 3   ? -11.949 -0.125  -4.969  1.00 19.40 ? 3   03E B CAT 1 
HETATM 901  N  N   . 03E B 2 3   ? -10.612 0.342   -2.931  1.00 19.84 ? 3   03E B N   1 
HETATM 902  C  C   . 03E B 2 3   ? -11.483 -1.900  -3.353  1.00 19.78 ? 3   03E B C   1 
HETATM 903  C  CA  . 03E B 2 3   ? -10.892 -0.656  -3.966  1.00 18.56 ? 3   03E B CA  1 
ATOM   904  N  N   . ASN B 2 4   ? -10.979 -2.192  -2.148  1.00 17.83 ? 4   ASN B N   1 
ATOM   905  C  CA  . ASN B 2 4   ? -11.402 -3.355  -1.399  1.00 19.19 ? 4   ASN B CA  1 
ATOM   906  C  C   . ASN B 2 4   ? -12.414 -2.992  -0.322  1.00 19.50 ? 4   ASN B C   1 
ATOM   907  O  O   . ASN B 2 4   ? -12.566 -3.797  0.593   1.00 21.17 ? 4   ASN B O   1 
ATOM   908  C  CB  . ASN B 2 4   ? -10.163 -4.124  -0.833  1.00 17.70 ? 4   ASN B CB  1 
ATOM   909  C  CG  . ASN B 2 4   ? -9.423  -3.330  0.285   1.00 18.94 ? 4   ASN B CG  1 
ATOM   910  O  OD1 . ASN B 2 4   ? -9.532  -2.082  0.320   1.00 17.21 ? 4   ASN B OD1 1 
ATOM   911  N  ND2 . ASN B 2 4   ? -8.704  -4.052  1.108   1.00 15.88 ? 4   ASN B ND2 1 
HETATM 912  N  N   . NH2 B 2 5   ? -13.106 -1.815  -0.409  1.00 20.77 ? 5   NH2 B N   1 
HETATM 913  CL CL  . CL  C 3 .   ? -2.009  -12.380 -9.577  1.00 29.54 ? 174 CL  A CL  1 
HETATM 914  O  O   . HOH D 4 .   ? 7.075   -6.055  -8.277  1.00 26.81 ? 6   HOH A O   1 
HETATM 915  O  O   . HOH D 4 .   ? 6.381   -8.066  -9.554  1.00 22.02 ? 7   HOH A O   1 
HETATM 916  O  O   . HOH D 4 .   ? 4.817   -3.619  -10.661 1.00 28.07 ? 8   HOH A O   1 
HETATM 917  O  O   . HOH D 4 .   ? 7.719   2.049   -2.187  1.00 28.16 ? 9   HOH A O   1 
HETATM 918  O  O   . HOH D 4 .   ? -11.174 -1.421  10.896  1.00 30.76 ? 10  HOH A O   1 
HETATM 919  O  O   . HOH D 4 .   ? -8.337  -0.854  7.489   1.00 20.45 ? 11  HOH A O   1 
HETATM 920  O  O   . HOH D 4 .   ? -1.336  2.063   -16.976 0.50 32.18 ? 12  HOH A O   1 
HETATM 921  O  O   . HOH D 4 .   ? -7.457  11.773  12.326  0.50 22.68 ? 13  HOH A O   1 
HETATM 922  O  O   . HOH D 4 .   ? -3.082  -1.350  13.388  1.00 39.53 ? 14  HOH A O   1 
HETATM 923  O  O   . HOH D 4 .   ? -10.040 -4.181  9.935   1.00 31.77 ? 15  HOH A O   1 
HETATM 924  O  O   . HOH D 4 .   ? -5.542  -1.915  12.296  1.00 37.12 ? 16  HOH A O   1 
HETATM 925  O  O   . HOH D 4 .   ? -11.938 -11.999 3.222   1.00 29.14 ? 17  HOH A O   1 
HETATM 926  O  O   . HOH D 4 .   ? -5.740  -10.429 -5.281  1.00 42.04 ? 18  HOH A O   1 
HETATM 927  O  O   . HOH D 4 .   ? 2.523   -14.183 8.149   1.00 25.50 ? 19  HOH A O   1 
HETATM 928  O  O   . HOH D 4 .   ? -0.687  -16.439 4.452   1.00 24.25 ? 20  HOH A O   1 
HETATM 929  O  O   . HOH D 4 .   ? 11.015  -7.191  3.079   1.00 24.81 ? 21  HOH A O   1 
HETATM 930  O  O   . HOH D 4 .   ? 9.498   -4.809  1.487   1.00 18.78 ? 22  HOH A O   1 
HETATM 931  O  O   . HOH D 4 .   ? 5.229   -12.706 2.223   1.00 28.99 ? 23  HOH A O   1 
HETATM 932  O  O   . HOH D 4 .   ? 7.419   -12.813 2.983   1.00 42.68 ? 24  HOH A O   1 
HETATM 933  O  O   . HOH D 4 .   ? 13.131  2.741   -3.450  0.50 23.90 ? 25  HOH A O   1 
HETATM 934  O  O   . HOH D 4 .   ? -14.347 5.770   4.568   1.00 28.07 ? 26  HOH A O   1 
HETATM 935  O  O   . HOH D 4 .   ? -12.647 8.101   1.679   1.00 43.98 ? 27  HOH A O   1 
HETATM 936  O  O   . HOH D 4 .   ? 2.291   13.231  11.394  1.00 33.16 ? 28  HOH A O   1 
HETATM 937  O  O   . HOH D 4 .   ? 0.148   -2.882  -13.369 1.00 29.85 ? 29  HOH A O   1 
HETATM 938  O  O   . HOH D 4 .   ? -3.673  5.290   11.520  1.00 28.76 ? 30  HOH A O   1 
HETATM 939  O  O   . HOH D 4 .   ? -8.124  1.255   14.386  1.00 32.74 ? 31  HOH A O   1 
HETATM 940  O  O   . HOH D 4 .   ? 0.010   -15.714 7.920   0.50 21.84 ? 32  HOH A O   1 
HETATM 941  O  O   . HOH D 4 .   ? 6.431   -12.045 -3.524  1.00 37.57 ? 33  HOH A O   1 
HETATM 942  O  O   . HOH D 4 .   ? 14.542  5.370   -10.552 0.50 23.43 ? 34  HOH A O   1 
HETATM 943  O  O   . HOH D 4 .   ? 9.566   -5.946  -5.983  1.00 37.34 ? 35  HOH A O   1 
HETATM 944  O  O   . HOH D 4 .   ? -14.484 -3.729  2.830   0.50 19.45 ? 36  HOH A O   1 
HETATM 945  O  O   . HOH D 4 .   ? -8.331  -2.698  12.202  1.00 32.03 ? 37  HOH A O   1 
HETATM 946  O  O   . HOH D 4 .   ? 2.789   17.147  -8.983  0.50 15.47 ? 38  HOH A O   1 
HETATM 947  O  O   . HOH D 4 .   ? 14.811  -2.554  2.654   1.00 40.77 ? 39  HOH A O   1 
HETATM 948  O  O   . HOH D 4 .   ? -14.022 -6.688  -9.339  1.00 42.12 ? 40  HOH A O   1 
HETATM 949  O  O   . HOH D 4 .   ? 0.526   8.665   -15.575 1.00 40.71 ? 41  HOH A O   1 
HETATM 950  O  O   . HOH D 4 .   ? 6.096   11.024  5.400   0.50 33.23 ? 42  HOH A O   1 
HETATM 951  O  O   . HOH D 4 .   ? -8.787  10.486  -3.251  0.50 19.38 ? 43  HOH A O   1 
HETATM 952  O  O   . HOH D 4 .   ? 1.636   5.334   -16.850 1.00 45.45 ? 44  HOH A O   1 
HETATM 953  O  O   . HOH D 4 .   ? -12.310 -9.135  1.077   0.50 23.04 ? 45  HOH A O   1 
HETATM 954  O  O   . HOH D 4 .   ? 2.333   4.346   -14.616 0.50 26.11 ? 46  HOH A O   1 
HETATM 955  O  O   . HOH D 4 .   ? 12.425  -2.947  -0.745  0.50 25.39 ? 47  HOH A O   1 
HETATM 956  O  O   . HOH D 4 .   ? -5.653  -11.840 -0.818  1.00 26.22 ? 48  HOH A O   1 
HETATM 957  O  O   . HOH D 4 .   ? -4.372  -14.357 -3.385  1.00 30.38 ? 49  HOH A O   1 
HETATM 958  O  O   . HOH D 4 .   ? 10.214  3.370   6.109   0.50 43.62 ? 50  HOH A O   1 
HETATM 959  O  O   . HOH D 4 .   ? -7.046  9.550   -8.516  1.00 48.73 ? 51  HOH A O   1 
HETATM 960  O  O   . HOH D 4 .   ? -9.130  -12.966 -4.174  1.00 44.24 ? 52  HOH A O   1 
HETATM 961  O  O   . HOH D 4 .   ? -14.491 -8.226  -4.908  1.00 41.68 ? 170 HOH A O   1 
HETATM 962  O  O   . HOH D 4 .   ? 11.412  -0.174  -8.040  1.00 30.31 ? 175 HOH A O   1 
HETATM 963  O  O   . HOH D 4 .   ? -14.573 0.002   1.331   1.00 28.99 ? 176 HOH A O   1 
HETATM 964  O  O   . HOH D 4 .   ? -14.987 2.772   -0.049  1.00 31.06 ? 177 HOH A O   1 
HETATM 965  O  O   . HOH D 4 .   ? -4.067  8.569   12.125  1.00 27.86 ? 178 HOH A O   1 
HETATM 966  O  O   . HOH D 4 .   ? -3.157  8.554   5.679   1.00 18.36 ? 179 HOH A O   1 
HETATM 967  O  O   . HOH D 4 .   ? -6.175  11.645  4.726   1.00 23.13 ? 180 HOH A O   1 
HETATM 968  O  O   . HOH D 4 .   ? -6.368  13.869  2.306   1.00 22.43 ? 181 HOH A O   1 
HETATM 969  O  O   . HOH D 4 .   ? 7.190   10.523  -6.442  1.00 25.53 ? 182 HOH A O   1 
HETATM 970  O  O   . HOH D 4 .   ? 2.986   13.671  -12.413 0.50 16.99 ? 183 HOH A O   1 
HETATM 971  O  O   . HOH D 4 .   ? 7.879   4.377   -10.364 1.00 19.42 ? 184 HOH A O   1 
HETATM 972  O  O   . HOH D 4 .   ? 9.065   1.953   -9.341  1.00 23.53 ? 185 HOH A O   1 
HETATM 973  O  O   . HOH D 4 .   ? 4.017   1.028   -15.818 1.00 22.55 ? 186 HOH A O   1 
HETATM 974  O  O   . HOH D 4 .   ? 0.428   -1.476  -15.939 1.00 25.50 ? 187 HOH A O   1 
HETATM 975  O  O   . HOH D 4 .   ? 5.343   -1.547  -13.420 1.00 21.57 ? 188 HOH A O   1 
HETATM 976  O  O   . HOH D 4 .   ? 2.201   -3.851  -11.936 1.00 19.17 ? 189 HOH A O   1 
HETATM 977  O  O   . HOH D 4 .   ? -1.728  3.429   12.204  1.00 18.69 ? 190 HOH A O   1 
HETATM 978  O  O   . HOH D 4 .   ? -11.737 5.075   6.201   1.00 19.43 ? 191 HOH A O   1 
HETATM 979  O  O   . HOH D 4 .   ? -4.829  -1.590  9.399   1.00 19.21 ? 192 HOH A O   1 
HETATM 980  O  O   . HOH D 4 .   ? -1.506  8.685   -11.291 0.50 21.79 ? 193 HOH A O   1 
HETATM 981  O  O   . HOH D 4 .   ? -5.335  -15.530 12.732  1.00 25.21 ? 194 HOH A O   1 
HETATM 982  O  O   . HOH D 4 .   ? -4.426  -9.946  1.083   1.00 22.81 ? 195 HOH A O   1 
HETATM 983  O  O   . HOH D 4 .   ? 2.656   -13.627 -4.094  1.00 24.29 ? 196 HOH A O   1 
HETATM 984  O  O   . HOH D 4 .   ? 10.623  -3.224  -6.187  1.00 24.17 ? 197 HOH A O   1 
HETATM 985  O  O   . HOH D 4 .   ? 1.507   15.012  -10.766 1.00 26.74 ? 198 HOH A O   1 
HETATM 986  O  O   . HOH D 4 .   ? -9.155  4.171   -4.375  1.00 21.70 ? 199 HOH A O   1 
HETATM 987  O  O   . HOH D 4 .   ? -10.301 -0.781  -10.207 1.00 25.27 ? 200 HOH A O   1 
HETATM 988  O  O   . HOH D 4 .   ? -13.698 -2.003  -8.209  1.00 32.43 ? 201 HOH A O   1 
HETATM 989  O  O   . HOH D 4 .   ? -12.332 -3.597  -6.491  1.00 24.25 ? 202 HOH A O   1 
HETATM 990  O  O   . HOH D 4 .   ? -13.796 -5.889  -6.829  1.00 33.74 ? 203 HOH A O   1 
HETATM 991  O  O   . HOH D 4 .   ? -7.627  2.924   -11.365 1.00 32.56 ? 204 HOH A O   1 
HETATM 992  O  O   . HOH D 4 .   ? -10.378 2.073   -10.350 0.50 24.72 ? 205 HOH A O   1 
HETATM 993  O  O   . HOH D 4 .   ? -6.565  9.047   5.525   1.00 20.89 ? 206 HOH A O   1 
HETATM 994  O  O   . HOH D 4 .   ? -10.874 9.274   2.995   1.00 40.50 ? 207 HOH A O   1 
HETATM 995  O  O   . HOH D 4 .   ? 3.098   20.222  -3.230  1.00 27.99 ? 208 HOH A O   1 
HETATM 996  O  O   . HOH D 4 .   ? 6.237   14.370  -3.461  1.00 38.83 ? 209 HOH A O   1 
HETATM 997  O  O   . HOH D 4 .   ? 1.345   14.684  -8.492  1.00 31.94 ? 210 HOH A O   1 
HETATM 998  O  O   . HOH D 4 .   ? 11.818  2.016   -10.425 1.00 36.96 ? 211 HOH A O   1 
HETATM 999  O  O   . HOH D 4 .   ? -14.654 1.876   -3.438  1.00 43.26 ? 212 HOH A O   1 
HETATM 1000 O  O   . HOH D 4 .   ? -4.759  -12.905 -8.097  1.00 31.87 ? 213 HOH A O   1 
HETATM 1001 O  O   . HOH D 4 .   ? 11.926  5.957   -12.671 1.00 42.51 ? 214 HOH A O   1 
HETATM 1002 O  O   . HOH D 4 .   ? -9.508  -4.134  -7.110  1.00 17.95 ? 215 HOH A O   1 
HETATM 1003 O  O   . HOH D 4 .   ? -8.282  -2.213  -8.551  1.00 24.80 ? 216 HOH A O   1 
# 
loop_
_pdbx_poly_seq_scheme.asym_id 
_pdbx_poly_seq_scheme.entity_id 
_pdbx_poly_seq_scheme.seq_id 
_pdbx_poly_seq_scheme.mon_id 
_pdbx_poly_seq_scheme.ndb_seq_num 
_pdbx_poly_seq_scheme.pdb_seq_num 
_pdbx_poly_seq_scheme.auth_seq_num 
_pdbx_poly_seq_scheme.pdb_mon_id 
_pdbx_poly_seq_scheme.auth_mon_id 
_pdbx_poly_seq_scheme.pdb_strand_id 
_pdbx_poly_seq_scheme.pdb_ins_code 
_pdbx_poly_seq_scheme.hetero 
A 1 1   ILE 1   53  ?   ?   ?   A . n 
A 1 2   GLU 2   54  54  GLU GLU A . n 
A 1 3   MET 3   55  55  MET MET A . n 
A 1 4   LYS 4   56  56  LYS LYS A . n 
A 1 5   PRO 5   57  57  PRO PRO A . n 
A 1 6   HIS 6   58  58  HIS HIS A . n 
A 1 7   PRO 7   59  59  PRO PRO A . n 
A 1 8   TRP 8   60  60  TRP TRP A . n 
A 1 9   PHE 9   61  61  PHE PHE A . n 
A 1 10  PHE 10  62  62  PHE PHE A . n 
A 1 11  GLY 11  63  63  GLY GLY A . n 
A 1 12  LYS 12  64  64  LYS LYS A . n 
A 1 13  ILE 13  65  65  ILE ILE A . n 
A 1 14  PRO 14  66  66  PRO PRO A . n 
A 1 15  ARG 15  67  67  ARG ARG A . n 
A 1 16  ALA 16  68  68  ALA ALA A . n 
A 1 17  LYS 17  69  69  LYS LYS A . n 
A 1 18  ALA 18  70  70  ALA ALA A . n 
A 1 19  GLU 19  71  71  GLU GLU A . n 
A 1 20  GLU 20  72  72  GLU GLU A . n 
A 1 21  MET 21  73  73  MET MET A . n 
A 1 22  LEU 22  74  74  LEU LEU A . n 
A 1 23  SER 23  75  75  SER SER A . n 
A 1 24  LYS 24  76  76  LYS LYS A . n 
A 1 25  GLN 25  77  77  GLN GLN A . n 
A 1 26  ARG 26  78  78  ARG ARG A . n 
A 1 27  HIS 27  79  79  HIS HIS A . n 
A 1 28  ASP 28  80  80  ASP ASP A . n 
A 1 29  GLY 29  81  81  GLY GLY A . n 
A 1 30  ALA 30  82  82  ALA ALA A . n 
A 1 31  PHE 31  83  83  PHE PHE A . n 
A 1 32  LEU 32  84  84  LEU LEU A . n 
A 1 33  ILE 33  85  85  ILE ILE A . n 
A 1 34  ARG 34  86  86  ARG ARG A . n 
A 1 35  GLU 35  87  87  GLU GLU A . n 
A 1 36  SER 36  88  88  SER SER A . n 
A 1 37  GLU 37  89  89  GLU GLU A . n 
A 1 38  SER 38  90  90  SER SER A . n 
A 1 39  ALA 39  91  91  ALA ALA A . n 
A 1 40  PRO 40  92  92  PRO PRO A . n 
A 1 41  GLY 41  93  93  GLY GLY A . n 
A 1 42  ASP 42  94  94  ASP ASP A . n 
A 1 43  PHE 43  95  95  PHE PHE A . n 
A 1 44  SER 44  96  96  SER SER A . n 
A 1 45  LEU 45  97  97  LEU LEU A . n 
A 1 46  SER 46  98  98  SER SER A . n 
A 1 47  VAL 47  99  99  VAL VAL A . n 
A 1 48  LYS 48  100 100 LYS LYS A . n 
A 1 49  PHE 49  101 101 PHE PHE A . n 
A 1 50  GLY 50  102 102 GLY GLY A . n 
A 1 51  ASN 51  103 103 ASN ASN A . n 
A 1 52  ASP 52  104 104 ASP ASP A . n 
A 1 53  VAL 53  105 105 VAL VAL A . n 
A 1 54  GLN 54  106 106 GLN GLN A . n 
A 1 55  HIS 55  107 107 HIS HIS A . n 
A 1 56  PHE 56  108 108 PHE PHE A . n 
A 1 57  LYS 57  109 109 LYS LYS A . n 
A 1 58  VAL 58  110 110 VAL VAL A . n 
A 1 59  LEU 59  111 111 LEU LEU A . n 
A 1 60  ARG 60  112 112 ARG ARG A . n 
A 1 61  ASP 61  113 113 ASP ASP A . n 
A 1 62  GLY 62  114 114 GLY GLY A . n 
A 1 63  ALA 63  115 115 ALA ALA A . n 
A 1 64  GLY 64  116 116 GLY GLY A . n 
A 1 65  LYS 65  117 117 LYS LYS A . n 
A 1 66  TYR 66  118 118 TYR TYR A . n 
A 1 67  PHE 67  119 119 PHE PHE A . n 
A 1 68  LEU 68  120 120 LEU LEU A . n 
A 1 69  TRP 69  121 121 TRP TRP A . n 
A 1 70  VAL 70  122 122 VAL VAL A . n 
A 1 71  VAL 71  123 123 VAL VAL A . n 
A 1 72  LYS 72  124 124 LYS LYS A . n 
A 1 73  PHE 73  125 125 PHE PHE A . n 
A 1 74  ASN 74  126 126 ASN ASN A . n 
A 1 75  SER 75  127 127 SER SER A . n 
A 1 76  LEU 76  128 128 LEU LEU A . n 
A 1 77  ASN 77  129 129 ASN ASN A . n 
A 1 78  GLU 78  130 130 GLU GLU A . n 
A 1 79  LEU 79  131 131 LEU LEU A . n 
A 1 80  VAL 80  132 132 VAL VAL A . n 
A 1 81  ASP 81  133 133 ASP ASP A . n 
A 1 82  TYR 82  134 134 TYR TYR A . n 
A 1 83  HIS 83  135 135 HIS HIS A . n 
A 1 84  ARG 84  136 136 ARG ARG A . n 
A 1 85  SER 85  137 137 SER SER A . n 
A 1 86  THR 86  138 138 THR THR A . n 
A 1 87  SER 87  139 139 SER SER A . n 
A 1 88  VAL 88  140 140 VAL VAL A . n 
A 1 89  SER 89  141 141 SER SER A . n 
A 1 90  ARG 90  142 142 ARG ARG A . n 
A 1 91  ASN 91  143 143 ASN ASN A . n 
A 1 92  GLN 92  144 144 GLN GLN A . n 
A 1 93  GLN 93  145 145 GLN GLN A . n 
A 1 94  ILE 94  146 146 ILE ILE A . n 
A 1 95  PHE 95  147 147 PHE PHE A . n 
A 1 96  LEU 96  148 148 LEU LEU A . n 
A 1 97  ARG 97  149 149 ARG ARG A . n 
A 1 98  ASP 98  150 150 ASP ASP A . n 
A 1 99  ILE 99  151 151 ILE ILE A . n 
A 1 100 GLU 100 152 152 GLU GLU A . n 
A 1 101 GLN 101 153 153 GLN GLN A . n 
A 1 102 VAL 102 154 154 VAL VAL A . n 
A 1 103 PRO 103 155 ?   ?   ?   A . n 
A 1 104 GLN 104 156 ?   ?   ?   A . n 
A 1 105 GLN 105 157 ?   ?   ?   A . n 
A 1 106 PRO 106 158 ?   ?   ?   A . n 
A 1 107 THR 107 159 ?   ?   ?   A . n 
A 1 108 TYR 108 160 ?   ?   ?   A . n 
A 1 109 VAL 109 161 ?   ?   ?   A . n 
A 1 110 GLN 110 162 ?   ?   ?   A . n 
A 1 111 ALA 111 163 ?   ?   ?   A . n 
A 1 112 ASN 112 164 ?   ?   ?   A . n 
A 1 113 ASN 113 165 ?   ?   ?   A . n 
A 1 114 ASN 114 166 ?   ?   ?   A . n 
A 1 115 ASN 115 167 ?   ?   ?   A . n 
A 1 116 ASN 116 168 ?   ?   ?   A . n 
A 1 117 ASN 117 169 ?   ?   ?   A . n 
B 2 1   ACT 1   1   1   ACT ACT B . n 
B 2 2   PTR 2   2   2   PTR PTR B . n 
B 2 3   03E 3   3   3   03E 03E B . n 
B 2 4   ASN 4   4   4   ASN ASN B . n 
B 2 5   NH2 5   5   5   NH2 NH2 B . n 
# 
loop_
_pdbx_nonpoly_scheme.asym_id 
_pdbx_nonpoly_scheme.entity_id 
_pdbx_nonpoly_scheme.mon_id 
_pdbx_nonpoly_scheme.ndb_seq_num 
_pdbx_nonpoly_scheme.pdb_seq_num 
_pdbx_nonpoly_scheme.auth_seq_num 
_pdbx_nonpoly_scheme.pdb_mon_id 
_pdbx_nonpoly_scheme.auth_mon_id 
_pdbx_nonpoly_scheme.pdb_strand_id 
_pdbx_nonpoly_scheme.pdb_ins_code 
C 3 CL  1  174 174 CL  CL  A . 
D 4 HOH 1  6   6   HOH HOH A . 
D 4 HOH 2  7   7   HOH HOH A . 
D 4 HOH 3  8   8   HOH HOH A . 
D 4 HOH 4  9   9   HOH HOH A . 
D 4 HOH 5  10  10  HOH HOH A . 
D 4 HOH 6  11  11  HOH HOH A . 
D 4 HOH 7  12  12  HOH HOH A . 
D 4 HOH 8  13  13  HOH HOH A . 
D 4 HOH 9  14  14  HOH HOH A . 
D 4 HOH 10 15  15  HOH HOH A . 
D 4 HOH 11 16  16  HOH HOH A . 
D 4 HOH 12 17  17  HOH HOH A . 
D 4 HOH 13 18  18  HOH HOH A . 
D 4 HOH 14 19  19  HOH HOH A . 
D 4 HOH 15 20  20  HOH HOH A . 
D 4 HOH 16 21  21  HOH HOH A . 
D 4 HOH 17 22  22  HOH HOH A . 
D 4 HOH 18 23  23  HOH HOH A . 
D 4 HOH 19 24  24  HOH HOH A . 
D 4 HOH 20 25  25  HOH HOH A . 
D 4 HOH 21 26  26  HOH HOH A . 
D 4 HOH 22 27  27  HOH HOH A . 
D 4 HOH 23 28  28  HOH HOH A . 
D 4 HOH 24 29  29  HOH HOH A . 
D 4 HOH 25 30  30  HOH HOH A . 
D 4 HOH 26 31  31  HOH HOH A . 
D 4 HOH 27 32  32  HOH HOH A . 
D 4 HOH 28 33  33  HOH HOH A . 
D 4 HOH 29 34  34  HOH HOH A . 
D 4 HOH 30 35  35  HOH HOH A . 
D 4 HOH 31 36  36  HOH HOH A . 
D 4 HOH 32 37  37  HOH HOH A . 
D 4 HOH 33 38  38  HOH HOH A . 
D 4 HOH 34 39  39  HOH HOH A . 
D 4 HOH 35 40  40  HOH HOH A . 
D 4 HOH 36 41  41  HOH HOH A . 
D 4 HOH 37 42  42  HOH HOH A . 
D 4 HOH 38 43  43  HOH HOH A . 
D 4 HOH 39 44  44  HOH HOH A . 
D 4 HOH 40 45  45  HOH HOH A . 
D 4 HOH 41 46  46  HOH HOH A . 
D 4 HOH 42 47  47  HOH HOH A . 
D 4 HOH 43 48  48  HOH HOH A . 
D 4 HOH 44 49  49  HOH HOH A . 
D 4 HOH 45 50  50  HOH HOH A . 
D 4 HOH 46 51  51  HOH HOH A . 
D 4 HOH 47 52  52  HOH HOH A . 
D 4 HOH 48 170 53  HOH HOH A . 
D 4 HOH 49 175 175 HOH HOH A . 
D 4 HOH 50 176 176 HOH HOH A . 
D 4 HOH 51 177 177 HOH HOH A . 
D 4 HOH 52 178 178 HOH HOH A . 
D 4 HOH 53 179 179 HOH HOH A . 
D 4 HOH 54 180 180 HOH HOH A . 
D 4 HOH 55 181 181 HOH HOH A . 
D 4 HOH 56 182 182 HOH HOH A . 
D 4 HOH 57 183 183 HOH HOH A . 
D 4 HOH 58 184 184 HOH HOH A . 
D 4 HOH 59 185 185 HOH HOH A . 
D 4 HOH 60 186 186 HOH HOH A . 
D 4 HOH 61 187 187 HOH HOH A . 
D 4 HOH 62 188 188 HOH HOH A . 
D 4 HOH 63 189 189 HOH HOH A . 
D 4 HOH 64 190 190 HOH HOH A . 
D 4 HOH 65 191 191 HOH HOH A . 
D 4 HOH 66 192 192 HOH HOH A . 
D 4 HOH 67 193 193 HOH HOH A . 
D 4 HOH 68 194 194 HOH HOH A . 
D 4 HOH 69 195 195 HOH HOH A . 
D 4 HOH 70 196 196 HOH HOH A . 
D 4 HOH 71 197 197 HOH HOH A . 
D 4 HOH 72 198 198 HOH HOH A . 
D 4 HOH 73 199 199 HOH HOH A . 
D 4 HOH 74 200 200 HOH HOH A . 
D 4 HOH 75 201 201 HOH HOH A . 
D 4 HOH 76 202 202 HOH HOH A . 
D 4 HOH 77 203 203 HOH HOH A . 
D 4 HOH 78 204 204 HOH HOH A . 
D 4 HOH 79 205 205 HOH HOH A . 
D 4 HOH 80 206 206 HOH HOH A . 
D 4 HOH 81 207 207 HOH HOH A . 
D 4 HOH 82 208 208 HOH HOH A . 
D 4 HOH 83 209 209 HOH HOH A . 
D 4 HOH 84 210 210 HOH HOH A . 
D 4 HOH 85 211 211 HOH HOH A . 
D 4 HOH 86 212 212 HOH HOH A . 
D 4 HOH 87 213 213 HOH HOH A . 
D 4 HOH 88 214 214 HOH HOH A . 
D 4 HOH 89 215 215 HOH HOH A . 
D 4 HOH 90 216 216 HOH HOH A . 
# 
_pdbx_struct_mod_residue.id               1 
_pdbx_struct_mod_residue.label_asym_id    B 
_pdbx_struct_mod_residue.label_comp_id    PTR 
_pdbx_struct_mod_residue.label_seq_id     2 
_pdbx_struct_mod_residue.auth_asym_id     B 
_pdbx_struct_mod_residue.auth_comp_id     PTR 
_pdbx_struct_mod_residue.auth_seq_id      2 
_pdbx_struct_mod_residue.PDB_ins_code     ? 
_pdbx_struct_mod_residue.parent_comp_id   TYR 
_pdbx_struct_mod_residue.details          O-PHOSPHOTYROSINE 
# 
loop_
_pdbx_struct_assembly.id 
_pdbx_struct_assembly.details 
_pdbx_struct_assembly.method_details 
_pdbx_struct_assembly.oligomeric_details 
_pdbx_struct_assembly.oligomeric_count 
1 author_and_software_defined_assembly PISA dimeric    2 
2 software_defined_assembly            PISA tetrameric 4 
# 
loop_
_pdbx_struct_assembly_gen.assembly_id 
_pdbx_struct_assembly_gen.oper_expression 
_pdbx_struct_assembly_gen.asym_id_list 
1 1   A,B,C,D 
2 1,2 A,B,C,D 
# 
loop_
_pdbx_struct_assembly_prop.biol_id 
_pdbx_struct_assembly_prop.type 
_pdbx_struct_assembly_prop.value 
_pdbx_struct_assembly_prop.details 
1 'ABSA (A^2)' 1200  ? 
1 MORE         -15   ? 
1 'SSA (A^2)'  6230  ? 
2 'ABSA (A^2)' 4800  ? 
2 MORE         -39   ? 
2 'SSA (A^2)'  10060 ? 
# 
loop_
_pdbx_struct_oper_list.id 
_pdbx_struct_oper_list.type 
_pdbx_struct_oper_list.name 
_pdbx_struct_oper_list.symmetry_operation 
_pdbx_struct_oper_list.matrix[1][1] 
_pdbx_struct_oper_list.matrix[1][2] 
_pdbx_struct_oper_list.matrix[1][3] 
_pdbx_struct_oper_list.vector[1] 
_pdbx_struct_oper_list.matrix[2][1] 
_pdbx_struct_oper_list.matrix[2][2] 
_pdbx_struct_oper_list.matrix[2][3] 
_pdbx_struct_oper_list.vector[2] 
_pdbx_struct_oper_list.matrix[3][1] 
_pdbx_struct_oper_list.matrix[3][2] 
_pdbx_struct_oper_list.matrix[3][3] 
_pdbx_struct_oper_list.vector[3] 
1 'identity operation'         1_555 x,y,z      1.0000000000 0.0000000000 0.0000000000  0.0000000000  0.0000000000 1.0000000000  0.0000000000  0.0000000000 0.0000000000  0.0000000000  1.0000000000  0.0000000000  
2 'crystal symmetry operation' 7_465 y-1,x+1,-z 0.2324030867 0.5536198267 -0.7996836204 10.9526777335 0.5536198267 -0.7513030308 -0.3592336892 2.4920905307 -0.7996836204 -0.3592336892 -0.4811000559 18.6045883564 
# 
_pdbx_struct_special_symmetry.id              1 
_pdbx_struct_special_symmetry.PDB_model_num   1 
_pdbx_struct_special_symmetry.auth_asym_id    A 
_pdbx_struct_special_symmetry.auth_comp_id    HOH 
_pdbx_struct_special_symmetry.auth_seq_id     50 
_pdbx_struct_special_symmetry.PDB_ins_code    ? 
_pdbx_struct_special_symmetry.label_asym_id   D 
_pdbx_struct_special_symmetry.label_comp_id   HOH 
_pdbx_struct_special_symmetry.label_seq_id    . 
# 
loop_
_pdbx_audit_revision_history.ordinal 
_pdbx_audit_revision_history.data_content_type 
_pdbx_audit_revision_history.major_revision 
_pdbx_audit_revision_history.minor_revision 
_pdbx_audit_revision_history.revision_date 
1 'Structure model' 1 0 2011-11-02 
2 'Structure model' 1 1 2011-12-07 
3 'Structure model' 1 2 2023-09-06 
4 'Structure model' 1 3 2023-12-06 
# 
_pdbx_audit_revision_details.ordinal             1 
_pdbx_audit_revision_details.revision_ordinal    1 
_pdbx_audit_revision_details.data_content_type   'Structure model' 
_pdbx_audit_revision_details.provider            repository 
_pdbx_audit_revision_details.type                'Initial release' 
_pdbx_audit_revision_details.description         ? 
_pdbx_audit_revision_details.details             ? 
# 
loop_
_pdbx_audit_revision_group.ordinal 
_pdbx_audit_revision_group.revision_ordinal 
_pdbx_audit_revision_group.data_content_type 
_pdbx_audit_revision_group.group 
1 2 'Structure model' 'Database references'    
2 3 'Structure model' 'Data collection'        
3 3 'Structure model' 'Database references'    
4 3 'Structure model' 'Derived calculations'   
5 3 'Structure model' 'Refinement description' 
6 4 'Structure model' 'Data collection'        
# 
loop_
_pdbx_audit_revision_category.ordinal 
_pdbx_audit_revision_category.revision_ordinal 
_pdbx_audit_revision_category.data_content_type 
_pdbx_audit_revision_category.category 
1 3 'Structure model' chem_comp_atom                
2 3 'Structure model' chem_comp_bond                
3 3 'Structure model' database_2                    
4 3 'Structure model' pdbx_initial_refinement_model 
5 3 'Structure model' struct_conn                   
6 3 'Structure model' struct_ref_seq_dif            
7 4 'Structure model' chem_comp_atom                
8 4 'Structure model' chem_comp_bond                
# 
loop_
_pdbx_audit_revision_item.ordinal 
_pdbx_audit_revision_item.revision_ordinal 
_pdbx_audit_revision_item.data_content_type 
_pdbx_audit_revision_item.item 
1 3 'Structure model' '_database_2.pdbx_DOI'                
2 3 'Structure model' '_database_2.pdbx_database_accession' 
3 3 'Structure model' '_struct_conn.pdbx_leaving_atom_flag' 
4 3 'Structure model' '_struct_ref_seq_dif.details'         
5 4 'Structure model' '_chem_comp_atom.atom_id'             
6 4 'Structure model' '_chem_comp_bond.atom_id_2'           
# 
loop_
_software.name 
_software.classification 
_software.version 
_software.citation_id 
_software.pdbx_ordinal 
HKL-2000 'data collection' .        ? 1 
PHASER   phasing           .        ? 2 
REFMAC   refinement        5.5.0109 ? 3 
HKL-2000 'data reduction'  .        ? 4 
HKL-2000 'data scaling'    .        ? 5 
# 
_pdbx_validate_rmsd_bond.id                        1 
_pdbx_validate_rmsd_bond.PDB_model_num             1 
_pdbx_validate_rmsd_bond.auth_atom_id_1            CG 
_pdbx_validate_rmsd_bond.auth_asym_id_1            A 
_pdbx_validate_rmsd_bond.auth_comp_id_1            LYS 
_pdbx_validate_rmsd_bond.auth_seq_id_1             56 
_pdbx_validate_rmsd_bond.PDB_ins_code_1            ? 
_pdbx_validate_rmsd_bond.label_alt_id_1            ? 
_pdbx_validate_rmsd_bond.auth_atom_id_2            CD 
_pdbx_validate_rmsd_bond.auth_asym_id_2            A 
_pdbx_validate_rmsd_bond.auth_comp_id_2            LYS 
_pdbx_validate_rmsd_bond.auth_seq_id_2             56 
_pdbx_validate_rmsd_bond.PDB_ins_code_2            ? 
_pdbx_validate_rmsd_bond.label_alt_id_2            ? 
_pdbx_validate_rmsd_bond.bond_value                1.919 
_pdbx_validate_rmsd_bond.bond_target_value         1.520 
_pdbx_validate_rmsd_bond.bond_deviation            0.399 
_pdbx_validate_rmsd_bond.bond_standard_deviation   0.034 
_pdbx_validate_rmsd_bond.linker_flag               N 
# 
_pdbx_validate_rmsd_angle.id                         1 
_pdbx_validate_rmsd_angle.PDB_model_num              1 
_pdbx_validate_rmsd_angle.auth_atom_id_1             CB 
_pdbx_validate_rmsd_angle.auth_asym_id_1             A 
_pdbx_validate_rmsd_angle.auth_comp_id_1             LYS 
_pdbx_validate_rmsd_angle.auth_seq_id_1              56 
_pdbx_validate_rmsd_angle.PDB_ins_code_1             ? 
_pdbx_validate_rmsd_angle.label_alt_id_1             ? 
_pdbx_validate_rmsd_angle.auth_atom_id_2             CG 
_pdbx_validate_rmsd_angle.auth_asym_id_2             A 
_pdbx_validate_rmsd_angle.auth_comp_id_2             LYS 
_pdbx_validate_rmsd_angle.auth_seq_id_2              56 
_pdbx_validate_rmsd_angle.PDB_ins_code_2             ? 
_pdbx_validate_rmsd_angle.label_alt_id_2             ? 
_pdbx_validate_rmsd_angle.auth_atom_id_3             CD 
_pdbx_validate_rmsd_angle.auth_asym_id_3             A 
_pdbx_validate_rmsd_angle.auth_comp_id_3             LYS 
_pdbx_validate_rmsd_angle.auth_seq_id_3              56 
_pdbx_validate_rmsd_angle.PDB_ins_code_3             ? 
_pdbx_validate_rmsd_angle.label_alt_id_3             ? 
_pdbx_validate_rmsd_angle.angle_value                91.41 
_pdbx_validate_rmsd_angle.angle_target_value         111.60 
_pdbx_validate_rmsd_angle.angle_deviation            -20.19 
_pdbx_validate_rmsd_angle.angle_standard_deviation   2.60 
_pdbx_validate_rmsd_angle.linker_flag                N 
# 
loop_
_pdbx_validate_torsion.id 
_pdbx_validate_torsion.PDB_model_num 
_pdbx_validate_torsion.auth_comp_id 
_pdbx_validate_torsion.auth_asym_id 
_pdbx_validate_torsion.auth_seq_id 
_pdbx_validate_torsion.PDB_ins_code 
_pdbx_validate_torsion.label_alt_id 
_pdbx_validate_torsion.phi 
_pdbx_validate_torsion.psi 
1 1 TRP A 121 ? ? -126.38 -67.87 
2 1 VAL A 122 ? ? -134.93 -47.47 
# 
loop_
_pdbx_unobs_or_zero_occ_atoms.id 
_pdbx_unobs_or_zero_occ_atoms.PDB_model_num 
_pdbx_unobs_or_zero_occ_atoms.polymer_flag 
_pdbx_unobs_or_zero_occ_atoms.occupancy_flag 
_pdbx_unobs_or_zero_occ_atoms.auth_asym_id 
_pdbx_unobs_or_zero_occ_atoms.auth_comp_id 
_pdbx_unobs_or_zero_occ_atoms.auth_seq_id 
_pdbx_unobs_or_zero_occ_atoms.PDB_ins_code 
_pdbx_unobs_or_zero_occ_atoms.auth_atom_id 
_pdbx_unobs_or_zero_occ_atoms.label_alt_id 
_pdbx_unobs_or_zero_occ_atoms.label_asym_id 
_pdbx_unobs_or_zero_occ_atoms.label_comp_id 
_pdbx_unobs_or_zero_occ_atoms.label_seq_id 
_pdbx_unobs_or_zero_occ_atoms.label_atom_id 
1 1 Y 0 A GLU 54 ? CG  ? A GLU 2 CG  
2 1 Y 0 A GLU 54 ? CD  ? A GLU 2 CD  
3 1 Y 0 A GLU 54 ? OE1 ? A GLU 2 OE1 
4 1 Y 0 A GLU 54 ? OE2 ? A GLU 2 OE2 
5 1 Y 0 A LYS 56 ? CD  ? A LYS 4 CD  
6 1 Y 0 A LYS 56 ? CE  ? A LYS 4 CE  
7 1 Y 0 A LYS 56 ? NZ  ? A LYS 4 NZ  
# 
loop_
_pdbx_unobs_or_zero_occ_residues.id 
_pdbx_unobs_or_zero_occ_residues.PDB_model_num 
_pdbx_unobs_or_zero_occ_residues.polymer_flag 
_pdbx_unobs_or_zero_occ_residues.occupancy_flag 
_pdbx_unobs_or_zero_occ_residues.auth_asym_id 
_pdbx_unobs_or_zero_occ_residues.auth_comp_id 
_pdbx_unobs_or_zero_occ_residues.auth_seq_id 
_pdbx_unobs_or_zero_occ_residues.PDB_ins_code 
_pdbx_unobs_or_zero_occ_residues.label_asym_id 
_pdbx_unobs_or_zero_occ_residues.label_comp_id 
_pdbx_unobs_or_zero_occ_residues.label_seq_id 
1  1 Y 1 A ILE 53  ? A ILE 1   
2  1 Y 1 A PRO 155 ? A PRO 103 
3  1 Y 1 A GLN 156 ? A GLN 104 
4  1 Y 1 A GLN 157 ? A GLN 105 
5  1 Y 1 A PRO 158 ? A PRO 106 
6  1 Y 1 A THR 159 ? A THR 107 
7  1 Y 1 A TYR 160 ? A TYR 108 
8  1 Y 1 A VAL 161 ? A VAL 109 
9  1 Y 1 A GLN 162 ? A GLN 110 
10 1 Y 1 A ALA 163 ? A ALA 111 
11 1 Y 1 A ASN 164 ? A ASN 112 
12 1 Y 1 A ASN 165 ? A ASN 113 
13 1 Y 1 A ASN 166 ? A ASN 114 
14 1 Y 1 A ASN 167 ? A ASN 115 
15 1 Y 1 A ASN 168 ? A ASN 116 
16 1 Y 1 A ASN 169 ? A ASN 117 
# 
loop_
_chem_comp_atom.comp_id 
_chem_comp_atom.atom_id 
_chem_comp_atom.type_symbol 
_chem_comp_atom.pdbx_aromatic_flag 
_chem_comp_atom.pdbx_stereo_config 
_chem_comp_atom.pdbx_ordinal 
03E O    O  N N 1   
03E CAO  C  N N 2   
03E CAP  C  N N 3   
03E CAQ  C  N N 4   
03E CAR  C  N N 5   
03E CAS  C  N N 6   
03E CAT  C  N N 7   
03E N    N  N N 8   
03E C    C  N N 9   
03E CA   C  N N 10  
03E HAO  H  N N 11  
03E HAOA H  N N 12  
03E HAP  H  N N 13  
03E HAQ  H  N N 14  
03E HAQA H  N N 15  
03E HAR  H  N N 16  
03E HAS  H  N N 17  
03E HASA H  N N 18  
03E HAT  H  N N 19  
03E HATA H  N N 20  
03E H    H  N N 21  
03E OXT  O  N N 22  
03E H12  H  N N 23  
03E H13  H  N N 24  
03E H2   H  N N 25  
03E HXT  H  N N 26  
ACT C    C  N N 27  
ACT O    O  N N 28  
ACT OXT  O  N N 29  
ACT CH3  C  N N 30  
ACT H1   H  N N 31  
ACT H2   H  N N 32  
ACT H3   H  N N 33  
ALA N    N  N N 34  
ALA CA   C  N S 35  
ALA C    C  N N 36  
ALA O    O  N N 37  
ALA CB   C  N N 38  
ALA OXT  O  N N 39  
ALA H    H  N N 40  
ALA H2   H  N N 41  
ALA HA   H  N N 42  
ALA HB1  H  N N 43  
ALA HB2  H  N N 44  
ALA HB3  H  N N 45  
ALA HXT  H  N N 46  
ARG N    N  N N 47  
ARG CA   C  N S 48  
ARG C    C  N N 49  
ARG O    O  N N 50  
ARG CB   C  N N 51  
ARG CG   C  N N 52  
ARG CD   C  N N 53  
ARG NE   N  N N 54  
ARG CZ   C  N N 55  
ARG NH1  N  N N 56  
ARG NH2  N  N N 57  
ARG OXT  O  N N 58  
ARG H    H  N N 59  
ARG H2   H  N N 60  
ARG HA   H  N N 61  
ARG HB2  H  N N 62  
ARG HB3  H  N N 63  
ARG HG2  H  N N 64  
ARG HG3  H  N N 65  
ARG HD2  H  N N 66  
ARG HD3  H  N N 67  
ARG HE   H  N N 68  
ARG HH11 H  N N 69  
ARG HH12 H  N N 70  
ARG HH21 H  N N 71  
ARG HH22 H  N N 72  
ARG HXT  H  N N 73  
ASN N    N  N N 74  
ASN CA   C  N S 75  
ASN C    C  N N 76  
ASN O    O  N N 77  
ASN CB   C  N N 78  
ASN CG   C  N N 79  
ASN OD1  O  N N 80  
ASN ND2  N  N N 81  
ASN OXT  O  N N 82  
ASN H    H  N N 83  
ASN H2   H  N N 84  
ASN HA   H  N N 85  
ASN HB2  H  N N 86  
ASN HB3  H  N N 87  
ASN HD21 H  N N 88  
ASN HD22 H  N N 89  
ASN HXT  H  N N 90  
ASP N    N  N N 91  
ASP CA   C  N S 92  
ASP C    C  N N 93  
ASP O    O  N N 94  
ASP CB   C  N N 95  
ASP CG   C  N N 96  
ASP OD1  O  N N 97  
ASP OD2  O  N N 98  
ASP OXT  O  N N 99  
ASP H    H  N N 100 
ASP H2   H  N N 101 
ASP HA   H  N N 102 
ASP HB2  H  N N 103 
ASP HB3  H  N N 104 
ASP HD2  H  N N 105 
ASP HXT  H  N N 106 
CL  CL   CL N N 107 
GLN N    N  N N 108 
GLN CA   C  N S 109 
GLN C    C  N N 110 
GLN O    O  N N 111 
GLN CB   C  N N 112 
GLN CG   C  N N 113 
GLN CD   C  N N 114 
GLN OE1  O  N N 115 
GLN NE2  N  N N 116 
GLN OXT  O  N N 117 
GLN H    H  N N 118 
GLN H2   H  N N 119 
GLN HA   H  N N 120 
GLN HB2  H  N N 121 
GLN HB3  H  N N 122 
GLN HG2  H  N N 123 
GLN HG3  H  N N 124 
GLN HE21 H  N N 125 
GLN HE22 H  N N 126 
GLN HXT  H  N N 127 
GLU N    N  N N 128 
GLU CA   C  N S 129 
GLU C    C  N N 130 
GLU O    O  N N 131 
GLU CB   C  N N 132 
GLU CG   C  N N 133 
GLU CD   C  N N 134 
GLU OE1  O  N N 135 
GLU OE2  O  N N 136 
GLU OXT  O  N N 137 
GLU H    H  N N 138 
GLU H2   H  N N 139 
GLU HA   H  N N 140 
GLU HB2  H  N N 141 
GLU HB3  H  N N 142 
GLU HG2  H  N N 143 
GLU HG3  H  N N 144 
GLU HE2  H  N N 145 
GLU HXT  H  N N 146 
GLY N    N  N N 147 
GLY CA   C  N N 148 
GLY C    C  N N 149 
GLY O    O  N N 150 
GLY OXT  O  N N 151 
GLY H    H  N N 152 
GLY H2   H  N N 153 
GLY HA2  H  N N 154 
GLY HA3  H  N N 155 
GLY HXT  H  N N 156 
HIS N    N  N N 157 
HIS CA   C  N S 158 
HIS C    C  N N 159 
HIS O    O  N N 160 
HIS CB   C  N N 161 
HIS CG   C  Y N 162 
HIS ND1  N  Y N 163 
HIS CD2  C  Y N 164 
HIS CE1  C  Y N 165 
HIS NE2  N  Y N 166 
HIS OXT  O  N N 167 
HIS H    H  N N 168 
HIS H2   H  N N 169 
HIS HA   H  N N 170 
HIS HB2  H  N N 171 
HIS HB3  H  N N 172 
HIS HD1  H  N N 173 
HIS HD2  H  N N 174 
HIS HE1  H  N N 175 
HIS HE2  H  N N 176 
HIS HXT  H  N N 177 
HOH O    O  N N 178 
HOH H1   H  N N 179 
HOH H2   H  N N 180 
ILE N    N  N N 181 
ILE CA   C  N S 182 
ILE C    C  N N 183 
ILE O    O  N N 184 
ILE CB   C  N S 185 
ILE CG1  C  N N 186 
ILE CG2  C  N N 187 
ILE CD1  C  N N 188 
ILE OXT  O  N N 189 
ILE H    H  N N 190 
ILE H2   H  N N 191 
ILE HA   H  N N 192 
ILE HB   H  N N 193 
ILE HG12 H  N N 194 
ILE HG13 H  N N 195 
ILE HG21 H  N N 196 
ILE HG22 H  N N 197 
ILE HG23 H  N N 198 
ILE HD11 H  N N 199 
ILE HD12 H  N N 200 
ILE HD13 H  N N 201 
ILE HXT  H  N N 202 
LEU N    N  N N 203 
LEU CA   C  N S 204 
LEU C    C  N N 205 
LEU O    O  N N 206 
LEU CB   C  N N 207 
LEU CG   C  N N 208 
LEU CD1  C  N N 209 
LEU CD2  C  N N 210 
LEU OXT  O  N N 211 
LEU H    H  N N 212 
LEU H2   H  N N 213 
LEU HA   H  N N 214 
LEU HB2  H  N N 215 
LEU HB3  H  N N 216 
LEU HG   H  N N 217 
LEU HD11 H  N N 218 
LEU HD12 H  N N 219 
LEU HD13 H  N N 220 
LEU HD21 H  N N 221 
LEU HD22 H  N N 222 
LEU HD23 H  N N 223 
LEU HXT  H  N N 224 
LYS N    N  N N 225 
LYS CA   C  N S 226 
LYS C    C  N N 227 
LYS O    O  N N 228 
LYS CB   C  N N 229 
LYS CG   C  N N 230 
LYS CD   C  N N 231 
LYS CE   C  N N 232 
LYS NZ   N  N N 233 
LYS OXT  O  N N 234 
LYS H    H  N N 235 
LYS H2   H  N N 236 
LYS HA   H  N N 237 
LYS HB2  H  N N 238 
LYS HB3  H  N N 239 
LYS HG2  H  N N 240 
LYS HG3  H  N N 241 
LYS HD2  H  N N 242 
LYS HD3  H  N N 243 
LYS HE2  H  N N 244 
LYS HE3  H  N N 245 
LYS HZ1  H  N N 246 
LYS HZ2  H  N N 247 
LYS HZ3  H  N N 248 
LYS HXT  H  N N 249 
MET N    N  N N 250 
MET CA   C  N S 251 
MET C    C  N N 252 
MET O    O  N N 253 
MET CB   C  N N 254 
MET CG   C  N N 255 
MET SD   S  N N 256 
MET CE   C  N N 257 
MET OXT  O  N N 258 
MET H    H  N N 259 
MET H2   H  N N 260 
MET HA   H  N N 261 
MET HB2  H  N N 262 
MET HB3  H  N N 263 
MET HG2  H  N N 264 
MET HG3  H  N N 265 
MET HE1  H  N N 266 
MET HE2  H  N N 267 
MET HE3  H  N N 268 
MET HXT  H  N N 269 
NH2 N    N  N N 270 
NH2 HN1  H  N N 271 
NH2 HN2  H  N N 272 
PHE N    N  N N 273 
PHE CA   C  N S 274 
PHE C    C  N N 275 
PHE O    O  N N 276 
PHE CB   C  N N 277 
PHE CG   C  Y N 278 
PHE CD1  C  Y N 279 
PHE CD2  C  Y N 280 
PHE CE1  C  Y N 281 
PHE CE2  C  Y N 282 
PHE CZ   C  Y N 283 
PHE OXT  O  N N 284 
PHE H    H  N N 285 
PHE H2   H  N N 286 
PHE HA   H  N N 287 
PHE HB2  H  N N 288 
PHE HB3  H  N N 289 
PHE HD1  H  N N 290 
PHE HD2  H  N N 291 
PHE HE1  H  N N 292 
PHE HE2  H  N N 293 
PHE HZ   H  N N 294 
PHE HXT  H  N N 295 
PRO N    N  N N 296 
PRO CA   C  N S 297 
PRO C    C  N N 298 
PRO O    O  N N 299 
PRO CB   C  N N 300 
PRO CG   C  N N 301 
PRO CD   C  N N 302 
PRO OXT  O  N N 303 
PRO H    H  N N 304 
PRO HA   H  N N 305 
PRO HB2  H  N N 306 
PRO HB3  H  N N 307 
PRO HG2  H  N N 308 
PRO HG3  H  N N 309 
PRO HD2  H  N N 310 
PRO HD3  H  N N 311 
PRO HXT  H  N N 312 
PTR N    N  N N 313 
PTR CA   C  N S 314 
PTR C    C  N N 315 
PTR O    O  N N 316 
PTR OXT  O  N N 317 
PTR CB   C  N N 318 
PTR CG   C  Y N 319 
PTR CD1  C  Y N 320 
PTR CD2  C  Y N 321 
PTR CE1  C  Y N 322 
PTR CE2  C  Y N 323 
PTR CZ   C  Y N 324 
PTR OH   O  N N 325 
PTR P    P  N N 326 
PTR O1P  O  N N 327 
PTR O2P  O  N N 328 
PTR O3P  O  N N 329 
PTR H    H  N N 330 
PTR H2   H  N N 331 
PTR HA   H  N N 332 
PTR HXT  H  N N 333 
PTR HB2  H  N N 334 
PTR HB3  H  N N 335 
PTR HD1  H  N N 336 
PTR HD2  H  N N 337 
PTR HE1  H  N N 338 
PTR HE2  H  N N 339 
PTR HO2P H  N N 340 
PTR HO3P H  N N 341 
SER N    N  N N 342 
SER CA   C  N S 343 
SER C    C  N N 344 
SER O    O  N N 345 
SER CB   C  N N 346 
SER OG   O  N N 347 
SER OXT  O  N N 348 
SER H    H  N N 349 
SER H2   H  N N 350 
SER HA   H  N N 351 
SER HB2  H  N N 352 
SER HB3  H  N N 353 
SER HG   H  N N 354 
SER HXT  H  N N 355 
THR N    N  N N 356 
THR CA   C  N S 357 
THR C    C  N N 358 
THR O    O  N N 359 
THR CB   C  N R 360 
THR OG1  O  N N 361 
THR CG2  C  N N 362 
THR OXT  O  N N 363 
THR H    H  N N 364 
THR H2   H  N N 365 
THR HA   H  N N 366 
THR HB   H  N N 367 
THR HG1  H  N N 368 
THR HG21 H  N N 369 
THR HG22 H  N N 370 
THR HG23 H  N N 371 
THR HXT  H  N N 372 
TRP N    N  N N 373 
TRP CA   C  N S 374 
TRP C    C  N N 375 
TRP O    O  N N 376 
TRP CB   C  N N 377 
TRP CG   C  Y N 378 
TRP CD1  C  Y N 379 
TRP CD2  C  Y N 380 
TRP NE1  N  Y N 381 
TRP CE2  C  Y N 382 
TRP CE3  C  Y N 383 
TRP CZ2  C  Y N 384 
TRP CZ3  C  Y N 385 
TRP CH2  C  Y N 386 
TRP OXT  O  N N 387 
TRP H    H  N N 388 
TRP H2   H  N N 389 
TRP HA   H  N N 390 
TRP HB2  H  N N 391 
TRP HB3  H  N N 392 
TRP HD1  H  N N 393 
TRP HE1  H  N N 394 
TRP HE3  H  N N 395 
TRP HZ2  H  N N 396 
TRP HZ3  H  N N 397 
TRP HH2  H  N N 398 
TRP HXT  H  N N 399 
TYR N    N  N N 400 
TYR CA   C  N S 401 
TYR C    C  N N 402 
TYR O    O  N N 403 
TYR CB   C  N N 404 
TYR CG   C  Y N 405 
TYR CD1  C  Y N 406 
TYR CD2  C  Y N 407 
TYR CE1  C  Y N 408 
TYR CE2  C  Y N 409 
TYR CZ   C  Y N 410 
TYR OH   O  N N 411 
TYR OXT  O  N N 412 
TYR H    H  N N 413 
TYR H2   H  N N 414 
TYR HA   H  N N 415 
TYR HB2  H  N N 416 
TYR HB3  H  N N 417 
TYR HD1  H  N N 418 
TYR HD2  H  N N 419 
TYR HE1  H  N N 420 
TYR HE2  H  N N 421 
TYR HH   H  N N 422 
TYR HXT  H  N N 423 
VAL N    N  N N 424 
VAL CA   C  N S 425 
VAL C    C  N N 426 
VAL O    O  N N 427 
VAL CB   C  N N 428 
VAL CG1  C  N N 429 
VAL CG2  C  N N 430 
VAL OXT  O  N N 431 
VAL H    H  N N 432 
VAL H2   H  N N 433 
VAL HA   H  N N 434 
VAL HB   H  N N 435 
VAL HG11 H  N N 436 
VAL HG12 H  N N 437 
VAL HG13 H  N N 438 
VAL HG21 H  N N 439 
VAL HG22 H  N N 440 
VAL HG23 H  N N 441 
VAL HXT  H  N N 442 
# 
loop_
_chem_comp_bond.comp_id 
_chem_comp_bond.atom_id_1 
_chem_comp_bond.atom_id_2 
_chem_comp_bond.value_order 
_chem_comp_bond.pdbx_aromatic_flag 
_chem_comp_bond.pdbx_stereo_config 
_chem_comp_bond.pdbx_ordinal 
03E O   C    doub N N 1   
03E CAO CAP  sing N N 2   
03E CAO HAO  sing N N 3   
03E CAO HAOA sing N N 4   
03E CAP CAR  sing N N 5   
03E CAP HAP  sing N N 6   
03E CAQ CAO  sing N N 7   
03E CAQ HAQ  sing N N 8   
03E CAQ HAQA sing N N 9   
03E CAR HAR  sing N N 10  
03E CAS CAQ  sing N N 11  
03E CAS CA   sing N N 12  
03E CAS HAS  sing N N 13  
03E CAS HASA sing N N 14  
03E CAT CAR  sing N N 15  
03E CAT HAT  sing N N 16  
03E CAT HATA sing N N 17  
03E N   H    sing N N 18  
03E C   CA   sing N N 19  
03E CA  CAT  sing N N 20  
03E CA  N    sing N N 21  
03E C   OXT  sing N N 22  
03E CAP H12  sing N N 23  
03E CAR H13  sing N N 24  
03E N   H2   sing N N 25  
03E OXT HXT  sing N N 26  
ACT C   O    doub N N 27  
ACT C   OXT  sing N N 28  
ACT C   CH3  sing N N 29  
ACT CH3 H1   sing N N 30  
ACT CH3 H2   sing N N 31  
ACT CH3 H3   sing N N 32  
ALA N   CA   sing N N 33  
ALA N   H    sing N N 34  
ALA N   H2   sing N N 35  
ALA CA  C    sing N N 36  
ALA CA  CB   sing N N 37  
ALA CA  HA   sing N N 38  
ALA C   O    doub N N 39  
ALA C   OXT  sing N N 40  
ALA CB  HB1  sing N N 41  
ALA CB  HB2  sing N N 42  
ALA CB  HB3  sing N N 43  
ALA OXT HXT  sing N N 44  
ARG N   CA   sing N N 45  
ARG N   H    sing N N 46  
ARG N   H2   sing N N 47  
ARG CA  C    sing N N 48  
ARG CA  CB   sing N N 49  
ARG CA  HA   sing N N 50  
ARG C   O    doub N N 51  
ARG C   OXT  sing N N 52  
ARG CB  CG   sing N N 53  
ARG CB  HB2  sing N N 54  
ARG CB  HB3  sing N N 55  
ARG CG  CD   sing N N 56  
ARG CG  HG2  sing N N 57  
ARG CG  HG3  sing N N 58  
ARG CD  NE   sing N N 59  
ARG CD  HD2  sing N N 60  
ARG CD  HD3  sing N N 61  
ARG NE  CZ   sing N N 62  
ARG NE  HE   sing N N 63  
ARG CZ  NH1  sing N N 64  
ARG CZ  NH2  doub N N 65  
ARG NH1 HH11 sing N N 66  
ARG NH1 HH12 sing N N 67  
ARG NH2 HH21 sing N N 68  
ARG NH2 HH22 sing N N 69  
ARG OXT HXT  sing N N 70  
ASN N   CA   sing N N 71  
ASN N   H    sing N N 72  
ASN N   H2   sing N N 73  
ASN CA  C    sing N N 74  
ASN CA  CB   sing N N 75  
ASN CA  HA   sing N N 76  
ASN C   O    doub N N 77  
ASN C   OXT  sing N N 78  
ASN CB  CG   sing N N 79  
ASN CB  HB2  sing N N 80  
ASN CB  HB3  sing N N 81  
ASN CG  OD1  doub N N 82  
ASN CG  ND2  sing N N 83  
ASN ND2 HD21 sing N N 84  
ASN ND2 HD22 sing N N 85  
ASN OXT HXT  sing N N 86  
ASP N   CA   sing N N 87  
ASP N   H    sing N N 88  
ASP N   H2   sing N N 89  
ASP CA  C    sing N N 90  
ASP CA  CB   sing N N 91  
ASP CA  HA   sing N N 92  
ASP C   O    doub N N 93  
ASP C   OXT  sing N N 94  
ASP CB  CG   sing N N 95  
ASP CB  HB2  sing N N 96  
ASP CB  HB3  sing N N 97  
ASP CG  OD1  doub N N 98  
ASP CG  OD2  sing N N 99  
ASP OD2 HD2  sing N N 100 
ASP OXT HXT  sing N N 101 
GLN N   CA   sing N N 102 
GLN N   H    sing N N 103 
GLN N   H2   sing N N 104 
GLN CA  C    sing N N 105 
GLN CA  CB   sing N N 106 
GLN CA  HA   sing N N 107 
GLN C   O    doub N N 108 
GLN C   OXT  sing N N 109 
GLN CB  CG   sing N N 110 
GLN CB  HB2  sing N N 111 
GLN CB  HB3  sing N N 112 
GLN CG  CD   sing N N 113 
GLN CG  HG2  sing N N 114 
GLN CG  HG3  sing N N 115 
GLN CD  OE1  doub N N 116 
GLN CD  NE2  sing N N 117 
GLN NE2 HE21 sing N N 118 
GLN NE2 HE22 sing N N 119 
GLN OXT HXT  sing N N 120 
GLU N   CA   sing N N 121 
GLU N   H    sing N N 122 
GLU N   H2   sing N N 123 
GLU CA  C    sing N N 124 
GLU CA  CB   sing N N 125 
GLU CA  HA   sing N N 126 
GLU C   O    doub N N 127 
GLU C   OXT  sing N N 128 
GLU CB  CG   sing N N 129 
GLU CB  HB2  sing N N 130 
GLU CB  HB3  sing N N 131 
GLU CG  CD   sing N N 132 
GLU CG  HG2  sing N N 133 
GLU CG  HG3  sing N N 134 
GLU CD  OE1  doub N N 135 
GLU CD  OE2  sing N N 136 
GLU OE2 HE2  sing N N 137 
GLU OXT HXT  sing N N 138 
GLY N   CA   sing N N 139 
GLY N   H    sing N N 140 
GLY N   H2   sing N N 141 
GLY CA  C    sing N N 142 
GLY CA  HA2  sing N N 143 
GLY CA  HA3  sing N N 144 
GLY C   O    doub N N 145 
GLY C   OXT  sing N N 146 
GLY OXT HXT  sing N N 147 
HIS N   CA   sing N N 148 
HIS N   H    sing N N 149 
HIS N   H2   sing N N 150 
HIS CA  C    sing N N 151 
HIS CA  CB   sing N N 152 
HIS CA  HA   sing N N 153 
HIS C   O    doub N N 154 
HIS C   OXT  sing N N 155 
HIS CB  CG   sing N N 156 
HIS CB  HB2  sing N N 157 
HIS CB  HB3  sing N N 158 
HIS CG  ND1  sing Y N 159 
HIS CG  CD2  doub Y N 160 
HIS ND1 CE1  doub Y N 161 
HIS ND1 HD1  sing N N 162 
HIS CD2 NE2  sing Y N 163 
HIS CD2 HD2  sing N N 164 
HIS CE1 NE2  sing Y N 165 
HIS CE1 HE1  sing N N 166 
HIS NE2 HE2  sing N N 167 
HIS OXT HXT  sing N N 168 
HOH O   H1   sing N N 169 
HOH O   H2   sing N N 170 
ILE N   CA   sing N N 171 
ILE N   H    sing N N 172 
ILE N   H2   sing N N 173 
ILE CA  C    sing N N 174 
ILE CA  CB   sing N N 175 
ILE CA  HA   sing N N 176 
ILE C   O    doub N N 177 
ILE C   OXT  sing N N 178 
ILE CB  CG1  sing N N 179 
ILE CB  CG2  sing N N 180 
ILE CB  HB   sing N N 181 
ILE CG1 CD1  sing N N 182 
ILE CG1 HG12 sing N N 183 
ILE CG1 HG13 sing N N 184 
ILE CG2 HG21 sing N N 185 
ILE CG2 HG22 sing N N 186 
ILE CG2 HG23 sing N N 187 
ILE CD1 HD11 sing N N 188 
ILE CD1 HD12 sing N N 189 
ILE CD1 HD13 sing N N 190 
ILE OXT HXT  sing N N 191 
LEU N   CA   sing N N 192 
LEU N   H    sing N N 193 
LEU N   H2   sing N N 194 
LEU CA  C    sing N N 195 
LEU CA  CB   sing N N 196 
LEU CA  HA   sing N N 197 
LEU C   O    doub N N 198 
LEU C   OXT  sing N N 199 
LEU CB  CG   sing N N 200 
LEU CB  HB2  sing N N 201 
LEU CB  HB3  sing N N 202 
LEU CG  CD1  sing N N 203 
LEU CG  CD2  sing N N 204 
LEU CG  HG   sing N N 205 
LEU CD1 HD11 sing N N 206 
LEU CD1 HD12 sing N N 207 
LEU CD1 HD13 sing N N 208 
LEU CD2 HD21 sing N N 209 
LEU CD2 HD22 sing N N 210 
LEU CD2 HD23 sing N N 211 
LEU OXT HXT  sing N N 212 
LYS N   CA   sing N N 213 
LYS N   H    sing N N 214 
LYS N   H2   sing N N 215 
LYS CA  C    sing N N 216 
LYS CA  CB   sing N N 217 
LYS CA  HA   sing N N 218 
LYS C   O    doub N N 219 
LYS C   OXT  sing N N 220 
LYS CB  CG   sing N N 221 
LYS CB  HB2  sing N N 222 
LYS CB  HB3  sing N N 223 
LYS CG  CD   sing N N 224 
LYS CG  HG2  sing N N 225 
LYS CG  HG3  sing N N 226 
LYS CD  CE   sing N N 227 
LYS CD  HD2  sing N N 228 
LYS CD  HD3  sing N N 229 
LYS CE  NZ   sing N N 230 
LYS CE  HE2  sing N N 231 
LYS CE  HE3  sing N N 232 
LYS NZ  HZ1  sing N N 233 
LYS NZ  HZ2  sing N N 234 
LYS NZ  HZ3  sing N N 235 
LYS OXT HXT  sing N N 236 
MET N   CA   sing N N 237 
MET N   H    sing N N 238 
MET N   H2   sing N N 239 
MET CA  C    sing N N 240 
MET CA  CB   sing N N 241 
MET CA  HA   sing N N 242 
MET C   O    doub N N 243 
MET C   OXT  sing N N 244 
MET CB  CG   sing N N 245 
MET CB  HB2  sing N N 246 
MET CB  HB3  sing N N 247 
MET CG  SD   sing N N 248 
MET CG  HG2  sing N N 249 
MET CG  HG3  sing N N 250 
MET SD  CE   sing N N 251 
MET CE  HE1  sing N N 252 
MET CE  HE2  sing N N 253 
MET CE  HE3  sing N N 254 
MET OXT HXT  sing N N 255 
NH2 N   HN1  sing N N 256 
NH2 N   HN2  sing N N 257 
PHE N   CA   sing N N 258 
PHE N   H    sing N N 259 
PHE N   H2   sing N N 260 
PHE CA  C    sing N N 261 
PHE CA  CB   sing N N 262 
PHE CA  HA   sing N N 263 
PHE C   O    doub N N 264 
PHE C   OXT  sing N N 265 
PHE CB  CG   sing N N 266 
PHE CB  HB2  sing N N 267 
PHE CB  HB3  sing N N 268 
PHE CG  CD1  doub Y N 269 
PHE CG  CD2  sing Y N 270 
PHE CD1 CE1  sing Y N 271 
PHE CD1 HD1  sing N N 272 
PHE CD2 CE2  doub Y N 273 
PHE CD2 HD2  sing N N 274 
PHE CE1 CZ   doub Y N 275 
PHE CE1 HE1  sing N N 276 
PHE CE2 CZ   sing Y N 277 
PHE CE2 HE2  sing N N 278 
PHE CZ  HZ   sing N N 279 
PHE OXT HXT  sing N N 280 
PRO N   CA   sing N N 281 
PRO N   CD   sing N N 282 
PRO N   H    sing N N 283 
PRO CA  C    sing N N 284 
PRO CA  CB   sing N N 285 
PRO CA  HA   sing N N 286 
PRO C   O    doub N N 287 
PRO C   OXT  sing N N 288 
PRO CB  CG   sing N N 289 
PRO CB  HB2  sing N N 290 
PRO CB  HB3  sing N N 291 
PRO CG  CD   sing N N 292 
PRO CG  HG2  sing N N 293 
PRO CG  HG3  sing N N 294 
PRO CD  HD2  sing N N 295 
PRO CD  HD3  sing N N 296 
PRO OXT HXT  sing N N 297 
PTR N   CA   sing N N 298 
PTR N   H    sing N N 299 
PTR N   H2   sing N N 300 
PTR CA  C    sing N N 301 
PTR CA  CB   sing N N 302 
PTR CA  HA   sing N N 303 
PTR C   O    doub N N 304 
PTR C   OXT  sing N N 305 
PTR OXT HXT  sing N N 306 
PTR CB  CG   sing N N 307 
PTR CB  HB2  sing N N 308 
PTR CB  HB3  sing N N 309 
PTR CG  CD1  doub Y N 310 
PTR CG  CD2  sing Y N 311 
PTR CD1 CE1  sing Y N 312 
PTR CD1 HD1  sing N N 313 
PTR CD2 CE2  doub Y N 314 
PTR CD2 HD2  sing N N 315 
PTR CE1 CZ   doub Y N 316 
PTR CE1 HE1  sing N N 317 
PTR CE2 CZ   sing Y N 318 
PTR CE2 HE2  sing N N 319 
PTR CZ  OH   sing N N 320 
PTR OH  P    sing N N 321 
PTR P   O1P  doub N N 322 
PTR P   O2P  sing N N 323 
PTR P   O3P  sing N N 324 
PTR O2P HO2P sing N N 325 
PTR O3P HO3P sing N N 326 
SER N   CA   sing N N 327 
SER N   H    sing N N 328 
SER N   H2   sing N N 329 
SER CA  C    sing N N 330 
SER CA  CB   sing N N 331 
SER CA  HA   sing N N 332 
SER C   O    doub N N 333 
SER C   OXT  sing N N 334 
SER CB  OG   sing N N 335 
SER CB  HB2  sing N N 336 
SER CB  HB3  sing N N 337 
SER OG  HG   sing N N 338 
SER OXT HXT  sing N N 339 
THR N   CA   sing N N 340 
THR N   H    sing N N 341 
THR N   H2   sing N N 342 
THR CA  C    sing N N 343 
THR CA  CB   sing N N 344 
THR CA  HA   sing N N 345 
THR C   O    doub N N 346 
THR C   OXT  sing N N 347 
THR CB  OG1  sing N N 348 
THR CB  CG2  sing N N 349 
THR CB  HB   sing N N 350 
THR OG1 HG1  sing N N 351 
THR CG2 HG21 sing N N 352 
THR CG2 HG22 sing N N 353 
THR CG2 HG23 sing N N 354 
THR OXT HXT  sing N N 355 
TRP N   CA   sing N N 356 
TRP N   H    sing N N 357 
TRP N   H2   sing N N 358 
TRP CA  C    sing N N 359 
TRP CA  CB   sing N N 360 
TRP CA  HA   sing N N 361 
TRP C   O    doub N N 362 
TRP C   OXT  sing N N 363 
TRP CB  CG   sing N N 364 
TRP CB  HB2  sing N N 365 
TRP CB  HB3  sing N N 366 
TRP CG  CD1  doub Y N 367 
TRP CG  CD2  sing Y N 368 
TRP CD1 NE1  sing Y N 369 
TRP CD1 HD1  sing N N 370 
TRP CD2 CE2  doub Y N 371 
TRP CD2 CE3  sing Y N 372 
TRP NE1 CE2  sing Y N 373 
TRP NE1 HE1  sing N N 374 
TRP CE2 CZ2  sing Y N 375 
TRP CE3 CZ3  doub Y N 376 
TRP CE3 HE3  sing N N 377 
TRP CZ2 CH2  doub Y N 378 
TRP CZ2 HZ2  sing N N 379 
TRP CZ3 CH2  sing Y N 380 
TRP CZ3 HZ3  sing N N 381 
TRP CH2 HH2  sing N N 382 
TRP OXT HXT  sing N N 383 
TYR N   CA   sing N N 384 
TYR N   H    sing N N 385 
TYR N   H2   sing N N 386 
TYR CA  C    sing N N 387 
TYR CA  CB   sing N N 388 
TYR CA  HA   sing N N 389 
TYR C   O    doub N N 390 
TYR C   OXT  sing N N 391 
TYR CB  CG   sing N N 392 
TYR CB  HB2  sing N N 393 
TYR CB  HB3  sing N N 394 
TYR CG  CD1  doub Y N 395 
TYR CG  CD2  sing Y N 396 
TYR CD1 CE1  sing Y N 397 
TYR CD1 HD1  sing N N 398 
TYR CD2 CE2  doub Y N 399 
TYR CD2 HD2  sing N N 400 
TYR CE1 CZ   doub Y N 401 
TYR CE1 HE1  sing N N 402 
TYR CE2 CZ   sing Y N 403 
TYR CE2 HE2  sing N N 404 
TYR CZ  OH   sing N N 405 
TYR OH  HH   sing N N 406 
TYR OXT HXT  sing N N 407 
VAL N   CA   sing N N 408 
VAL N   H    sing N N 409 
VAL N   H2   sing N N 410 
VAL CA  C    sing N N 411 
VAL CA  CB   sing N N 412 
VAL CA  HA   sing N N 413 
VAL C   O    doub N N 414 
VAL C   OXT  sing N N 415 
VAL CB  CG1  sing N N 416 
VAL CB  CG2  sing N N 417 
VAL CB  HB   sing N N 418 
VAL CG1 HG11 sing N N 419 
VAL CG1 HG12 sing N N 420 
VAL CG1 HG13 sing N N 421 
VAL CG2 HG21 sing N N 422 
VAL CG2 HG22 sing N N 423 
VAL CG2 HG23 sing N N 424 
VAL OXT HXT  sing N N 425 
# 
loop_
_pdbx_entity_nonpoly.entity_id 
_pdbx_entity_nonpoly.name 
_pdbx_entity_nonpoly.comp_id 
3 'CHLORIDE ION' CL  
4 water          HOH 
# 
_pdbx_initial_refinement_model.id               1 
_pdbx_initial_refinement_model.entity_id_list   ? 
_pdbx_initial_refinement_model.type             'experimental model' 
_pdbx_initial_refinement_model.source_name      PDB 
_pdbx_initial_refinement_model.accession_code   3C7I 
_pdbx_initial_refinement_model.details          'PDB entry 3C7I' 
# 
